data_2VZG
# 
_entry.id   2VZG 
# 
_audit_conform.dict_name       mmcif_pdbx.dic 
_audit_conform.dict_version    5.382 
_audit_conform.dict_location   http://mmcif.pdb.org/dictionaries/ascii/mmcif_pdbx.dic 
# 
loop_
_database_2.database_id 
_database_2.database_code 
_database_2.pdbx_database_accession 
_database_2.pdbx_DOI 
PDB   2VZG         pdb_00002vzg 10.2210/pdb2vzg/pdb 
PDBE  EBI-37095    ?            ?                   
WWPDB D_1290037095 ?            ?                   
# 
loop_
_pdbx_database_related.db_name 
_pdbx_database_related.db_id 
_pdbx_database_related.content_type 
_pdbx_database_related.details 
PDB 2VZI unspecified 
'CRYSTAL STRUCTURE OF THE C-TERMINAL CALPONIN HOMOLOGY DOMAIN OF ALPHA-PARVIN IN COMPLEX WITH PAXILLIN LD4 MOTIF' 
PDB 2VZD unspecified 
'CRYSTAL STRUCTURE OF THE C-TERMINAL CALPONIN HOMOLOGY DOMAIN OF ALPHA PARVIN IN COMPLEX WITH PAXILLIN LD1 MOTIF' 
PDB 1KL0 unspecified 'THEORETICAL MODEL OF THE FAT DOMAIN OF FOCAL ADHESIONKINASE COMPLEXED WITH PAXILLIN LD2 MOTIF' 
PDB 2VZC unspecified 'CRYSTAL STRUCTURE OF THE C-TERMINAL CALPONIN HOMOLOGY DOMAIN OF ALPHA PARVIN' 
PDB 1KKY unspecified 'THEORETICAL MODEL OF THE FAT DOMAIN OF FOCAL ADHESIONKINASE COMPLEXED WITH PAXILLIN LD2 MOTIF' 
# 
_pdbx_database_status.status_code                     REL 
_pdbx_database_status.entry_id                        2VZG 
_pdbx_database_status.deposit_site                    PDBE 
_pdbx_database_status.process_site                    PDBE 
_pdbx_database_status.SG_entry                        . 
_pdbx_database_status.recvd_initial_deposition_date   2008-08-01 
_pdbx_database_status.pdb_format_compatible           Y 
_pdbx_database_status.status_code_sf                  REL 
_pdbx_database_status.status_code_mr                  ? 
_pdbx_database_status.status_code_cs                  ? 
_pdbx_database_status.methods_development_category    ? 
_pdbx_database_status.status_code_nmr_data            ? 
# 
loop_
_audit_author.name 
_audit_author.pdbx_ordinal 
_audit_author.identifier_ORCID 
'Lorenz, S.'      1 ? 
'Vakonakis, I.'   2 ? 
'Lowe, E.D.'      3 ? 
'Campbell, I.D.'  4 ? 
'Noble, M.E.M.'   5 ? 
'Hoellerer, M.K.' 6 ? 
# 
_citation.id                        primary 
_citation.title                     'Structural analysis of the interactions between paxillin LD motifs and alpha-parvin.' 
_citation.journal_abbrev            Structure 
_citation.journal_volume            16 
_citation.page_first                1521 
_citation.page_last                 1531 
_citation.year                      2008 
_citation.journal_id_ASTM           STRUE6 
_citation.country                   UK 
_citation.journal_id_ISSN           0969-2126 
_citation.journal_id_CSD            2005 
_citation.book_publisher            ? 
_citation.pdbx_database_id_PubMed   18940607 
_citation.pdbx_database_id_DOI      10.1016/j.str.2008.08.007 
# 
loop_
_citation_author.citation_id 
_citation_author.name 
_citation_author.ordinal 
_citation_author.identifier_ORCID 
primary 'Lorenz, S.'      1 ? 
primary 'Vakonakis, I.'   2 ? 
primary 'Lowe, E.D.'      3 ? 
primary 'Campbell, I.D.'  4 ? 
primary 'Noble, M.E.'     5 ? 
primary 'Hoellerer, M.K.' 6 ? 
# 
_cell.entry_id           2VZG 
_cell.length_a           74.008 
_cell.length_b           94.422 
_cell.length_c           41.841 
_cell.angle_alpha        90.00 
_cell.angle_beta         90.00 
_cell.angle_gamma        90.00 
_cell.Z_PDB              8 
_cell.pdbx_unique_axis   ? 
# 
_symmetry.entry_id                         2VZG 
_symmetry.space_group_name_H-M             'C 2 2 21' 
_symmetry.pdbx_full_space_group_name_H-M   ? 
_symmetry.cell_setting                     ? 
_symmetry.Int_Tables_number                20 
# 
loop_
_entity.id 
_entity.type 
_entity.src_method 
_entity.pdbx_description 
_entity.formula_weight 
_entity.pdbx_number_of_molecules 
_entity.pdbx_ec 
_entity.pdbx_mutation 
_entity.pdbx_fragment 
_entity.details 
1 polymer     man Paxillin               2287.571  1  ? ? 'PAXILLIN LD1 MOTIF, RESIDUES 141-160'                  ? 
2 polymer     man Alpha-parvin           15155.380 1  ? ? 'C-TERMINAL CALPONIN HOMOLOGY DOMAIN, RESIDUES 242-372' ? 
3 non-polymer syn 'TETRAETHYLENE GLYCOL' 194.226   1  ? ? ?                                                       ? 
4 non-polymer syn 'TRIETHYLENE GLYCOL'   150.173   1  ? ? ?                                                       ? 
5 non-polymer syn 1,2-ETHANEDIOL         62.068    5  ? ? ?                                                       ? 
6 water       nat water                  18.015    65 ? ? ?                                                       ? 
# 
_entity_name_com.entity_id   2 
_entity_name_com.name        
'Actopaxin,CH-ILKBP,Calponin-like integrin-linked kinase-binding protein,Matrix-remodeling-associated protein 2' 
# 
loop_
_entity_poly.entity_id 
_entity_poly.type 
_entity_poly.nstd_linkage 
_entity_poly.nstd_monomer 
_entity_poly.pdbx_seq_one_letter_code 
_entity_poly.pdbx_seq_one_letter_code_can 
_entity_poly.pdbx_strand_id 
_entity_poly.pdbx_target_identifier 
1 'polypeptide(L)' no no NLSELDRLLLELNAVQHNPP NLSELDRLLLELNAVQHNPP A ? 
2 'polypeptide(L)' no no 
;SGRHERDAFDTLFDHAPDKLNVVKKTLITFVNKHLNKLNLEVTELETQFADGVYLVLLMGLLEGYFVPLHSFFLTPDSFE
QKVLNVSFAFELMQDGGLEKPKPRPEDIVNCDLKSTLRVLYNLFTKYRNVE
;
;SGRHERDAFDTLFDHAPDKLNVVKKTLITFVNKHLNKLNLEVTELETQFADGVYLVLLMGLLEGYFVPLHSFFLTPDSFE
QKVLNVSFAFELMQDGGLEKPKPRPEDIVNCDLKSTLRVLYNLFTKYRNVE
;
B ? 
# 
loop_
_entity_poly_seq.entity_id 
_entity_poly_seq.num 
_entity_poly_seq.mon_id 
_entity_poly_seq.hetero 
1 1   ASN n 
1 2   LEU n 
1 3   SER n 
1 4   GLU n 
1 5   LEU n 
1 6   ASP n 
1 7   ARG n 
1 8   LEU n 
1 9   LEU n 
1 10  LEU n 
1 11  GLU n 
1 12  LEU n 
1 13  ASN n 
1 14  ALA n 
1 15  VAL n 
1 16  GLN n 
1 17  HIS n 
1 18  ASN n 
1 19  PRO n 
1 20  PRO n 
2 1   SER n 
2 2   GLY n 
2 3   ARG n 
2 4   HIS n 
2 5   GLU n 
2 6   ARG n 
2 7   ASP n 
2 8   ALA n 
2 9   PHE n 
2 10  ASP n 
2 11  THR n 
2 12  LEU n 
2 13  PHE n 
2 14  ASP n 
2 15  HIS n 
2 16  ALA n 
2 17  PRO n 
2 18  ASP n 
2 19  LYS n 
2 20  LEU n 
2 21  ASN n 
2 22  VAL n 
2 23  VAL n 
2 24  LYS n 
2 25  LYS n 
2 26  THR n 
2 27  LEU n 
2 28  ILE n 
2 29  THR n 
2 30  PHE n 
2 31  VAL n 
2 32  ASN n 
2 33  LYS n 
2 34  HIS n 
2 35  LEU n 
2 36  ASN n 
2 37  LYS n 
2 38  LEU n 
2 39  ASN n 
2 40  LEU n 
2 41  GLU n 
2 42  VAL n 
2 43  THR n 
2 44  GLU n 
2 45  LEU n 
2 46  GLU n 
2 47  THR n 
2 48  GLN n 
2 49  PHE n 
2 50  ALA n 
2 51  ASP n 
2 52  GLY n 
2 53  VAL n 
2 54  TYR n 
2 55  LEU n 
2 56  VAL n 
2 57  LEU n 
2 58  LEU n 
2 59  MET n 
2 60  GLY n 
2 61  LEU n 
2 62  LEU n 
2 63  GLU n 
2 64  GLY n 
2 65  TYR n 
2 66  PHE n 
2 67  VAL n 
2 68  PRO n 
2 69  LEU n 
2 70  HIS n 
2 71  SER n 
2 72  PHE n 
2 73  PHE n 
2 74  LEU n 
2 75  THR n 
2 76  PRO n 
2 77  ASP n 
2 78  SER n 
2 79  PHE n 
2 80  GLU n 
2 81  GLN n 
2 82  LYS n 
2 83  VAL n 
2 84  LEU n 
2 85  ASN n 
2 86  VAL n 
2 87  SER n 
2 88  PHE n 
2 89  ALA n 
2 90  PHE n 
2 91  GLU n 
2 92  LEU n 
2 93  MET n 
2 94  GLN n 
2 95  ASP n 
2 96  GLY n 
2 97  GLY n 
2 98  LEU n 
2 99  GLU n 
2 100 LYS n 
2 101 PRO n 
2 102 LYS n 
2 103 PRO n 
2 104 ARG n 
2 105 PRO n 
2 106 GLU n 
2 107 ASP n 
2 108 ILE n 
2 109 VAL n 
2 110 ASN n 
2 111 CYS n 
2 112 ASP n 
2 113 LEU n 
2 114 LYS n 
2 115 SER n 
2 116 THR n 
2 117 LEU n 
2 118 ARG n 
2 119 VAL n 
2 120 LEU n 
2 121 TYR n 
2 122 ASN n 
2 123 LEU n 
2 124 PHE n 
2 125 THR n 
2 126 LYS n 
2 127 TYR n 
2 128 ARG n 
2 129 ASN n 
2 130 VAL n 
2 131 GLU n 
# 
loop_
_entity_src_gen.entity_id 
_entity_src_gen.pdbx_src_id 
_entity_src_gen.pdbx_alt_source_flag 
_entity_src_gen.pdbx_seq_type 
_entity_src_gen.pdbx_beg_seq_num 
_entity_src_gen.pdbx_end_seq_num 
_entity_src_gen.gene_src_common_name 
_entity_src_gen.gene_src_genus 
_entity_src_gen.pdbx_gene_src_gene 
_entity_src_gen.gene_src_species 
_entity_src_gen.gene_src_strain 
_entity_src_gen.gene_src_tissue 
_entity_src_gen.gene_src_tissue_fraction 
_entity_src_gen.gene_src_details 
_entity_src_gen.pdbx_gene_src_fragment 
_entity_src_gen.pdbx_gene_src_scientific_name 
_entity_src_gen.pdbx_gene_src_ncbi_taxonomy_id 
_entity_src_gen.pdbx_gene_src_variant 
_entity_src_gen.pdbx_gene_src_cell_line 
_entity_src_gen.pdbx_gene_src_atcc 
_entity_src_gen.pdbx_gene_src_organ 
_entity_src_gen.pdbx_gene_src_organelle 
_entity_src_gen.pdbx_gene_src_cell 
_entity_src_gen.pdbx_gene_src_cellular_location 
_entity_src_gen.host_org_common_name 
_entity_src_gen.pdbx_host_org_scientific_name 
_entity_src_gen.pdbx_host_org_ncbi_taxonomy_id 
_entity_src_gen.host_org_genus 
_entity_src_gen.pdbx_host_org_gene 
_entity_src_gen.pdbx_host_org_organ 
_entity_src_gen.host_org_species 
_entity_src_gen.pdbx_host_org_tissue 
_entity_src_gen.pdbx_host_org_tissue_fraction 
_entity_src_gen.pdbx_host_org_strain 
_entity_src_gen.pdbx_host_org_variant 
_entity_src_gen.pdbx_host_org_cell_line 
_entity_src_gen.pdbx_host_org_atcc 
_entity_src_gen.pdbx_host_org_culture_collection 
_entity_src_gen.pdbx_host_org_cell 
_entity_src_gen.pdbx_host_org_organelle 
_entity_src_gen.pdbx_host_org_cellular_location 
_entity_src_gen.pdbx_host_org_vector_type 
_entity_src_gen.pdbx_host_org_vector 
_entity_src_gen.host_org_details 
_entity_src_gen.expression_system_id 
_entity_src_gen.plasmid_name 
_entity_src_gen.plasmid_details 
_entity_src_gen.pdbx_description 
1 1 sample 'Biological sequence' 1 20  Human ? PXN            ? ? ? ? ? ? 'Homo sapiens' 9606 ? ? ? ? ? ? ? ? 'ESCHERICHIA COLI' 
511693 ? ? ? ? ? ? BL21 ? ? ? ? ? ? ? ? ? ? ? PGEX-6P1 ? ? 
2 1 sample 'Biological sequence' 1 131 Human ? 'PARVA, MXRA2' ? ? ? ? ? ? 'Homo sapiens' 9606 ? ? ? ? ? ? ? ? 
'Escherichia coli BL21' 511693 ? ? ? ? ? ? ?    ? ? ? ? ? ? ? ? ? ? ? ?        ? ? 
# 
loop_
_struct_ref.id 
_struct_ref.db_name 
_struct_ref.db_code 
_struct_ref.pdbx_db_accession 
_struct_ref.pdbx_db_isoform 
_struct_ref.entity_id 
_struct_ref.pdbx_seq_one_letter_code 
_struct_ref.pdbx_align_begin 
1 UNP PAXI_HUMAN  P49023 P49023-4 1 NLSELDRLLLELNAVQHNPP 8   
2 UNP PARVA_HUMAN Q9NVD7 ?        2 
;SGRHERDAFDTLFDHAPDKLNVVKKTLITFVNKHLNKLNLEVTELETQFADGVYLVLLMGLLEGYFVPLHSFFLTPDSFE
QKVLNVSFAFELMQDGGLEKPKPRPEDIVNCDLKSTLRVLYNLFTKYRNVE
;
242 
# 
loop_
_struct_ref_seq.align_id 
_struct_ref_seq.ref_id 
_struct_ref_seq.pdbx_PDB_id_code 
_struct_ref_seq.pdbx_strand_id 
_struct_ref_seq.seq_align_beg 
_struct_ref_seq.pdbx_seq_align_beg_ins_code 
_struct_ref_seq.seq_align_end 
_struct_ref_seq.pdbx_seq_align_end_ins_code 
_struct_ref_seq.pdbx_db_accession 
_struct_ref_seq.db_align_beg 
_struct_ref_seq.pdbx_db_align_beg_ins_code 
_struct_ref_seq.db_align_end 
_struct_ref_seq.pdbx_db_align_end_ins_code 
_struct_ref_seq.pdbx_auth_seq_align_beg 
_struct_ref_seq.pdbx_auth_seq_align_end 
1 1 2VZG A 1 ? 20  ? P49023 8   ? 27  ? 1   20  
2 2 2VZG B 1 ? 131 ? Q9NVD7 242 ? 372 ? 242 372 
# 
loop_
_chem_comp.id 
_chem_comp.type 
_chem_comp.mon_nstd_flag 
_chem_comp.name 
_chem_comp.pdbx_synonyms 
_chem_comp.formula 
_chem_comp.formula_weight 
ALA 'L-peptide linking' y ALANINE                ?                 'C3 H7 N O2'     89.093  
ARG 'L-peptide linking' y ARGININE               ?                 'C6 H15 N4 O2 1' 175.209 
ASN 'L-peptide linking' y ASPARAGINE             ?                 'C4 H8 N2 O3'    132.118 
ASP 'L-peptide linking' y 'ASPARTIC ACID'        ?                 'C4 H7 N O4'     133.103 
CYS 'L-peptide linking' y CYSTEINE               ?                 'C3 H7 N O2 S'   121.158 
EDO non-polymer         . 1,2-ETHANEDIOL         'ETHYLENE GLYCOL' 'C2 H6 O2'       62.068  
GLN 'L-peptide linking' y GLUTAMINE              ?                 'C5 H10 N2 O3'   146.144 
GLU 'L-peptide linking' y 'GLUTAMIC ACID'        ?                 'C5 H9 N O4'     147.129 
GLY 'peptide linking'   y GLYCINE                ?                 'C2 H5 N O2'     75.067  
HIS 'L-peptide linking' y HISTIDINE              ?                 'C6 H10 N3 O2 1' 156.162 
HOH non-polymer         . WATER                  ?                 'H2 O'           18.015  
ILE 'L-peptide linking' y ISOLEUCINE             ?                 'C6 H13 N O2'    131.173 
LEU 'L-peptide linking' y LEUCINE                ?                 'C6 H13 N O2'    131.173 
LYS 'L-peptide linking' y LYSINE                 ?                 'C6 H15 N2 O2 1' 147.195 
MET 'L-peptide linking' y METHIONINE             ?                 'C5 H11 N O2 S'  149.211 
PG4 non-polymer         . 'TETRAETHYLENE GLYCOL' ?                 'C8 H18 O5'      194.226 
PGE non-polymer         . 'TRIETHYLENE GLYCOL'   ?                 'C6 H14 O4'      150.173 
PHE 'L-peptide linking' y PHENYLALANINE          ?                 'C9 H11 N O2'    165.189 
PRO 'L-peptide linking' y PROLINE                ?                 'C5 H9 N O2'     115.130 
SER 'L-peptide linking' y SERINE                 ?                 'C3 H7 N O3'     105.093 
THR 'L-peptide linking' y THREONINE              ?                 'C4 H9 N O3'     119.119 
TYR 'L-peptide linking' y TYROSINE               ?                 'C9 H11 N O3'    181.189 
VAL 'L-peptide linking' y VALINE                 ?                 'C5 H11 N O2'    117.146 
# 
_exptl.entry_id          2VZG 
_exptl.method            'X-RAY DIFFRACTION' 
_exptl.crystals_number   1 
# 
_exptl_crystal.id                    1 
_exptl_crystal.density_meas          ? 
_exptl_crystal.density_Matthews      2.2 
_exptl_crystal.density_percent_sol   43 
_exptl_crystal.description           NONE 
_exptl_crystal.preparation           ? 
# 
_exptl_crystal_grow.crystal_id      1 
_exptl_crystal_grow.method          'VAPOR DIFFUSION, SITTING DROP' 
_exptl_crystal_grow.temp            286 
_exptl_crystal_grow.temp_details    ? 
_exptl_crystal_grow.pH              4.5 
_exptl_crystal_grow.pdbx_pH_range   ? 
_exptl_crystal_grow.pdbx_details    '40% (W/V) PEG200, 0.1 M CITRATE PH 4.5' 
# 
_diffrn.id                               1 
_diffrn.ambient_temp                     100 
_diffrn.ambient_temp_details             ? 
_diffrn.crystal_id                       1 
_diffrn.pdbx_serial_crystal_experiment   ? 
# 
_diffrn_detector.diffrn_id              1 
_diffrn_detector.detector               CCD 
_diffrn_detector.type                   'ADSC CCD' 
_diffrn_detector.pdbx_collection_date   2007-08-02 
_diffrn_detector.details                MIRRORS 
# 
_diffrn_radiation.diffrn_id                        1 
_diffrn_radiation.wavelength_id                    1 
_diffrn_radiation.pdbx_monochromatic_or_laue_m_l   M 
_diffrn_radiation.monochromator                    DCM 
_diffrn_radiation.pdbx_diffrn_protocol             'SINGLE WAVELENGTH' 
_diffrn_radiation.pdbx_scattering_type             x-ray 
# 
_diffrn_radiation_wavelength.id           1 
_diffrn_radiation_wavelength.wavelength   0.968 
_diffrn_radiation_wavelength.wt           1.0 
# 
_diffrn_source.diffrn_id                   1 
_diffrn_source.source                      SYNCHROTRON 
_diffrn_source.type                        'DIAMOND BEAMLINE I04' 
_diffrn_source.pdbx_synchrotron_site       Diamond 
_diffrn_source.pdbx_synchrotron_beamline   I04 
_diffrn_source.pdbx_wavelength             0.968 
_diffrn_source.pdbx_wavelength_list        ? 
# 
_reflns.pdbx_diffrn_id               1 
_reflns.pdbx_ordinal                 1 
_reflns.entry_id                     2VZG 
_reflns.observed_criterion_sigma_I   2.0 
_reflns.observed_criterion_sigma_F   ? 
_reflns.d_resolution_low             27.71 
_reflns.d_resolution_high            1.80 
_reflns.number_obs                   13920 
_reflns.number_all                   ? 
_reflns.percent_possible_obs         99.6 
_reflns.pdbx_Rmerge_I_obs            0.07 
_reflns.pdbx_Rsym_value              ? 
_reflns.pdbx_netI_over_sigmaI        13.20 
_reflns.B_iso_Wilson_estimate        ? 
_reflns.pdbx_redundancy              3.4 
_reflns.pdbx_CC_half                 ? 
_reflns.pdbx_Rpim_I_all              ? 
_reflns.pdbx_Rrim_I_all              ? 
# 
_reflns_shell.pdbx_diffrn_id         1 
_reflns_shell.pdbx_ordinal           1 
_reflns_shell.d_res_high             1.80 
_reflns_shell.d_res_low              1.90 
_reflns_shell.percent_possible_all   100.0 
_reflns_shell.Rmerge_I_obs           0.35 
_reflns_shell.pdbx_Rsym_value        ? 
_reflns_shell.meanI_over_sigI_obs    3.20 
_reflns_shell.pdbx_redundancy        3.5 
_reflns_shell.number_measured_obs    ? 
_reflns_shell.number_unique_all      ? 
_reflns_shell.number_unique_obs      ? 
_reflns_shell.pdbx_CC_half           ? 
_reflns_shell.pdbx_Rpim_I_all        ? 
_reflns_shell.pdbx_Rrim_I_all        ? 
# 
_refine.pdbx_refine_id                           'X-RAY DIFFRACTION' 
_refine.entry_id                                 2VZG 
_refine.pdbx_diffrn_id                           1 
_refine.pdbx_TLS_residual_ADP_flag               'LIKELY RESIDUAL' 
_refine.ls_number_reflns_obs                     13218 
_refine.ls_number_reflns_all                     ? 
_refine.pdbx_ls_sigma_I                          ? 
_refine.pdbx_ls_sigma_F                          ? 
_refine.pdbx_data_cutoff_high_absF               ? 
_refine.pdbx_data_cutoff_low_absF                ? 
_refine.pdbx_data_cutoff_high_rms_absF           ? 
_refine.ls_d_res_low                             58.22 
_refine.ls_d_res_high                            1.80 
_refine.ls_percent_reflns_obs                    99.4 
_refine.ls_R_factor_obs                          0.187 
_refine.ls_R_factor_all                          ? 
_refine.ls_R_factor_R_work                       0.186 
_refine.ls_R_factor_R_free                       0.221 
_refine.ls_R_factor_R_free_error                 ? 
_refine.ls_R_factor_R_free_error_details         ? 
_refine.ls_percent_reflns_R_free                 5.000 
_refine.ls_number_reflns_R_free                  690 
_refine.ls_number_parameters                     ? 
_refine.ls_number_restraints                     ? 
_refine.occupancy_min                            ? 
_refine.occupancy_max                            ? 
_refine.correlation_coeff_Fo_to_Fc               0.953 
_refine.correlation_coeff_Fo_to_Fc_free          0.937 
_refine.B_iso_mean                               25.44 
_refine.aniso_B[1][1]                            1.11000 
_refine.aniso_B[2][2]                            -0.84000 
_refine.aniso_B[3][3]                            -0.28000 
_refine.aniso_B[1][2]                            0.00000 
_refine.aniso_B[1][3]                            0.00000 
_refine.aniso_B[2][3]                            0.00000 
_refine.solvent_model_details                    MASK 
_refine.solvent_model_param_ksol                 ? 
_refine.solvent_model_param_bsol                 ? 
_refine.pdbx_solvent_vdw_probe_radii             1.40 
_refine.pdbx_solvent_ion_probe_radii             0.80 
_refine.pdbx_solvent_shrinkage_radii             0.80 
_refine.pdbx_ls_cross_valid_method               THROUGHOUT 
_refine.details                                  'HYDROGENS HAVE BEEN ADDED IN THE RIDING POSITIONS.' 
_refine.pdbx_starting_model                      'PDB ENTRY 2VZC' 
_refine.pdbx_method_to_determine_struct          'MOLECULAR REPLACEMENT' 
_refine.pdbx_isotropic_thermal_model             ? 
_refine.pdbx_stereochemistry_target_values       'MAXIMUM LIKELIHOOD' 
_refine.pdbx_stereochem_target_val_spec_case     ? 
_refine.pdbx_R_Free_selection_details            RANDOM 
_refine.pdbx_overall_ESU_R                       0.153 
_refine.pdbx_overall_ESU_R_Free                  0.136 
_refine.overall_SU_ML                            0.097 
_refine.pdbx_overall_phase_error                 ? 
_refine.overall_SU_B                             6.158 
_refine.overall_SU_R_Cruickshank_DPI             ? 
_refine.pdbx_overall_SU_R_free_Cruickshank_DPI   ? 
_refine.pdbx_overall_SU_R_Blow_DPI               ? 
_refine.pdbx_overall_SU_R_free_Blow_DPI          ? 
# 
_refine_hist.pdbx_refine_id                   'X-RAY DIFFRACTION' 
_refine_hist.cycle_id                         LAST 
_refine_hist.pdbx_number_atoms_protein        1149 
_refine_hist.pdbx_number_atoms_nucleic_acid   0 
_refine_hist.pdbx_number_atoms_ligand         43 
_refine_hist.number_atoms_solvent             65 
_refine_hist.number_atoms_total               1257 
_refine_hist.d_res_high                       1.80 
_refine_hist.d_res_low                        58.22 
# 
loop_
_refine_ls_restr.type 
_refine_ls_restr.dev_ideal 
_refine_ls_restr.dev_ideal_target 
_refine_ls_restr.weight 
_refine_ls_restr.number 
_refine_ls_restr.pdbx_refine_id 
_refine_ls_restr.pdbx_restraint_function 
r_bond_refined_d             0.010  0.022  ? 1456 'X-RAY DIFFRACTION' ? 
r_bond_other_d               ?      ?      ? ?    'X-RAY DIFFRACTION' ? 
r_angle_refined_deg          1.225  2.023  ? 1983 'X-RAY DIFFRACTION' ? 
r_angle_other_deg            ?      ?      ? ?    'X-RAY DIFFRACTION' ? 
r_dihedral_angle_1_deg       4.401  5.000  ? 188  'X-RAY DIFFRACTION' ? 
r_dihedral_angle_2_deg       33.433 25.231 ? 65   'X-RAY DIFFRACTION' ? 
r_dihedral_angle_3_deg       12.536 15.000 ? 278  'X-RAY DIFFRACTION' ? 
r_dihedral_angle_4_deg       24.915 15.000 ? 6    'X-RAY DIFFRACTION' ? 
r_chiral_restr               0.086  0.200  ? 225  'X-RAY DIFFRACTION' ? 
r_gen_planes_refined         0.005  0.020  ? 1103 'X-RAY DIFFRACTION' ? 
r_gen_planes_other           ?      ?      ? ?    'X-RAY DIFFRACTION' ? 
r_nbd_refined                0.214  0.200  ? 691  'X-RAY DIFFRACTION' ? 
r_nbd_other                  ?      ?      ? ?    'X-RAY DIFFRACTION' ? 
r_nbtor_refined              0.301  0.200  ? 1017 'X-RAY DIFFRACTION' ? 
r_nbtor_other                ?      ?      ? ?    'X-RAY DIFFRACTION' ? 
r_xyhbond_nbd_refined        0.181  0.200  ? 69   'X-RAY DIFFRACTION' ? 
r_xyhbond_nbd_other          ?      ?      ? ?    'X-RAY DIFFRACTION' ? 
r_metal_ion_refined          ?      ?      ? ?    'X-RAY DIFFRACTION' ? 
r_metal_ion_other            ?      ?      ? ?    'X-RAY DIFFRACTION' ? 
r_symmetry_vdw_refined       0.239  0.200  ? 83   'X-RAY DIFFRACTION' ? 
r_symmetry_vdw_other         ?      ?      ? ?    'X-RAY DIFFRACTION' ? 
r_symmetry_hbond_refined     0.142  0.200  ? 21   'X-RAY DIFFRACTION' ? 
r_symmetry_hbond_other       ?      ?      ? ?    'X-RAY DIFFRACTION' ? 
r_symmetry_metal_ion_refined ?      ?      ? ?    'X-RAY DIFFRACTION' ? 
r_symmetry_metal_ion_other   ?      ?      ? ?    'X-RAY DIFFRACTION' ? 
r_mcbond_it                  0.557  1.500  ? 886  'X-RAY DIFFRACTION' ? 
r_mcbond_other               ?      ?      ? ?    'X-RAY DIFFRACTION' ? 
r_mcangle_it                 0.930  2.000  ? 1423 'X-RAY DIFFRACTION' ? 
r_mcangle_other              ?      ?      ? ?    'X-RAY DIFFRACTION' ? 
r_scbond_it                  1.560  3.000  ? 625  'X-RAY DIFFRACTION' ? 
r_scbond_other               ?      ?      ? ?    'X-RAY DIFFRACTION' ? 
r_scangle_it                 2.222  4.500  ? 554  'X-RAY DIFFRACTION' ? 
r_scangle_other              ?      ?      ? ?    'X-RAY DIFFRACTION' ? 
r_long_range_B_refined       ?      ?      ? ?    'X-RAY DIFFRACTION' ? 
r_long_range_B_other         ?      ?      ? ?    'X-RAY DIFFRACTION' ? 
r_rigid_bond_restr           ?      ?      ? ?    'X-RAY DIFFRACTION' ? 
r_sphericity_free            ?      ?      ? ?    'X-RAY DIFFRACTION' ? 
r_sphericity_bonded          ?      ?      ? ?    'X-RAY DIFFRACTION' ? 
# 
_refine_ls_shell.pdbx_refine_id                   'X-RAY DIFFRACTION' 
_refine_ls_shell.pdbx_total_number_of_bins_used   20 
_refine_ls_shell.d_res_high                       1.80 
_refine_ls_shell.d_res_low                        1.85 
_refine_ls_shell.number_reflns_R_work             965 
_refine_ls_shell.R_factor_R_work                  0.2550 
_refine_ls_shell.percent_reflns_obs               ? 
_refine_ls_shell.R_factor_R_free                  0.3470 
_refine_ls_shell.R_factor_R_free_error            ? 
_refine_ls_shell.percent_reflns_R_free            ? 
_refine_ls_shell.number_reflns_R_free             53 
_refine_ls_shell.number_reflns_all                ? 
_refine_ls_shell.R_factor_all                     ? 
_refine_ls_shell.R_factor_obs                     ? 
_refine_ls_shell.number_reflns_obs                ? 
# 
_struct.entry_id                  2VZG 
_struct.title                     
'Crystal structure of the C-terminal calponin homology domain of alpha- parvin in complex with paxillin LD2 motif' 
_struct.pdbx_model_details        ? 
_struct.pdbx_CASP_flag            ? 
_struct.pdbx_model_type_details   ? 
# 
_struct_keywords.entry_id        2VZG 
_struct_keywords.pdbx_keywords   'CELL ADHESION' 
_struct_keywords.text            
;CALPONIN HOMOLOGY DOMAIN, CELL MEMBRANE, CELL ADHESION, METAL-BINDING, CYTOSKELETON, CELL JUNCTION, ACTIN-BINDING, MEMBRANE, LD2 MOTIF, LIM DOMAIN, PHOSPHOPROTEIN
;
# 
loop_
_struct_asym.id 
_struct_asym.pdbx_blank_PDB_chainid_flag 
_struct_asym.pdbx_modified 
_struct_asym.entity_id 
_struct_asym.details 
A N N 1 ? 
B N N 2 ? 
C N N 3 ? 
D N N 4 ? 
E N N 5 ? 
F N N 5 ? 
G N N 5 ? 
H N N 5 ? 
I N N 5 ? 
J N N 6 ? 
K N N 6 ? 
# 
loop_
_struct_conf.conf_type_id 
_struct_conf.id 
_struct_conf.pdbx_PDB_helix_id 
_struct_conf.beg_label_comp_id 
_struct_conf.beg_label_asym_id 
_struct_conf.beg_label_seq_id 
_struct_conf.pdbx_beg_PDB_ins_code 
_struct_conf.end_label_comp_id 
_struct_conf.end_label_asym_id 
_struct_conf.end_label_seq_id 
_struct_conf.pdbx_end_PDB_ins_code 
_struct_conf.beg_auth_comp_id 
_struct_conf.beg_auth_asym_id 
_struct_conf.beg_auth_seq_id 
_struct_conf.end_auth_comp_id 
_struct_conf.end_auth_asym_id 
_struct_conf.end_auth_seq_id 
_struct_conf.pdbx_PDB_helix_class 
_struct_conf.details 
_struct_conf.pdbx_PDB_helix_length 
HELX_P HELX_P1 1 SER A 3   ? VAL A 15  ? SER A 3   VAL A 15  1 ? 13 
HELX_P HELX_P2 2 ASP B 7   ? ALA B 16  ? ASP B 248 ALA B 257 1 ? 10 
HELX_P HELX_P3 3 LYS B 19  ? ASN B 36  ? LYS B 260 ASN B 277 1 ? 18 
HELX_P HELX_P4 4 LYS B 37  ? ASN B 39  ? LYS B 278 ASN B 280 5 ? 3  
HELX_P HELX_P5 5 GLY B 52  ? GLY B 64  ? GLY B 293 GLY B 305 1 ? 13 
HELX_P HELX_P6 6 PRO B 68  ? PHE B 72  ? PRO B 309 PHE B 313 5 ? 5  
HELX_P HELX_P7 7 SER B 78  ? GLY B 96  ? SER B 319 GLY B 337 1 ? 19 
HELX_P HELX_P8 8 ARG B 104 ? ASN B 110 ? ARG B 345 ASN B 351 1 ? 7  
HELX_P HELX_P9 9 ASP B 112 ? ARG B 128 ? ASP B 353 ARG B 369 1 ? 17 
# 
_struct_conf_type.id          HELX_P 
_struct_conf_type.criteria    ? 
_struct_conf_type.reference   ? 
# 
loop_
_struct_site.id 
_struct_site.pdbx_evidence_code 
_struct_site.pdbx_auth_asym_id 
_struct_site.pdbx_auth_comp_id 
_struct_site.pdbx_auth_seq_id 
_struct_site.pdbx_auth_ins_code 
_struct_site.pdbx_num_residues 
_struct_site.details 
AC1 Software B PG4 1373 ? 6 'BINDING SITE FOR RESIDUE PG4 B 1373' 
AC2 Software B PGE 1374 ? 2 'BINDING SITE FOR RESIDUE PGE B 1374' 
AC3 Software B EDO 1375 ? 2 'BINDING SITE FOR RESIDUE EDO B 1375' 
AC4 Software B EDO 1376 ? 2 'BINDING SITE FOR RESIDUE EDO B 1376' 
AC5 Software B EDO 1377 ? 7 'BINDING SITE FOR RESIDUE EDO B 1377' 
AC6 Software B EDO 1378 ? 2 'BINDING SITE FOR RESIDUE EDO B 1378' 
AC7 Software B EDO 1379 ? 3 'BINDING SITE FOR RESIDUE EDO B 1379' 
# 
loop_
_struct_site_gen.id 
_struct_site_gen.site_id 
_struct_site_gen.pdbx_num_res 
_struct_site_gen.label_comp_id 
_struct_site_gen.label_asym_id 
_struct_site_gen.label_seq_id 
_struct_site_gen.pdbx_auth_ins_code 
_struct_site_gen.auth_comp_id 
_struct_site_gen.auth_asym_id 
_struct_site_gen.auth_seq_id 
_struct_site_gen.label_atom_id 
_struct_site_gen.label_alt_id 
_struct_site_gen.symmetry 
_struct_site_gen.details 
1  AC1 6 ASN B 21  ? ASN B 262  . ? 1_555 ? 
2  AC1 6 LYS B 24  ? LYS B 265  . ? 1_555 ? 
3  AC1 6 ALA B 50  ? ALA B 291  . ? 4_555 ? 
4  AC1 6 ASP B 77  ? ASP B 318  . ? 4_555 ? 
5  AC1 6 LYS B 82  ? LYS B 323  . ? 4_555 ? 
6  AC1 6 VAL B 109 ? VAL B 350  . ? 4_555 ? 
7  AC2 2 TYR B 65  ? TYR B 306  . ? 1_555 ? 
8  AC2 2 TYR B 121 ? TYR B 362  . ? 6_444 ? 
9  AC3 2 ASP B 51  ? ASP B 292  . ? 1_555 ? 
10 AC3 2 HOH K .   ? HOH B 2056 . ? 1_555 ? 
11 AC4 2 ASN B 39  ? ASN B 280  . ? 1_555 ? 
12 AC4 2 HOH K .   ? HOH B 2057 . ? 1_555 ? 
13 AC5 7 LEU B 20  ? LEU B 261  . ? 4_555 ? 
14 AC5 7 LYS B 24  ? LYS B 265  . ? 4_555 ? 
15 AC5 7 GLU B 46  ? GLU B 287  . ? 4_555 ? 
16 AC5 7 ASN B 110 ? ASN B 351  . ? 1_555 ? 
17 AC5 7 CYS B 111 ? CYS B 352  . ? 1_555 ? 
18 AC5 7 LEU B 113 ? LEU B 354  . ? 4_555 ? 
19 AC5 7 HOH K .   ? HOH B 2036 . ? 1_555 ? 
20 AC6 2 LEU B 84  ? LEU B 325  . ? 6_445 ? 
21 AC6 2 GLU B 91  ? GLU B 332  . ? 6_445 ? 
22 AC7 3 LEU B 57  ? LEU B 298  . ? 1_555 ? 
23 AC7 3 VAL B 67  ? VAL B 308  . ? 1_555 ? 
24 AC7 3 HOH K .   ? HOH B 2021 . ? 1_555 ? 
# 
_atom_sites.entry_id                    2VZG 
_atom_sites.fract_transf_matrix[1][1]   -0.00639555 
_atom_sites.fract_transf_matrix[1][2]   0.00732537 
_atom_sites.fract_transf_matrix[1][3]   0.00938136 
_atom_sites.fract_transf_matrix[2][1]   -0.00600342 
_atom_sites.fract_transf_matrix[2][2]   0.00440444 
_atom_sites.fract_transf_matrix[2][3]   -0.00753188 
_atom_sites.fract_transf_matrix[3][1]   -0.01611532 
_atom_sites.fract_transf_matrix[3][2]   -0.01745096 
_atom_sites.fract_transf_matrix[3][3]   0.00264017 
_atom_sites.fract_transf_vector[1]      -0.180351 
_atom_sites.fract_transf_vector[2]      -0.143457 
_atom_sites.fract_transf_vector[3]      0.031257 
# 
loop_
_atom_type.symbol 
C 
N 
O 
S 
# 
loop_
_atom_site.group_PDB 
_atom_site.id 
_atom_site.type_symbol 
_atom_site.label_atom_id 
_atom_site.label_alt_id 
_atom_site.label_comp_id 
_atom_site.label_asym_id 
_atom_site.label_entity_id 
_atom_site.label_seq_id 
_atom_site.pdbx_PDB_ins_code 
_atom_site.Cartn_x 
_atom_site.Cartn_y 
_atom_site.Cartn_z 
_atom_site.occupancy 
_atom_site.B_iso_or_equiv 
_atom_site.pdbx_formal_charge 
_atom_site.auth_seq_id 
_atom_site.auth_comp_id 
_atom_site.auth_asym_id 
_atom_site.auth_atom_id 
_atom_site.pdbx_PDB_model_num 
ATOM   1    N N   . ASN A 1 1   ? -10.115 -12.577 12.076  1.00  38.60 ? 1    ASN A N   1 
ATOM   2    C CA  . ASN A 1 1   ? -10.556 -12.068 10.753  1.00  38.49 ? 1    ASN A CA  1 
ATOM   3    C C   . ASN A 1 1   ? -10.296 -13.062 9.622   1.00  37.95 ? 1    ASN A C   1 
ATOM   4    O O   . ASN A 1 1   ? -9.159  -13.496 9.407   1.00  38.30 ? 1    ASN A O   1 
ATOM   5    C CB  . ASN A 1 1   ? -9.856  -10.745 10.426  1.00  39.00 ? 1    ASN A CB  1 
ATOM   6    C CG  . ASN A 1 1   ? -10.179 -9.637  11.425  1.00  40.19 ? 1    ASN A CG  1 
ATOM   7    O OD1 . ASN A 1 1   ? -10.244 -9.868  12.637  1.00  42.13 ? 1    ASN A OD1 1 
ATOM   8    N ND2 . ASN A 1 1   ? -10.361 -8.421  10.916  1.00  41.04 ? 1    ASN A ND2 1 
ATOM   9    N N   . LEU A 1 2   ? -11.365 -13.421 8.916   1.00  36.84 ? 2    LEU A N   1 
ATOM   10   C CA  . LEU A 1 2   ? -11.282 -14.140 7.643   1.00  35.48 ? 2    LEU A CA  1 
ATOM   11   C C   . LEU A 1 2   ? -11.484 -13.161 6.501   1.00  34.05 ? 2    LEU A C   1 
ATOM   12   O O   . LEU A 1 2   ? -12.114 -12.112 6.679   1.00  33.90 ? 2    LEU A O   1 
ATOM   13   C CB  . LEU A 1 2   ? -12.348 -15.229 7.569   1.00  35.63 ? 2    LEU A CB  1 
ATOM   14   C CG  . LEU A 1 2   ? -11.899 -16.689 7.589   1.00  36.68 ? 2    LEU A CG  1 
ATOM   15   C CD1 . LEU A 1 2   ? -11.092 -17.036 8.831   1.00  37.42 ? 2    LEU A CD1 1 
ATOM   16   C CD2 . LEU A 1 2   ? -13.120 -17.580 7.472   1.00  37.59 ? 2    LEU A CD2 1 
ATOM   17   N N   . SER A 1 3   ? -10.950 -13.494 5.328   1.00  32.33 ? 3    SER A N   1 
ATOM   18   C CA  . SER A 1 3   ? -11.060 -12.600 4.185   1.00  30.30 ? 3    SER A CA  1 
ATOM   19   C C   . SER A 1 3   ? -11.374 -13.330 2.874   1.00  28.84 ? 3    SER A C   1 
ATOM   20   O O   . SER A 1 3   ? -10.654 -14.247 2.471   1.00  28.20 ? 3    SER A O   1 
ATOM   21   C CB  . SER A 1 3   ? -9.778  -11.774 4.049   1.00  30.75 ? 3    SER A CB  1 
ATOM   22   O OG  . SER A 1 3   ? -9.967  -10.734 3.114   1.00  31.19 ? 3    SER A OG  1 
ATOM   23   N N   . GLU A 1 4   ? -12.445 -12.914 2.202   1.00  27.06 ? 4    GLU A N   1 
ATOM   24   C CA  . GLU A 1 4   ? -12.750 -13.467 0.889   1.00  25.74 ? 4    GLU A CA  1 
ATOM   25   C C   . GLU A 1 4   ? -11.691 -13.047 -0.135  1.00  24.60 ? 4    GLU A C   1 
ATOM   26   O O   . GLU A 1 4   ? -11.563 -13.673 -1.181  1.00  23.93 ? 4    GLU A O   1 
ATOM   27   C CB  . GLU A 1 4   ? -14.172 -13.116 0.427   1.00  26.25 ? 4    GLU A CB  1 
ATOM   28   C CG  . GLU A 1 4   ? -14.428 -11.647 0.171   1.00  26.92 ? 4    GLU A CG  1 
ATOM   29   C CD  . GLU A 1 4   ? -15.916 -11.317 0.027   1.00  27.08 ? 4    GLU A CD  1 
ATOM   30   O OE1 . GLU A 1 4   ? -16.578 -11.774 -0.935  1.00  27.68 ? 4    GLU A OE1 1 
ATOM   31   O OE2 . GLU A 1 4   ? -16.414 -10.570 0.878   1.00  29.88 ? 4    GLU A OE2 1 
ATOM   32   N N   . LEU A 1 5   ? -10.916 -12.009 0.186   1.00  23.20 ? 5    LEU A N   1 
ATOM   33   C CA  . LEU A 1 5   ? -9.831  -11.558 -0.705  1.00  23.15 ? 5    LEU A CA  1 
ATOM   34   C C   . LEU A 1 5   ? -8.857  -12.673 -1.047  1.00  23.76 ? 5    LEU A C   1 
ATOM   35   O O   . LEU A 1 5   ? -8.416  -12.781 -2.200  1.00  24.60 ? 5    LEU A O   1 
ATOM   36   C CB  . LEU A 1 5   ? -9.075  -10.353 -0.121  1.00  22.78 ? 5    LEU A CB  1 
ATOM   37   C CG  . LEU A 1 5   ? -7.911  -9.779  -0.957  1.00  22.52 ? 5    LEU A CG  1 
ATOM   38   C CD1 . LEU A 1 5   ? -8.347  -9.370  -2.361  1.00  21.32 ? 5    LEU A CD1 1 
ATOM   39   C CD2 . LEU A 1 5   ? -7.290  -8.593  -0.238  1.00  22.10 ? 5    LEU A CD2 1 
ATOM   40   N N   . ASP A 1 6   ? -8.497  -13.474 -0.041  1.00  24.41 ? 6    ASP A N   1 
ATOM   41   C CA  . ASP A 1 6   ? -7.528  -14.568 -0.210  1.00  24.76 ? 6    ASP A CA  1 
ATOM   42   C C   . ASP A 1 6   ? -7.998  -15.617 -1.226  1.00  24.74 ? 6    ASP A C   1 
ATOM   43   O O   . ASP A 1 6   ? -7.247  -15.993 -2.132  1.00  24.95 ? 6    ASP A O   1 
ATOM   44   C CB  . ASP A 1 6   ? -7.230  -15.238 1.137   1.00  24.43 ? 6    ASP A CB  1 
ATOM   45   C CG  . ASP A 1 6   ? -6.609  -14.287 2.145   1.00  25.35 ? 6    ASP A CG  1 
ATOM   46   O OD1 . ASP A 1 6   ? -5.612  -13.608 1.809   1.00  25.95 ? 6    ASP A OD1 1 
ATOM   47   O OD2 . ASP A 1 6   ? -7.109  -14.242 3.289   1.00  25.09 ? 6    ASP A OD2 1 
ATOM   48   N N   . ARG A 1 7   ? -9.238  -16.082 -1.072  1.00  24.32 ? 7    ARG A N   1 
ATOM   49   C CA  . ARG A 1 7   ? -9.845  -17.010 -2.028  1.00  24.02 ? 7    ARG A CA  1 
ATOM   50   C C   . ARG A 1 7   ? -9.964  -16.406 -3.437  1.00  23.57 ? 7    ARG A C   1 
ATOM   51   O O   . ARG A 1 7   ? -9.735  -17.098 -4.424  1.00  23.33 ? 7    ARG A O   1 
ATOM   52   C CB  . ARG A 1 7   ? -11.210 -17.479 -1.523  1.00  24.40 ? 7    ARG A CB  1 
ATOM   53   C CG  . ARG A 1 7   ? -11.871 -18.561 -2.379  1.00  25.52 ? 7    ARG A CG  1 
ATOM   54   C CD  . ARG A 1 7   ? -10.991 -19.790 -2.533  1.00  28.89 ? 7    ARG A CD  1 
ATOM   55   N NE  . ARG A 1 7   ? -11.535 -20.724 -3.518  1.00  31.81 ? 7    ARG A NE  1 
ATOM   56   C CZ  . ARG A 1 7   ? -12.414 -21.686 -3.246  1.00  33.41 ? 7    ARG A CZ  1 
ATOM   57   N NH1 . ARG A 1 7   ? -12.843 -22.486 -4.216  1.00  34.34 ? 7    ARG A NH1 1 
ATOM   58   N NH2 . ARG A 1 7   ? -12.869 -21.857 -2.009  1.00  34.85 ? 7    ARG A NH2 1 
ATOM   59   N N   . LEU A 1 8   ? -10.302 -15.120 -3.515  1.00  23.27 ? 8    LEU A N   1 
ATOM   60   C CA  . LEU A 1 8   ? -10.413 -14.415 -4.802  1.00  23.13 ? 8    LEU A CA  1 
ATOM   61   C C   . LEU A 1 8   ? -9.080  -14.440 -5.558  1.00  23.70 ? 8    LEU A C   1 
ATOM   62   O O   . LEU A 1 8   ? -9.044  -14.770 -6.747  1.00  24.00 ? 8    LEU A O   1 
ATOM   63   C CB  . LEU A 1 8   ? -10.889 -12.970 -4.593  1.00  22.86 ? 8    LEU A CB  1 
ATOM   64   C CG  . LEU A 1 8   ? -10.962 -12.091 -5.842  1.00  21.99 ? 8    LEU A CG  1 
ATOM   65   C CD1 . LEU A 1 8   ? -12.074 -12.576 -6.790  1.00  24.01 ? 8    LEU A CD1 1 
ATOM   66   C CD2 . LEU A 1 8   ? -11.166 -10.626 -5.460  1.00  22.78 ? 8    LEU A CD2 1 
ATOM   67   N N   . LEU A 1 9   ? -7.988  -14.123 -4.865  1.00  23.90 ? 9    LEU A N   1 
ATOM   68   C CA  . LEU A 1 9   ? -6.672  -14.095 -5.506  1.00  24.34 ? 9    LEU A CA  1 
ATOM   69   C C   . LEU A 1 9   ? -6.189  -15.485 -5.914  1.00  24.48 ? 9    LEU A C   1 
ATOM   70   O O   . LEU A 1 9   ? -5.551  -15.643 -6.959  1.00  24.86 ? 9    LEU A O   1 
ATOM   71   C CB  . LEU A 1 9   ? -5.646  -13.351 -4.650  1.00  24.35 ? 9    LEU A CB  1 
ATOM   72   C CG  . LEU A 1 9   ? -6.012  -11.863 -4.540  1.00  24.17 ? 9    LEU A CG  1 
ATOM   73   C CD1 . LEU A 1 9   ? -5.087  -11.164 -3.571  1.00  24.24 ? 9    LEU A CD1 1 
ATOM   74   C CD2 . LEU A 1 9   ? -5.983  -11.151 -5.896  1.00  23.84 ? 9    LEU A CD2 1 
ATOM   75   N N   . LEU A 1 10  ? -6.510  -16.482 -5.089  1.00  24.91 ? 10   LEU A N   1 
ATOM   76   C CA  . LEU A 1 10  ? -6.225  -17.887 -5.392  1.00  24.92 ? 10   LEU A CA  1 
ATOM   77   C C   . LEU A 1 10  ? -6.909  -18.323 -6.680  1.00  25.06 ? 10   LEU A C   1 
ATOM   78   O O   . LEU A 1 10  ? -6.289  -18.965 -7.539  1.00  25.00 ? 10   LEU A O   1 
ATOM   79   C CB  . LEU A 1 10  ? -6.699  -18.789 -4.245  1.00  25.03 ? 10   LEU A CB  1 
ATOM   80   C CG  . LEU A 1 10  ? -5.774  -19.047 -3.065  1.00  25.70 ? 10   LEU A CG  1 
ATOM   81   C CD1 . LEU A 1 10  ? -6.539  -19.738 -1.929  1.00  26.69 ? 10   LEU A CD1 1 
ATOM   82   C CD2 . LEU A 1 10  ? -4.610  -19.902 -3.514  1.00  26.64 ? 10   LEU A CD2 1 
ATOM   83   N N   . GLU A 1 11  ? -8.194  -17.996 -6.789  1.00  24.73 ? 11   GLU A N   1 
ATOM   84   C CA  . GLU A 1 11  ? -8.994  -18.318 -7.969  1.00  25.31 ? 11   GLU A CA  1 
ATOM   85   C C   . GLU A 1 11  ? -8.483  -17.608 -9.228  1.00  25.06 ? 11   GLU A C   1 
ATOM   86   O O   . GLU A 1 11  ? -8.435  -18.203 -10.306 1.00  24.80 ? 11   GLU A O   1 
ATOM   87   C CB  . GLU A 1 11  ? -10.474 -17.993 -7.723  1.00  25.15 ? 11   GLU A CB  1 
ATOM   88   C CG  . GLU A 1 11  ? -11.180 -19.008 -6.819  1.00  26.41 ? 11   GLU A CG  1 
ATOM   89   C CD  . GLU A 1 11  ? -12.551 -18.548 -6.321  1.00  26.70 ? 11   GLU A CD  1 
ATOM   90   O OE1 . GLU A 1 11  ? -12.939 -17.379 -6.552  1.00  29.92 ? 11   GLU A OE1 1 
ATOM   91   O OE2 . GLU A 1 11  ? -13.241 -19.367 -5.678  1.00  29.00 ? 11   GLU A OE2 1 
ATOM   92   N N   . LEU A 1 12  ? -8.098  -16.342 -9.081  1.00  24.90 ? 12   LEU A N   1 
ATOM   93   C CA  . LEU A 1 12  ? -7.532  -15.575 -10.193 1.00  25.21 ? 12   LEU A CA  1 
ATOM   94   C C   . LEU A 1 12  ? -6.156  -16.099 -10.630 1.00  25.27 ? 12   LEU A C   1 
ATOM   95   O O   . LEU A 1 12  ? -5.834  -16.090 -11.821 1.00  25.23 ? 12   LEU A O   1 
ATOM   96   C CB  . LEU A 1 12  ? -7.455  -14.090 -9.837  1.00  24.94 ? 12   LEU A CB  1 
ATOM   97   C CG  . LEU A 1 12  ? -8.789  -13.341 -9.700  1.00  25.55 ? 12   LEU A CG  1 
ATOM   98   C CD1 . LEU A 1 12  ? -8.574  -12.044 -8.947  1.00  25.59 ? 12   LEU A CD1 1 
ATOM   99   C CD2 . LEU A 1 12  ? -9.444  -13.076 -11.042 1.00  27.10 ? 12   LEU A CD2 1 
ATOM   100  N N   . ASN A 1 13  ? -5.356  -16.560 -9.666  1.00  25.55 ? 13   ASN A N   1 
ATOM   101  C CA  . ASN A 1 13  ? -4.052  -17.167 -9.955  1.00  25.91 ? 13   ASN A CA  1 
ATOM   102  C C   . ASN A 1 13  ? -4.203  -18.453 -10.770 1.00  26.21 ? 13   ASN A C   1 
ATOM   103  O O   . ASN A 1 13  ? -3.366  -18.750 -11.627 1.00  26.06 ? 13   ASN A O   1 
ATOM   104  C CB  . ASN A 1 13  ? -3.271  -17.442 -8.659  1.00  26.05 ? 13   ASN A CB  1 
ATOM   105  C CG  . ASN A 1 13  ? -1.863  -17.984 -8.918  1.00  26.63 ? 13   ASN A CG  1 
ATOM   106  O OD1 . ASN A 1 13  ? -0.974  -17.254 -9.359  1.00  27.18 ? 13   ASN A OD1 1 
ATOM   107  N ND2 . ASN A 1 13  ? -1.660  -19.270 -8.636  1.00  25.62 ? 13   ASN A ND2 1 
ATOM   108  N N   . ALA A 1 14  ? -5.282  -19.194 -10.510 1.00  26.68 ? 14   ALA A N   1 
ATOM   109  C CA  . ALA A 1 14  ? -5.556  -20.471 -11.190 1.00  27.27 ? 14   ALA A CA  1 
ATOM   110  C C   . ALA A 1 14  ? -5.931  -20.310 -12.664 1.00  27.73 ? 14   ALA A C   1 
ATOM   111  O O   . ALA A 1 14  ? -5.753  -21.239 -13.457 1.00  27.53 ? 14   ALA A O   1 
ATOM   112  C CB  . ALA A 1 14  ? -6.641  -21.255 -10.448 1.00  27.16 ? 14   ALA A CB  1 
ATOM   113  N N   . VAL A 1 15  ? -6.457  -19.139 -13.021 1.00  28.26 ? 15   VAL A N   1 
ATOM   114  C CA  . VAL A 1 15  ? -6.876  -18.842 -14.394 1.00  29.04 ? 15   VAL A CA  1 
ATOM   115  C C   . VAL A 1 15  ? -5.659  -18.603 -15.293 1.00  29.28 ? 15   VAL A C   1 
ATOM   116  O O   . VAL A 1 15  ? -4.704  -17.933 -14.887 1.00  30.00 ? 15   VAL A O   1 
ATOM   117  C CB  . VAL A 1 15  ? -7.832  -17.616 -14.445 1.00  29.10 ? 15   VAL A CB  1 
ATOM   118  C CG1 . VAL A 1 15  ? -8.044  -17.136 -15.884 1.00  29.42 ? 15   VAL A CG1 1 
ATOM   119  C CG2 . VAL A 1 15  ? -9.170  -17.953 -13.793 1.00  29.33 ? 15   VAL A CG2 1 
ATOM   120  N N   . ARG B 2 6   ? 3.248   -10.951 -15.231 1.00  36.29 ? 247  ARG B N   1 
ATOM   121  C CA  . ARG B 2 6   ? 1.780   -11.084 -14.975 1.00  36.18 ? 247  ARG B CA  1 
ATOM   122  C C   . ARG B 2 6   ? 1.485   -11.733 -13.619 1.00  35.06 ? 247  ARG B C   1 
ATOM   123  O O   . ARG B 2 6   ? 2.149   -12.696 -13.214 1.00  35.53 ? 247  ARG B O   1 
ATOM   124  C CB  . ARG B 2 6   ? 1.100   -11.866 -16.104 1.00  36.42 ? 247  ARG B CB  1 
ATOM   125  C CG  . ARG B 2 6   ? -0.424  -11.841 -16.046 1.00  37.44 ? 247  ARG B CG  1 
ATOM   126  C CD  . ARG B 2 6   ? -1.066  -12.405 -17.309 1.00  38.03 ? 247  ARG B CD  1 
ATOM   127  N NE  . ARG B 2 6   ? -2.509  -12.161 -17.309 1.00  42.15 ? 247  ARG B NE  1 
ATOM   128  C CZ  . ARG B 2 6   ? -3.086  -11.048 -17.761 1.00  43.44 ? 247  ARG B CZ  1 
ATOM   129  N NH1 . ARG B 2 6   ? -2.350  -10.067 -18.275 1.00  44.16 ? 247  ARG B NH1 1 
ATOM   130  N NH2 . ARG B 2 6   ? -4.407  -10.915 -17.701 1.00  43.69 ? 247  ARG B NH2 1 
ATOM   131  N N   . ASP B 2 7   ? 0.486   -11.199 -12.925 1.00  33.45 ? 248  ASP B N   1 
ATOM   132  C CA  . ASP B 2 7   ? 0.059   -11.743 -11.642 1.00  31.73 ? 248  ASP B CA  1 
ATOM   133  C C   . ASP B 2 7   ? -1.462  -11.669 -11.501 1.00  30.35 ? 248  ASP B C   1 
ATOM   134  O O   . ASP B 2 7   ? -2.160  -11.249 -12.429 1.00  29.77 ? 248  ASP B O   1 
ATOM   135  C CB  . ASP B 2 7   ? 0.770   -11.026 -10.482 1.00  31.84 ? 248  ASP B CB  1 
ATOM   136  C CG  . ASP B 2 7   ? 0.393   -9.552  -10.368 1.00  32.28 ? 248  ASP B CG  1 
ATOM   137  O OD1 . ASP B 2 7   ? -0.638  -9.126  -10.941 1.00  32.22 ? 248  ASP B OD1 1 
ATOM   138  O OD2 . ASP B 2 7   ? 1.137   -8.809  -9.693  1.00  33.12 ? 248  ASP B OD2 1 
ATOM   139  N N   . ALA B 2 8   ? -1.960  -12.070 -10.334 1.00  28.80 ? 249  ALA B N   1 
ATOM   140  C CA  . ALA B 2 8   ? -3.392  -12.088 -10.049 1.00  27.52 ? 249  ALA B CA  1 
ATOM   141  C C   . ALA B 2 8   ? -4.064  -10.718 -10.207 1.00  26.59 ? 249  ALA B C   1 
ATOM   142  O O   . ALA B 2 8   ? -5.265  -10.650 -10.484 1.00  25.69 ? 249  ALA B O   1 
ATOM   143  C CB  . ALA B 2 8   ? -3.646  -12.645 -8.646  1.00  27.67 ? 249  ALA B CB  1 
ATOM   144  N N   . PHE B 2 9   ? -3.302  -9.636  -10.025 1.00  25.70 ? 250  PHE B N   1 
ATOM   145  C CA  . PHE B 2 9   ? -3.863  -8.290  -10.187 1.00  25.62 ? 250  PHE B CA  1 
ATOM   146  C C   . PHE B 2 9   ? -4.120  -7.922  -11.657 1.00  25.19 ? 250  PHE B C   1 
ATOM   147  O O   . PHE B 2 9   ? -5.086  -7.224  -11.958 1.00  24.70 ? 250  PHE B O   1 
ATOM   148  C CB  . PHE B 2 9   ? -3.034  -7.221  -9.450  1.00  25.69 ? 250  PHE B CB  1 
ATOM   149  C CG  . PHE B 2 9   ? -3.121  -7.332  -7.949  1.00  26.03 ? 250  PHE B CG  1 
ATOM   150  C CD1 . PHE B 2 9   ? -4.212  -6.805  -7.257  1.00  27.44 ? 250  PHE B CD1 1 
ATOM   151  C CD2 . PHE B 2 9   ? -2.144  -8.006  -7.236  1.00  26.43 ? 250  PHE B CD2 1 
ATOM   152  C CE1 . PHE B 2 9   ? -4.309  -6.928  -5.876  1.00  28.03 ? 250  PHE B CE1 1 
ATOM   153  C CE2 . PHE B 2 9   ? -2.223  -8.135  -5.858  1.00  28.05 ? 250  PHE B CE2 1 
ATOM   154  C CZ  . PHE B 2 9   ? -3.311  -7.598  -5.170  1.00  27.32 ? 250  PHE B CZ  1 
ATOM   155  N N   . ASP B 2 10  ? -3.270  -8.397  -12.571 1.00  25.03 ? 251  ASP B N   1 
ATOM   156  C CA  . ASP B 2 10  ? -3.552  -8.233  -14.000 1.00  24.49 ? 251  ASP B CA  1 
ATOM   157  C C   . ASP B 2 10  ? -4.834  -8.978  -14.389 1.00  24.10 ? 251  ASP B C   1 
ATOM   158  O O   . ASP B 2 10  ? -5.678  -8.445  -15.118 1.00  23.75 ? 251  ASP B O   1 
ATOM   159  C CB  . ASP B 2 10  ? -2.365  -8.689  -14.860 1.00  25.03 ? 251  ASP B CB  1 
ATOM   160  C CG  . ASP B 2 10  ? -1.096  -7.887  -14.578 1.00  26.59 ? 251  ASP B CG  1 
ATOM   161  O OD1 . ASP B 2 10  ? -1.125  -6.644  -14.689 1.00  28.53 ? 251  ASP B OD1 1 
ATOM   162  O OD2 . ASP B 2 10  ? -0.065  -8.500  -14.236 1.00  28.80 ? 251  ASP B OD2 1 
ATOM   163  N N   . THR B 2 11  ? -4.969  -10.208 -13.892 1.00  23.24 ? 252  THR B N   1 
ATOM   164  C CA  . THR B 2 11  ? -6.162  -11.025 -14.124 1.00  23.15 ? 252  THR B CA  1 
ATOM   165  C C   . THR B 2 11  ? -7.410  -10.387 -13.500 1.00  22.94 ? 252  THR B C   1 
ATOM   166  O O   . THR B 2 11  ? -8.499  -10.458 -14.084 1.00  23.01 ? 252  THR B O   1 
ATOM   167  C CB  . THR B 2 11  ? -5.961  -12.471 -13.617 1.00  23.18 ? 252  THR B CB  1 
ATOM   168  O OG1 . THR B 2 11  ? -4.740  -12.995 -14.162 1.00  23.58 ? 252  THR B OG1 1 
ATOM   169  C CG2 . THR B 2 11  ? -7.118  -13.368 -14.045 1.00  23.41 ? 252  THR B CG2 1 
ATOM   170  N N   A LEU B 2 12  ? -7.236  -9.757  -12.339 0.54  22.92 ? 253  LEU B N   1 
ATOM   171  N N   B LEU B 2 12  ? -7.252  -9.772  -12.328 0.46  23.24 ? 253  LEU B N   1 
ATOM   172  C CA  A LEU B 2 12  ? -8.317  -9.043  -11.659 0.54  22.65 ? 253  LEU B CA  1 
ATOM   173  C CA  B LEU B 2 12  ? -8.355  -9.056  -11.689 0.46  23.28 ? 253  LEU B CA  1 
ATOM   174  C C   A LEU B 2 12  ? -8.918  -7.935  -12.527 0.54  23.04 ? 253  LEU B C   1 
ATOM   175  C C   B LEU B 2 12  ? -8.915  -8.000  -12.641 0.46  23.42 ? 253  LEU B C   1 
ATOM   176  O O   A LEU B 2 12  ? -10.130 -7.869  -12.692 0.54  22.83 ? 253  LEU B O   1 
ATOM   177  O O   B LEU B 2 12  ? -10.092 -8.042  -12.990 0.46  23.38 ? 253  LEU B O   1 
ATOM   178  C CB  A LEU B 2 12  ? -7.832  -8.462  -10.326 0.54  22.66 ? 253  LEU B CB  1 
ATOM   179  C CB  B LEU B 2 12  ? -7.919  -8.403  -10.367 0.46  23.37 ? 253  LEU B CB  1 
ATOM   180  C CG  A LEU B 2 12  ? -8.779  -7.517  -9.574  0.54  22.04 ? 253  LEU B CG  1 
ATOM   181  C CG  B LEU B 2 12  ? -8.956  -7.738  -9.435  0.46  23.38 ? 253  LEU B CG  1 
ATOM   182  C CD1 A LEU B 2 12  ? -10.066 -8.222  -9.111  0.54  19.11 ? 253  LEU B CD1 1 
ATOM   183  C CD1 B LEU B 2 12  ? -9.959  -6.854  -10.171 0.46  22.60 ? 253  LEU B CD1 1 
ATOM   184  C CD2 A LEU B 2 12  ? -8.057  -6.863  -8.400  0.54  21.97 ? 253  LEU B CD2 1 
ATOM   185  C CD2 B LEU B 2 12  ? -9.701  -8.736  -8.564  0.46  23.93 ? 253  LEU B CD2 1 
ATOM   186  N N   . PHE B 2 13  ? -8.063  -7.067  -13.061 1.00  23.60 ? 254  PHE B N   1 
ATOM   187  C CA  . PHE B 2 13  ? -8.497  -5.944  -13.903 1.00  24.57 ? 254  PHE B CA  1 
ATOM   188  C C   . PHE B 2 13  ? -9.019  -6.385  -15.270 1.00  25.39 ? 254  PHE B C   1 
ATOM   189  O O   . PHE B 2 13  ? -10.004 -5.833  -15.760 1.00  26.41 ? 254  PHE B O   1 
ATOM   190  C CB  . PHE B 2 13  ? -7.372  -4.915  -14.066 1.00  24.19 ? 254  PHE B CB  1 
ATOM   191  C CG  . PHE B 2 13  ? -7.220  -3.971  -12.896 1.00  24.40 ? 254  PHE B CG  1 
ATOM   192  C CD1 . PHE B 2 13  ? -7.609  -2.642  -13.005 1.00  25.40 ? 254  PHE B CD1 1 
ATOM   193  C CD2 . PHE B 2 13  ? -6.659  -4.403  -11.699 1.00  23.15 ? 254  PHE B CD2 1 
ATOM   194  C CE1 . PHE B 2 13  ? -7.466  -1.765  -11.938 1.00  25.18 ? 254  PHE B CE1 1 
ATOM   195  C CE2 . PHE B 2 13  ? -6.508  -3.529  -10.612 1.00  25.58 ? 254  PHE B CE2 1 
ATOM   196  C CZ  . PHE B 2 13  ? -6.907  -2.199  -10.737 1.00  24.89 ? 254  PHE B CZ  1 
ATOM   197  N N   . ASP B 2 14  ? -8.372  -7.389  -15.867 1.00  26.04 ? 255  ASP B N   1 
ATOM   198  C CA  . ASP B 2 14  ? -8.756  -7.918  -17.177 1.00  26.44 ? 255  ASP B CA  1 
ATOM   199  C C   . ASP B 2 14  ? -10.005 -8.798  -17.175 1.00  25.85 ? 255  ASP B C   1 
ATOM   200  O O   . ASP B 2 14  ? -10.838 -8.691  -18.081 1.00  26.46 ? 255  ASP B O   1 
ATOM   201  C CB  . ASP B 2 14  ? -7.598  -8.708  -17.809 1.00  26.77 ? 255  ASP B CB  1 
ATOM   202  C CG  . ASP B 2 14  ? -6.442  -7.821  -18.248 1.00  28.65 ? 255  ASP B CG  1 
ATOM   203  O OD1 . ASP B 2 14  ? -6.424  -6.611  -17.920 1.00  30.24 ? 255  ASP B OD1 1 
ATOM   204  O OD2 . ASP B 2 14  ? -5.538  -8.347  -18.934 1.00  31.06 ? 255  ASP B OD2 1 
ATOM   205  N N   . HIS B 2 15  ? -10.128 -9.678  -16.182 1.00  24.97 ? 256  HIS B N   1 
ATOM   206  C CA  . HIS B 2 15  ? -11.149 -10.729 -16.216 1.00  24.35 ? 256  HIS B CA  1 
ATOM   207  C C   . HIS B 2 15  ? -12.175 -10.703 -15.080 1.00  23.23 ? 256  HIS B C   1 
ATOM   208  O O   . HIS B 2 15  ? -13.185 -11.392 -15.155 1.00  22.96 ? 256  HIS B O   1 
ATOM   209  C CB  . HIS B 2 15  ? -10.498 -12.115 -16.316 1.00  24.81 ? 256  HIS B CB  1 
ATOM   210  C CG  . HIS B 2 15  ? -9.624  -12.287 -17.522 1.00  26.20 ? 256  HIS B CG  1 
ATOM   211  N ND1 . HIS B 2 15  ? -10.079 -12.827 -18.705 1.00  28.24 ? 256  HIS B ND1 1 
ATOM   212  C CD2 . HIS B 2 15  ? -8.320  -11.981 -17.724 1.00  27.36 ? 256  HIS B CD2 1 
ATOM   213  C CE1 . HIS B 2 15  ? -9.093  -12.846 -19.585 1.00  28.45 ? 256  HIS B CE1 1 
ATOM   214  N NE2 . HIS B 2 15  ? -8.016  -12.333 -19.016 1.00  28.87 ? 256  HIS B NE2 1 
ATOM   215  N N   . ALA B 2 16  ? -11.926 -9.914  -14.039 1.00  22.22 ? 257  ALA B N   1 
ATOM   216  C CA  . ALA B 2 16  ? -12.875 -9.819  -12.924 1.00  21.53 ? 257  ALA B CA  1 
ATOM   217  C C   . ALA B 2 16  ? -12.922 -8.414  -12.310 1.00  20.88 ? 257  ALA B C   1 
ATOM   218  O O   . ALA B 2 16  ? -12.896 -8.288  -11.089 1.00  20.06 ? 257  ALA B O   1 
ATOM   219  C CB  . ALA B 2 16  ? -12.528 -10.847 -11.838 1.00  21.59 ? 257  ALA B CB  1 
ATOM   220  N N   . PRO B 2 17  ? -13.000 -7.359  -13.158 1.00  20.45 ? 258  PRO B N   1 
ATOM   221  C CA  . PRO B 2 17  ? -12.923 -5.986  -12.633 1.00  20.46 ? 258  PRO B CA  1 
ATOM   222  C C   . PRO B 2 17  ? -14.058 -5.656  -11.661 1.00  20.41 ? 258  PRO B C   1 
ATOM   223  O O   . PRO B 2 17  ? -13.917 -4.751  -10.833 1.00  20.90 ? 258  PRO B O   1 
ATOM   224  C CB  . PRO B 2 17  ? -13.015 -5.119  -13.901 1.00  19.98 ? 258  PRO B CB  1 
ATOM   225  C CG  . PRO B 2 17  ? -13.655 -5.989  -14.920 1.00  20.57 ? 258  PRO B CG  1 
ATOM   226  C CD  . PRO B 2 17  ? -13.179 -7.371  -14.621 1.00  20.48 ? 258  PRO B CD  1 
ATOM   227  N N   . ASP B 2 18  ? -15.151 -6.406  -11.757 1.00  21.08 ? 259  ASP B N   1 
ATOM   228  C CA  . ASP B 2 18  ? -16.294 -6.271  -10.854 1.00  21.76 ? 259  ASP B CA  1 
ATOM   229  C C   . ASP B 2 18  ? -15.999 -6.689  -9.410  1.00  21.71 ? 259  ASP B C   1 
ATOM   230  O O   . ASP B 2 18  ? -16.821 -6.470  -8.516  1.00  21.96 ? 259  ASP B O   1 
ATOM   231  C CB  . ASP B 2 18  ? -17.497 -7.046  -11.388 1.00  21.88 ? 259  ASP B CB  1 
ATOM   232  C CG  . ASP B 2 18  ? -17.230 -8.541  -11.524 1.00  22.85 ? 259  ASP B CG  1 
ATOM   233  O OD1 . ASP B 2 18  ? -16.106 -8.942  -11.887 1.00  24.39 ? 259  ASP B OD1 1 
ATOM   234  O OD2 . ASP B 2 18  ? -18.163 -9.317  -11.289 1.00  24.50 ? 259  ASP B OD2 1 
ATOM   235  N N   . LYS B 2 19  ? -14.837 -7.292  -9.187  1.00  21.67 ? 260  LYS B N   1 
ATOM   236  C CA  . LYS B 2 19  ? -14.439 -7.727  -7.846  1.00  21.91 ? 260  LYS B CA  1 
ATOM   237  C C   . LYS B 2 19  ? -13.525 -6.711  -7.177  1.00  22.13 ? 260  LYS B C   1 
ATOM   238  O O   . LYS B 2 19  ? -13.065 -6.923  -6.053  1.00  21.98 ? 260  LYS B O   1 
ATOM   239  C CB  . LYS B 2 19  ? -13.772 -9.115  -7.881  1.00  21.67 ? 260  LYS B CB  1 
ATOM   240  C CG  . LYS B 2 19  ? -14.701 -10.257 -8.297  1.00  22.99 ? 260  LYS B CG  1 
ATOM   241  C CD  . LYS B 2 19  ? -15.870 -10.419 -7.332  1.00  24.38 ? 260  LYS B CD  1 
ATOM   242  C CE  . LYS B 2 19  ? -16.773 -11.581 -7.720  1.00  25.11 ? 260  LYS B CE  1 
ATOM   243  N NZ  . LYS B 2 19  ? -17.499 -11.393 -9.009  1.00  26.32 ? 260  LYS B NZ  1 
ATOM   244  N N   . LEU B 2 20  ? -13.271 -5.597  -7.861  1.00  22.48 ? 261  LEU B N   1 
ATOM   245  C CA  . LEU B 2 20  ? -12.363 -4.587  -7.330  1.00  23.60 ? 261  LEU B CA  1 
ATOM   246  C C   . LEU B 2 20  ? -12.825 -4.030  -5.983  1.00  24.18 ? 261  LEU B C   1 
ATOM   247  O O   . LEU B 2 20  ? -11.988 -3.710  -5.142  1.00  24.75 ? 261  LEU B O   1 
ATOM   248  C CB  . LEU B 2 20  ? -12.119 -3.465  -8.352  1.00  23.61 ? 261  LEU B CB  1 
ATOM   249  C CG  . LEU B 2 20  ? -10.874 -3.719  -9.207  1.00  25.39 ? 261  LEU B CG  1 
ATOM   250  C CD1 . LEU B 2 20  ? -10.921 -3.004  -10.546 1.00  27.45 ? 261  LEU B CD1 1 
ATOM   251  C CD2 . LEU B 2 20  ? -9.604  -3.348  -8.431  1.00  27.47 ? 261  LEU B CD2 1 
ATOM   252  N N   . ASN B 2 21  ? -14.142 -3.930  -5.778  1.00  25.02 ? 262  ASN B N   1 
ATOM   253  C CA  A ASN B 2 21  ? -14.641 -3.404  -4.511  0.60  25.62 ? 262  ASN B CA  1 
ATOM   254  C CA  B ASN B 2 21  ? -14.720 -3.441  -4.518  0.40  25.32 ? 262  ASN B CA  1 
ATOM   255  C C   . ASN B 2 21  ? -14.285 -4.271  -3.310  1.00  25.81 ? 262  ASN B C   1 
ATOM   256  O O   . ASN B 2 21  ? -13.926 -3.735  -2.269  1.00  25.74 ? 262  ASN B O   1 
ATOM   257  C CB  A ASN B 2 21  ? -16.135 -3.080  -4.566  0.60  26.31 ? 262  ASN B CB  1 
ATOM   258  C CB  B ASN B 2 21  ? -16.260 -3.376  -4.608  0.40  25.57 ? 262  ASN B CB  1 
ATOM   259  C CG  A ASN B 2 21  ? -16.400 -1.588  -4.686  0.60  27.03 ? 262  ASN B CG  1 
ATOM   260  C CG  B ASN B 2 21  ? -16.906 -4.738  -4.866  0.40  25.27 ? 262  ASN B CG  1 
ATOM   261  O OD1 A ASN B 2 21  ? -15.568 -0.826  -5.187  0.60  28.64 ? 262  ASN B OD1 1 
ATOM   262  O OD1 B ASN B 2 21  ? -16.427 -5.530  -5.682  0.40  24.56 ? 262  ASN B OD1 1 
ATOM   263  N ND2 A ASN B 2 21  ? -17.560 -1.162  -4.210  0.60  28.69 ? 262  ASN B ND2 1 
ATOM   264  N ND2 B ASN B 2 21  ? -18.009 -5.008  -4.170  0.40  25.86 ? 262  ASN B ND2 1 
ATOM   265  N N   . VAL B 2 22  ? -14.337 -5.594  -3.471  1.00  25.77 ? 263  VAL B N   1 
ATOM   266  C CA  . VAL B 2 22  ? -13.885 -6.557  -2.456  1.00  26.03 ? 263  VAL B CA  1 
ATOM   267  C C   . VAL B 2 22  ? -12.429 -6.280  -2.061  1.00  25.30 ? 263  VAL B C   1 
ATOM   268  O O   . VAL B 2 22  ? -12.092 -6.184  -0.857  1.00  25.24 ? 263  VAL B O   1 
ATOM   269  C CB  . VAL B 2 22  ? -14.001 -8.022  -2.988  1.00  26.03 ? 263  VAL B CB  1 
ATOM   270  C CG1 . VAL B 2 22  ? -13.225 -9.011  -2.097  1.00  27.30 ? 263  VAL B CG1 1 
ATOM   271  C CG2 . VAL B 2 22  ? -15.460 -8.440  -3.141  1.00  27.64 ? 263  VAL B CG2 1 
ATOM   272  N N   . VAL B 2 23  ? -11.579 -6.138  -3.087  1.00  24.05 ? 264  VAL B N   1 
ATOM   273  C CA  . VAL B 2 23  ? -10.161 -5.870  -2.919  1.00  23.35 ? 264  VAL B CA  1 
ATOM   274  C C   . VAL B 2 23  ? -9.948  -4.565  -2.143  1.00  22.74 ? 264  VAL B C   1 
ATOM   275  O O   . VAL B 2 23  ? -9.216  -4.551  -1.140  1.00  22.54 ? 264  VAL B O   1 
ATOM   276  C CB  . VAL B 2 23  ? -9.414  -5.851  -4.301  1.00  23.44 ? 264  VAL B CB  1 
ATOM   277  C CG1 . VAL B 2 23  ? -7.935  -5.620  -4.119  1.00  23.97 ? 264  VAL B CG1 1 
ATOM   278  C CG2 . VAL B 2 23  ? -9.670  -7.166  -5.071  1.00  23.71 ? 264  VAL B CG2 1 
ATOM   279  N N   A LYS B 2 24  ? -10.573 -3.483  -2.595  0.45  22.53 ? 265  LYS B N   1 
ATOM   280  N N   B LYS B 2 24  ? -10.584 -3.493  -2.617  0.23  22.59 ? 265  LYS B N   1 
ATOM   281  N N   C LYS B 2 24  ? -10.588 -3.490  -2.598  0.32  22.61 ? 265  LYS B N   1 
ATOM   282  C CA  A LYS B 2 24  ? -10.355 -2.163  -1.985  0.45  22.86 ? 265  LYS B CA  1 
ATOM   283  C CA  B LYS B 2 24  ? -10.463 -2.153  -2.033  0.23  22.72 ? 265  LYS B CA  1 
ATOM   284  C CA  C LYS B 2 24  ? -10.441 -2.168  -1.975  0.32  22.86 ? 265  LYS B CA  1 
ATOM   285  C C   A LYS B 2 24  ? -10.915 -2.055  -0.564  0.45  22.89 ? 265  LYS B C   1 
ATOM   286  C C   B LYS B 2 24  ? -10.883 -2.129  -0.569  0.23  22.64 ? 265  LYS B C   1 
ATOM   287  C C   C LYS B 2 24  ? -10.949 -2.143  -0.533  0.32  22.82 ? 265  LYS B C   1 
ATOM   288  O O   A LYS B 2 24  ? -10.307 -1.421  0.301   0.45  22.92 ? 265  LYS B O   1 
ATOM   289  O O   B LYS B 2 24  ? -10.137 -1.670  0.297   0.23  22.62 ? 265  LYS B O   1 
ATOM   290  O O   C LYS B 2 24  ? -10.258 -1.666  0.366   0.32  22.85 ? 265  LYS B O   1 
ATOM   291  C CB  A LYS B 2 24  ? -10.936 -1.051  -2.859  0.45  22.63 ? 265  LYS B CB  1 
ATOM   292  C CB  B LYS B 2 24  ? -11.322 -1.145  -2.808  0.23  22.59 ? 265  LYS B CB  1 
ATOM   293  C CB  C LYS B 2 24  ? -11.167 -1.096  -2.793  0.32  22.69 ? 265  LYS B CB  1 
ATOM   294  C CG  A LYS B 2 24  ? -10.246 -0.892  -4.208  0.45  22.26 ? 265  LYS B CG  1 
ATOM   295  C CG  B LYS B 2 24  ? -10.871 -0.872  -4.242  0.23  22.71 ? 265  LYS B CG  1 
ATOM   296  C CG  C LYS B 2 24  ? -10.555 -0.826  -4.165  0.32  22.63 ? 265  LYS B CG  1 
ATOM   297  C CD  A LYS B 2 24  ? -10.701 0.380   -4.940  0.45  23.29 ? 265  LYS B CD  1 
ATOM   298  C CD  B LYS B 2 24  ? -11.832 0.077   -4.978  0.23  22.82 ? 265  LYS B CD  1 
ATOM   299  C CD  C LYS B 2 24  ? -11.256 0.330   -4.890  0.32  23.11 ? 265  LYS B CD  1 
ATOM   300  C CE  A LYS B 2 24  ? -12.196 0.369   -5.233  0.45  23.46 ? 265  LYS B CE  1 
ATOM   301  C CE  B LYS B 2 24  ? -13.155 -0.599  -5.354  0.23  23.57 ? 265  LYS B CE  1 
ATOM   302  C CE  C LYS B 2 24  ? -12.687 -0.021  -5.288  0.32  23.43 ? 265  LYS B CE  1 
ATOM   303  N NZ  A LYS B 2 24  ? -12.606 1.499   -6.117  0.45  24.00 ? 265  LYS B NZ  1 
ATOM   304  N NZ  B LYS B 2 24  ? -14.010 0.231   -6.253  0.23  23.42 ? 265  LYS B NZ  1 
ATOM   305  N NZ  C LYS B 2 24  ? -13.301 1.010   -6.174  0.32  23.75 ? 265  LYS B NZ  1 
ATOM   306  N N   A LYS B 2 25  ? -12.072 -2.663  -0.331  0.45  23.10 ? 266  LYS B N   1 
ATOM   307  N N   B LYS B 2 25  ? -12.086 -2.622  -0.302  0.23  22.69 ? 266  LYS B N   1 
ATOM   308  N N   C LYS B 2 25  ? -12.157 -2.652  -0.324  0.32  22.99 ? 266  LYS B N   1 
ATOM   309  C CA  A LYS B 2 25  ? -12.683 -2.663  1.005   0.45  23.34 ? 266  LYS B CA  1 
ATOM   310  C CA  B LYS B 2 25  ? -12.643 -2.607  1.051   0.23  22.70 ? 266  LYS B CA  1 
ATOM   311  C CA  C LYS B 2 25  ? -12.743 -2.714  1.019   0.32  23.11 ? 266  LYS B CA  1 
ATOM   312  C C   A LYS B 2 25  ? -11.780 -3.367  2.026   0.45  23.12 ? 266  LYS B C   1 
ATOM   313  C C   B LYS B 2 25  ? -11.787 -3.378  2.059   0.23  22.71 ? 266  LYS B C   1 
ATOM   314  C C   C LYS B 2 25  ? -11.794 -3.372  2.022   0.32  22.96 ? 266  LYS B C   1 
ATOM   315  O O   A LYS B 2 25  ? -11.534 -2.840  3.115   0.45  22.96 ? 266  LYS B O   1 
ATOM   316  O O   B LYS B 2 25  ? -11.589 -2.911  3.182   0.23  22.63 ? 266  LYS B O   1 
ATOM   317  O O   C LYS B 2 25  ? -11.532 -2.819  3.095   0.32  22.85 ? 266  LYS B O   1 
ATOM   318  C CB  A LYS B 2 25  ? -14.076 -3.309  0.971   0.45  23.49 ? 266  LYS B CB  1 
ATOM   319  C CB  B LYS B 2 25  ? -14.086 -3.120  1.054   0.23  22.79 ? 266  LYS B CB  1 
ATOM   320  C CB  C LYS B 2 25  ? -14.079 -3.466  0.996   0.32  23.23 ? 266  LYS B CB  1 
ATOM   321  C CG  A LYS B 2 25  ? -14.908 -3.100  2.239   0.45  23.77 ? 266  LYS B CG  1 
ATOM   322  C CG  B LYS B 2 25  ? -15.081 -2.173  0.394   0.23  22.74 ? 266  LYS B CG  1 
ATOM   323  C CG  C LYS B 2 25  ? -15.227 -2.698  0.357   0.32  23.52 ? 266  LYS B CG  1 
ATOM   324  C CD  A LYS B 2 25  ? -16.381 -3.402  2.008   0.45  24.13 ? 266  LYS B CD  1 
ATOM   325  C CD  B LYS B 2 25  ? -16.509 -2.692  0.500   0.23  22.64 ? 266  LYS B CD  1 
ATOM   326  C CD  C LYS B 2 25  ? -16.527 -3.487  0.444   0.32  23.53 ? 266  LYS B CD  1 
ATOM   327  C CE  A LYS B 2 25  ? -17.233 -2.932  3.190   0.45  24.82 ? 266  LYS B CE  1 
ATOM   328  C CE  B LYS B 2 25  ? -17.479 -1.824  -0.289  0.23  22.50 ? 266  LYS B CE  1 
ATOM   329  C CE  C LYS B 2 25  ? -17.645 -2.813  -0.335  0.32  24.51 ? 266  LYS B CE  1 
ATOM   330  N NZ  A LYS B 2 25  ? -18.686 -3.238  3.024   0.45  25.73 ? 266  LYS B NZ  1 
ATOM   331  N NZ  B LYS B 2 25  ? -17.632 -0.456  0.282   0.23  23.13 ? 266  LYS B NZ  1 
ATOM   332  N NZ  C LYS B 2 25  ? -17.505 -3.013  -1.804  0.32  25.13 ? 266  LYS B NZ  1 
ATOM   333  N N   . THR B 2 26  ? -11.283 -4.546  1.662   1.00  22.57 ? 267  THR B N   1 
ATOM   334  C CA  . THR B 2 26  ? -10.379 -5.323  2.526   1.00  22.47 ? 267  THR B CA  1 
ATOM   335  C C   . THR B 2 26  ? -9.119  -4.532  2.887   1.00  21.94 ? 267  THR B C   1 
ATOM   336  O O   . THR B 2 26  ? -8.719  -4.472  4.059   1.00  21.61 ? 267  THR B O   1 
ATOM   337  C CB  . THR B 2 26  ? -9.945  -6.647  1.858   1.00  22.70 ? 267  THR B CB  1 
ATOM   338  O OG1 . THR B 2 26  ? -11.104 -7.428  1.557   1.00  24.69 ? 267  THR B OG1 1 
ATOM   339  C CG2 . THR B 2 26  ? -9.040  -7.441  2.786   1.00  23.08 ? 267  THR B CG2 1 
ATOM   340  N N   A LEU B 2 27  ? -8.513  -3.928  1.869   0.62  21.07 ? 268  LEU B N   1 
ATOM   341  N N   B LEU B 2 27  ? -8.499  -3.913  1.885   0.38  21.33 ? 268  LEU B N   1 
ATOM   342  C CA  A LEU B 2 27  ? -7.268  -3.214  2.063   0.62  20.88 ? 268  LEU B CA  1 
ATOM   343  C CA  B LEU B 2 27  ? -7.240  -3.208  2.110   0.38  21.13 ? 268  LEU B CA  1 
ATOM   344  C C   A LEU B 2 27  ? -7.481  -1.933  2.853   0.62  21.21 ? 268  LEU B C   1 
ATOM   345  C C   B LEU B 2 27  ? -7.437  -1.863  2.812   0.38  21.28 ? 268  LEU B C   1 
ATOM   346  O O   A LEU B 2 27  ? -6.664  -1.610  3.718   0.62  21.07 ? 268  LEU B O   1 
ATOM   347  O O   B LEU B 2 27  ? -6.568  -1.419  3.556   0.38  21.33 ? 268  LEU B O   1 
ATOM   348  C CB  A LEU B 2 27  ? -6.573  -2.945  0.723   0.62  20.84 ? 268  LEU B CB  1 
ATOM   349  C CB  B LEU B 2 27  ? -6.450  -3.055  0.802   0.38  21.07 ? 268  LEU B CB  1 
ATOM   350  C CG  A LEU B 2 27  ? -6.067  -4.203  0.022   0.62  19.93 ? 268  LEU B CG  1 
ATOM   351  C CG  B LEU B 2 27  ? -6.134  -4.351  0.046   0.38  20.51 ? 268  LEU B CG  1 
ATOM   352  C CD1 A LEU B 2 27  ? -5.619  -3.870  -1.414  0.62  19.70 ? 268  LEU B CD1 1 
ATOM   353  C CD1 B LEU B 2 27  ? -5.358  -4.041  -1.238  0.38  21.18 ? 268  LEU B CD1 1 
ATOM   354  C CD2 A LEU B 2 27  ? -4.931  -4.835  0.824   0.62  21.21 ? 268  LEU B CD2 1 
ATOM   355  C CD2 B LEU B 2 27  ? -5.376  -5.352  0.917   0.38  21.14 ? 268  LEU B CD2 1 
ATOM   356  N N   . ILE B 2 28  ? -8.583  -1.232  2.580   1.00  21.06 ? 269  ILE B N   1 
ATOM   357  C CA  A ILE B 2 28  ? -8.867  0.021   3.275   0.46  21.51 ? 269  ILE B CA  1 
ATOM   358  C CA  B ILE B 2 28  ? -8.953  0.029   3.274   0.54  21.19 ? 269  ILE B CA  1 
ATOM   359  C C   . ILE B 2 28  ? -9.144  -0.249  4.766   1.00  21.52 ? 269  ILE B C   1 
ATOM   360  O O   . ILE B 2 28  ? -8.680  0.506   5.628   1.00  21.50 ? 269  ILE B O   1 
ATOM   361  C CB  A ILE B 2 28  ? -9.962  0.861   2.543   0.46  21.69 ? 269  ILE B CB  1 
ATOM   362  C CB  B ILE B 2 28  ? -10.242 0.683   2.675   0.54  21.34 ? 269  ILE B CB  1 
ATOM   363  C CG1 A ILE B 2 28  ? -9.753  2.361   2.804   0.46  22.14 ? 269  ILE B CG1 1 
ATOM   364  C CG1 B ILE B 2 28  ? -9.921  1.392   1.355   0.54  21.06 ? 269  ILE B CG1 1 
ATOM   365  C CG2 A ILE B 2 28  ? -11.384 0.379   2.868   0.46  20.88 ? 269  ILE B CG2 1 
ATOM   366  C CG2 B ILE B 2 28  ? -10.880 1.696   3.668   0.54  20.17 ? 269  ILE B CG2 1 
ATOM   367  C CD1 A ILE B 2 28  ? -10.768 3.258   2.106   0.46  22.09 ? 269  ILE B CD1 1 
ATOM   368  C CD1 B ILE B 2 28  ? -11.150 1.921   0.616   0.54  21.28 ? 269  ILE B CD1 1 
ATOM   369  N N   . THR B 2 29  ? -9.837  -1.352  5.064   1.00  21.20 ? 270  THR B N   1 
ATOM   370  C CA  . THR B 2 29  ? -10.096 -1.760  6.459   1.00  20.77 ? 270  THR B CA  1 
ATOM   371  C C   . THR B 2 29  ? -8.771  -2.035  7.197   1.00  20.61 ? 270  THR B C   1 
ATOM   372  O O   . THR B 2 29  ? -8.569  -1.556  8.315   1.00  20.13 ? 270  THR B O   1 
ATOM   373  C CB  . THR B 2 29  ? -11.056 -2.977  6.501   1.00  20.94 ? 270  THR B CB  1 
ATOM   374  O OG1 . THR B 2 29  ? -12.312 -2.596  5.916   1.00  21.34 ? 270  THR B OG1 1 
ATOM   375  C CG2 . THR B 2 29  ? -11.304 -3.486  7.929   1.00  20.66 ? 270  THR B CG2 1 
ATOM   376  N N   . PHE B 2 30  ? -7.864  -2.757  6.539   1.00  19.85 ? 271  PHE B N   1 
ATOM   377  C CA  . PHE B 2 30  ? -6.541  -3.063  7.071   1.00  20.20 ? 271  PHE B CA  1 
ATOM   378  C C   . PHE B 2 30  ? -5.728  -1.793  7.339   1.00  20.66 ? 271  PHE B C   1 
ATOM   379  O O   . PHE B 2 30  ? -5.231  -1.615  8.440   1.00  20.90 ? 271  PHE B O   1 
ATOM   380  C CB  . PHE B 2 30  ? -5.769  -3.954  6.088   1.00  20.09 ? 271  PHE B CB  1 
ATOM   381  C CG  . PHE B 2 30  ? -4.289  -4.031  6.361   1.00  20.10 ? 271  PHE B CG  1 
ATOM   382  C CD1 . PHE B 2 30  ? -3.803  -4.726  7.467   1.00  20.13 ? 271  PHE B CD1 1 
ATOM   383  C CD2 . PHE B 2 30  ? -3.391  -3.398  5.508   1.00  22.51 ? 271  PHE B CD2 1 
ATOM   384  C CE1 . PHE B 2 30  ? -2.425  -4.801  7.718   1.00  20.14 ? 271  PHE B CE1 1 
ATOM   385  C CE2 . PHE B 2 30  ? -2.022  -3.470  5.737   1.00  22.53 ? 271  PHE B CE2 1 
ATOM   386  C CZ  . PHE B 2 30  ? -1.541  -4.167  6.843   1.00  19.66 ? 271  PHE B CZ  1 
ATOM   387  N N   . VAL B 2 31  ? -5.575  -0.928  6.332   1.00  20.43 ? 272  VAL B N   1 
ATOM   388  C CA  . VAL B 2 31  ? -4.754  0.273   6.511   1.00  21.19 ? 272  VAL B CA  1 
ATOM   389  C C   . VAL B 2 31  ? -5.300  1.176   7.621   1.00  20.34 ? 272  VAL B C   1 
ATOM   390  O O   . VAL B 2 31  ? -4.526  1.719   8.396   1.00  21.59 ? 272  VAL B O   1 
ATOM   391  C CB  . VAL B 2 31  ? -4.492  1.103   5.196   1.00  21.36 ? 272  VAL B CB  1 
ATOM   392  C CG1 . VAL B 2 31  ? -3.776  0.243   4.115   1.00  22.63 ? 272  VAL B CG1 1 
ATOM   393  C CG2 . VAL B 2 31  ? -5.766  1.704   4.660   1.00  23.82 ? 272  VAL B CG2 1 
ATOM   394  N N   . ASN B 2 32  ? -6.618  1.312   7.712   1.00  20.21 ? 273  ASN B N   1 
ATOM   395  C CA  . ASN B 2 32  ? -7.214  2.186   8.731   1.00  20.22 ? 273  ASN B CA  1 
ATOM   396  C C   . ASN B 2 32  ? -7.110  1.644   10.150  1.00  20.48 ? 273  ASN B C   1 
ATOM   397  O O   . ASN B 2 32  ? -7.035  2.410   11.109  1.00  19.84 ? 273  ASN B O   1 
ATOM   398  C CB  . ASN B 2 32  ? -8.659  2.524   8.375   1.00  20.59 ? 273  ASN B CB  1 
ATOM   399  C CG  . ASN B 2 32  ? -8.749  3.587   7.300   1.00  20.72 ? 273  ASN B CG  1 
ATOM   400  O OD1 . ASN B 2 32  ? -7.849  4.420   7.166   1.00  23.12 ? 273  ASN B OD1 1 
ATOM   401  N ND2 . ASN B 2 32  ? -9.857  3.598   6.556   1.00  19.17 ? 273  ASN B ND2 1 
ATOM   402  N N   . LYS B 2 33  ? -7.107  0.317   10.281  1.00  19.22 ? 274  LYS B N   1 
ATOM   403  C CA  . LYS B 2 33  ? -6.884  -0.323  11.571  1.00  19.85 ? 274  LYS B CA  1 
ATOM   404  C C   . LYS B 2 33  ? -5.611  0.244   12.208  1.00  19.48 ? 274  LYS B C   1 
ATOM   405  O O   . LYS B 2 33  ? -5.569  0.533   13.401  1.00  20.01 ? 274  LYS B O   1 
ATOM   406  C CB  . LYS B 2 33  ? -6.760  -1.836  11.367  1.00  19.99 ? 274  LYS B CB  1 
ATOM   407  C CG  . LYS B 2 33  ? -6.634  -2.651  12.637  1.00  24.21 ? 274  LYS B CG  1 
ATOM   408  C CD  . LYS B 2 33  ? -6.587  -4.136  12.270  1.00  28.04 ? 274  LYS B CD  1 
ATOM   409  C CE  . LYS B 2 33  ? -6.238  -4.977  13.478  1.00  31.65 ? 274  LYS B CE  1 
ATOM   410  N NZ  . LYS B 2 33  ? -6.405  -6.443  13.198  1.00  34.38 ? 274  LYS B NZ  1 
ATOM   411  N N   . HIS B 2 34  ? -4.582  0.420   11.387  1.00  19.39 ? 275  HIS B N   1 
ATOM   412  C CA  . HIS B 2 34  ? -3.301  0.947   11.838  1.00  19.52 ? 275  HIS B CA  1 
ATOM   413  C C   . HIS B 2 34  ? -3.203  2.479   11.842  1.00  19.30 ? 275  HIS B C   1 
ATOM   414  O O   . HIS B 2 34  ? -2.837  3.074   12.862  1.00  19.52 ? 275  HIS B O   1 
ATOM   415  C CB  . HIS B 2 34  ? -2.181  0.256   11.058  1.00  18.98 ? 275  HIS B CB  1 
ATOM   416  C CG  . HIS B 2 34  ? -2.217  -1.233  11.218  1.00  18.88 ? 275  HIS B CG  1 
ATOM   417  N ND1 . HIS B 2 34  ? -1.834  -1.854  12.386  1.00  19.85 ? 275  HIS B ND1 1 
ATOM   418  C CD2 . HIS B 2 34  ? -2.688  -2.210  10.409  1.00  18.66 ? 275  HIS B CD2 1 
ATOM   419  C CE1 . HIS B 2 34  ? -2.018  -3.158  12.271  1.00  21.44 ? 275  HIS B CE1 1 
ATOM   420  N NE2 . HIS B 2 34  ? -2.535  -3.401  11.081  1.00  20.19 ? 275  HIS B NE2 1 
ATOM   421  N N   . LEU B 2 35  ? -3.576  3.110   10.736  1.00  19.85 ? 276  LEU B N   1 
ATOM   422  C CA  . LEU B 2 35  ? -3.516  4.571   10.634  1.00  19.82 ? 276  LEU B CA  1 
ATOM   423  C C   . LEU B 2 35  ? -4.381  5.258   11.687  1.00  19.54 ? 276  LEU B C   1 
ATOM   424  O O   . LEU B 2 35  ? -4.027  6.340   12.174  1.00  19.70 ? 276  LEU B O   1 
ATOM   425  C CB  . LEU B 2 35  ? -3.901  5.037   9.228   1.00  19.76 ? 276  LEU B CB  1 
ATOM   426  C CG  . LEU B 2 35  ? -2.926  4.698   8.098   1.00  20.98 ? 276  LEU B CG  1 
ATOM   427  C CD1 . LEU B 2 35  ? -3.534  5.097   6.779   1.00  20.28 ? 276  LEU B CD1 1 
ATOM   428  C CD2 . LEU B 2 35  ? -1.613  5.422   8.305   1.00  22.45 ? 276  LEU B CD2 1 
ATOM   429  N N   . ASN B 2 36  ? -5.497  4.627   12.070  1.00  19.32 ? 277  ASN B N   1 
ATOM   430  C CA  . ASN B 2 36  ? -6.361  5.202   13.095  1.00  19.14 ? 277  ASN B CA  1 
ATOM   431  C C   . ASN B 2 36  ? -5.628  5.443   14.424  1.00  19.26 ? 277  ASN B C   1 
ATOM   432  O O   . ASN B 2 36  ? -5.991  6.346   15.190  1.00  18.79 ? 277  ASN B O   1 
ATOM   433  C CB  . ASN B 2 36  ? -7.601  4.335   13.337  1.00  19.25 ? 277  ASN B CB  1 
ATOM   434  C CG  . ASN B 2 36  ? -8.663  4.477   12.245  1.00  19.88 ? 277  ASN B CG  1 
ATOM   435  O OD1 . ASN B 2 36  ? -8.510  5.225   11.263  1.00  22.87 ? 277  ASN B OD1 1 
ATOM   436  N ND2 . ASN B 2 36  ? -9.753  3.742   12.414  1.00  17.60 ? 277  ASN B ND2 1 
ATOM   437  N N   . LYS B 2 37  ? -4.590  4.650   14.687  1.00  19.07 ? 278  LYS B N   1 
ATOM   438  C CA  . LYS B 2 37  ? -3.813  4.777   15.928  1.00  19.82 ? 278  LYS B CA  1 
ATOM   439  C C   . LYS B 2 37  ? -3.027  6.099   15.959  1.00  19.12 ? 278  LYS B C   1 
ATOM   440  O O   . LYS B 2 37  ? -2.644  6.584   17.031  1.00  18.73 ? 278  LYS B O   1 
ATOM   441  C CB  . LYS B 2 37  ? -2.862  3.598   16.087  1.00  20.09 ? 278  LYS B CB  1 
ATOM   442  C CG  . LYS B 2 37  ? -3.549  2.221   16.062  1.00  21.31 ? 278  LYS B CG  1 
ATOM   443  C CD  . LYS B 2 37  ? -2.530  1.100   16.285  1.00  22.40 ? 278  LYS B CD  1 
ATOM   444  C CE  . LYS B 2 37  ? -3.224  -0.237  16.389  1.00  25.61 ? 278  LYS B CE  1 
ATOM   445  N NZ  . LYS B 2 37  ? -2.208  -1.316  16.425  1.00  28.91 ? 278  LYS B NZ  1 
ATOM   446  N N   . LEU B 2 38  ? -2.793  6.647   14.769  1.00  19.35 ? 279  LEU B N   1 
ATOM   447  C CA  . LEU B 2 38  ? -2.122  7.938   14.594  1.00  19.80 ? 279  LEU B CA  1 
ATOM   448  C C   . LEU B 2 38  ? -3.097  9.081   14.272  1.00  19.89 ? 279  LEU B C   1 
ATOM   449  O O   . LEU B 2 38  ? -2.682  10.143  13.772  1.00  19.55 ? 279  LEU B O   1 
ATOM   450  C CB  . LEU B 2 38  ? -1.088  7.824   13.471  1.00  20.70 ? 279  LEU B CB  1 
ATOM   451  C CG  . LEU B 2 38  ? -0.110  6.639   13.515  1.00  21.58 ? 279  LEU B CG  1 
ATOM   452  C CD1 . LEU B 2 38  ? 0.746   6.637   12.241  1.00  24.48 ? 279  LEU B CD1 1 
ATOM   453  C CD2 . LEU B 2 38  ? 0.750   6.672   14.785  1.00  22.66 ? 279  LEU B CD2 1 
ATOM   454  N N   . ASN B 2 39  ? -4.382  8.871   14.552  1.00  19.32 ? 280  ASN B N   1 
ATOM   455  C CA  . ASN B 2 39  ? -5.421  9.839   14.195  1.00  19.54 ? 280  ASN B CA  1 
ATOM   456  C C   . ASN B 2 39  ? -5.431  10.159  12.704  1.00  20.33 ? 280  ASN B C   1 
ATOM   457  O O   . ASN B 2 39  ? -5.680  11.314  12.306  1.00  20.60 ? 280  ASN B O   1 
ATOM   458  C CB  . ASN B 2 39  ? -5.273  11.130  15.031  1.00  18.86 ? 280  ASN B CB  1 
ATOM   459  C CG  . ASN B 2 39  ? -5.430  10.878  16.509  1.00  20.39 ? 280  ASN B CG  1 
ATOM   460  O OD1 . ASN B 2 39  ? -6.179  9.984   16.928  1.00  21.48 ? 280  ASN B OD1 1 
ATOM   461  N ND2 . ASN B 2 39  ? -4.727  11.661  17.320  1.00  20.18 ? 280  ASN B ND2 1 
ATOM   462  N N   . LEU B 2 40  ? -5.145  9.137   11.886  1.00  20.48 ? 281  LEU B N   1 
ATOM   463  C CA  . LEU B 2 40  ? -5.167  9.246   10.426  1.00  21.49 ? 281  LEU B CA  1 
ATOM   464  C C   . LEU B 2 40  ? -6.192  8.269   9.851   1.00  22.54 ? 281  LEU B C   1 
ATOM   465  O O   . LEU B 2 40  ? -6.498  7.247   10.473  1.00  21.56 ? 281  LEU B O   1 
ATOM   466  C CB  . LEU B 2 40  ? -3.790  8.942   9.821   1.00  21.84 ? 281  LEU B CB  1 
ATOM   467  C CG  . LEU B 2 40  ? -2.625  9.825   10.277  1.00  22.12 ? 281  LEU B CG  1 
ATOM   468  C CD1 . LEU B 2 40  ? -1.353  9.330   9.599   1.00  22.39 ? 281  LEU B CD1 1 
ATOM   469  C CD2 . LEU B 2 40  ? -2.925  11.267  9.910   1.00  24.25 ? 281  LEU B CD2 1 
ATOM   470  N N   A GLU B 2 41  ? -6.727  8.582   8.663   0.50  22.93 ? 282  GLU B N   1 
ATOM   471  N N   B GLU B 2 41  ? -6.709  8.611   8.679   0.50  23.03 ? 282  GLU B N   1 
ATOM   472  C CA  A GLU B 2 41  ? -7.823  7.793   8.041   0.50  23.68 ? 282  GLU B CA  1 
ATOM   473  C CA  B GLU B 2 41  ? -7.580  7.705   7.966   0.50  24.02 ? 282  GLU B CA  1 
ATOM   474  C C   A GLU B 2 41  ? -7.846  7.975   6.513   0.50  24.21 ? 282  GLU B C   1 
ATOM   475  C C   B GLU B 2 41  ? -7.428  7.894   6.474   0.50  24.27 ? 282  GLU B C   1 
ATOM   476  O O   A GLU B 2 41  ? -7.869  9.116   6.027   0.50  23.37 ? 282  GLU B O   1 
ATOM   477  O O   B GLU B 2 41  ? -6.958  8.930   5.976   0.50  23.47 ? 282  GLU B O   1 
ATOM   478  C CB  A GLU B 2 41  ? -9.181  8.186   8.658   0.50  24.11 ? 282  GLU B CB  1 
ATOM   479  C CB  B GLU B 2 41  ? -9.043  7.865   8.387   0.50  24.31 ? 282  GLU B CB  1 
ATOM   480  C CG  A GLU B 2 41  ? -10.429 7.853   7.819   0.50  24.10 ? 282  GLU B CG  1 
ATOM   481  C CG  B GLU B 2 41  ? -9.714  9.134   7.884   0.50  25.59 ? 282  GLU B CG  1 
ATOM   482  C CD  A GLU B 2 41  ? -11.075 6.511   8.157   0.50  25.52 ? 282  GLU B CD  1 
ATOM   483  C CD  B GLU B 2 41  ? -11.222 9.055   7.895   0.50  27.19 ? 282  GLU B CD  1 
ATOM   484  O OE1 A GLU B 2 41  ? -10.650 5.840   9.128   0.50  24.54 ? 282  GLU B OE1 1 
ATOM   485  O OE1 B GLU B 2 41  ? -11.773 7.941   8.053   0.50  28.09 ? 282  GLU B OE1 1 
ATOM   486  O OE2 A GLU B 2 41  ? -12.031 6.123   7.448   0.50  26.80 ? 282  GLU B OE2 1 
ATOM   487  O OE2 B GLU B 2 41  ? -11.862 10.117  7.739   0.50  28.83 ? 282  GLU B OE2 1 
ATOM   488  N N   . VAL B 2 42  ? -7.837  6.857   5.776   1.00  24.89 ? 283  VAL B N   1 
ATOM   489  C CA  . VAL B 2 42  ? -7.913  6.865   4.326   1.00  25.96 ? 283  VAL B CA  1 
ATOM   490  C C   . VAL B 2 42  ? -9.369  6.555   3.934   1.00  26.27 ? 283  VAL B C   1 
ATOM   491  O O   . VAL B 2 42  ? -9.996  5.640   4.491   1.00  25.54 ? 283  VAL B O   1 
ATOM   492  C CB  . VAL B 2 42  ? -6.932  5.833   3.731   1.00  26.68 ? 283  VAL B CB  1 
ATOM   493  C CG1 . VAL B 2 42  ? -7.334  5.449   2.313   1.00  28.21 ? 283  VAL B CG1 1 
ATOM   494  C CG2 . VAL B 2 42  ? -5.490  6.374   3.770   1.00  27.56 ? 283  VAL B CG2 1 
ATOM   495  N N   . THR B 2 43  ? -9.903  7.343   3.002   1.00  26.51 ? 284  THR B N   1 
ATOM   496  C CA  . THR B 2 43  ? -11.248 7.118   2.465   1.00  27.65 ? 284  THR B CA  1 
ATOM   497  C C   . THR B 2 43  ? -11.247 6.695   0.992   1.00  27.50 ? 284  THR B C   1 
ATOM   498  O O   . THR B 2 43  ? -12.274 6.235   0.486   1.00  27.66 ? 284  THR B O   1 
ATOM   499  C CB  . THR B 2 43  ? -12.170 8.355   2.618   1.00  28.11 ? 284  THR B CB  1 
ATOM   500  O OG1 . THR B 2 43  ? -11.577 9.474   1.945   1.00  30.35 ? 284  THR B OG1 1 
ATOM   501  C CG2 . THR B 2 43  ? -12.400 8.707   4.099   1.00  29.18 ? 284  THR B CG2 1 
ATOM   502  N N   A GLU B 2 44  ? -10.092 6.795   0.334   0.63  27.12 ? 285  GLU B N   1 
ATOM   503  N N   B GLU B 2 44  ? -10.128 6.923   0.298   0.37  26.94 ? 285  GLU B N   1 
ATOM   504  C CA  A GLU B 2 44  ? -9.938  6.255   -1.016  0.63  27.20 ? 285  GLU B CA  1 
ATOM   505  C CA  B GLU B 2 44  ? -9.999  6.609   -1.132  0.37  26.65 ? 285  GLU B CA  1 
ATOM   506  C C   A GLU B 2 44  ? -8.500  5.884   -1.333  0.63  26.61 ? 285  GLU B C   1 
ATOM   507  C C   B GLU B 2 44  ? -8.588  6.143   -1.472  0.37  26.10 ? 285  GLU B C   1 
ATOM   508  O O   A GLU B 2 44  ? -7.578  6.694   -1.168  0.63  25.97 ? 285  GLU B O   1 
ATOM   509  O O   B GLU B 2 44  ? -7.635  6.927   -1.459  0.37  25.66 ? 285  GLU B O   1 
ATOM   510  C CB  A GLU B 2 44  ? -10.503 7.200   -2.079  0.63  28.05 ? 285  GLU B CB  1 
ATOM   511  C CB  B GLU B 2 44  ? -10.395 7.802   -2.019  0.37  26.99 ? 285  GLU B CB  1 
ATOM   512  C CG  A GLU B 2 44  ? -10.161 8.645   -1.875  0.63  29.12 ? 285  GLU B CG  1 
ATOM   513  C CG  B GLU B 2 44  ? -11.909 8.027   -2.168  0.37  27.90 ? 285  GLU B CG  1 
ATOM   514  C CD  A GLU B 2 44  ? -10.474 9.489   -3.083  0.63  31.40 ? 285  GLU B CD  1 
ATOM   515  C CD  B GLU B 2 44  ? -12.633 6.891   -2.896  0.37  29.72 ? 285  GLU B CD  1 
ATOM   516  O OE1 A GLU B 2 44  ? -11.575 9.350   -3.663  0.63  31.13 ? 285  GLU B OE1 1 
ATOM   517  O OE1 B GLU B 2 44  ? -12.432 6.728   -4.121  0.37  30.22 ? 285  GLU B OE1 1 
ATOM   518  O OE2 A GLU B 2 44  ? -9.596  10.297  -3.447  0.63  33.52 ? 285  GLU B OE2 1 
ATOM   519  O OE2 B GLU B 2 44  ? -13.426 6.174   -2.246  0.37  30.16 ? 285  GLU B OE2 1 
ATOM   520  N N   A LEU B 2 45  ? -8.332  4.647   -1.787  0.63  25.28 ? 286  LEU B N   1 
ATOM   521  N N   B LEU B 2 45  ? -8.468  4.854   -1.771  0.37  25.15 ? 286  LEU B N   1 
ATOM   522  C CA  A LEU B 2 45  ? -7.024  4.097   -2.120  0.63  25.08 ? 286  LEU B CA  1 
ATOM   523  C CA  B LEU B 2 45  ? -7.175  4.233   -2.046  0.37  24.87 ? 286  LEU B CA  1 
ATOM   524  C C   A LEU B 2 45  ? -6.458  4.677   -3.398  0.63  24.58 ? 286  LEU B C   1 
ATOM   525  C C   B LEU B 2 45  ? -6.506  4.765   -3.306  0.37  24.51 ? 286  LEU B C   1 
ATOM   526  O O   A LEU B 2 45  ? -5.254  4.591   -3.624  0.63  24.73 ? 286  LEU B O   1 
ATOM   527  O O   B LEU B 2 45  ? -5.282  4.734   -3.415  0.37  24.54 ? 286  LEU B O   1 
ATOM   528  C CB  A LEU B 2 45  ? -7.102  2.568   -2.282  0.63  24.49 ? 286  LEU B CB  1 
ATOM   529  C CB  B LEU B 2 45  ? -7.332  2.710   -2.172  0.37  24.65 ? 286  LEU B CB  1 
ATOM   530  C CG  A LEU B 2 45  ? -7.389  1.662   -1.086  0.63  25.24 ? 286  LEU B CG  1 
ATOM   531  C CG  B LEU B 2 45  ? -8.041  1.936   -1.060  0.37  24.73 ? 286  LEU B CG  1 
ATOM   532  C CD1 A LEU B 2 45  ? -7.323  0.203   -1.525  0.63  23.10 ? 286  LEU B CD1 1 
ATOM   533  C CD1 B LEU B 2 45  ? -8.129  0.464   -1.441  0.37  24.45 ? 286  LEU B CD1 1 
ATOM   534  C CD2 A LEU B 2 45  ? -6.421  1.922   0.064   0.63  24.43 ? 286  LEU B CD2 1 
ATOM   535  C CD2 B LEU B 2 45  ? -7.331  2.113   0.287   0.37  25.44 ? 286  LEU B CD2 1 
ATOM   536  N N   . GLU B 2 46  ? -7.321  5.233   -4.249  1.00  24.11 ? 287  GLU B N   1 
ATOM   537  C CA  . GLU B 2 46  ? -6.878  5.696   -5.563  1.00  24.50 ? 287  GLU B CA  1 
ATOM   538  C C   . GLU B 2 46  ? -5.897  6.874   -5.503  1.00  24.26 ? 287  GLU B C   1 
ATOM   539  O O   . GLU B 2 46  ? -4.985  6.968   -6.331  1.00  24.46 ? 287  GLU B O   1 
ATOM   540  C CB  . GLU B 2 46  ? -8.081  6.058   -6.443  1.00  24.08 ? 287  GLU B CB  1 
ATOM   541  C CG  . GLU B 2 46  ? -8.969  4.856   -6.842  1.00  26.49 ? 287  GLU B CG  1 
ATOM   542  C CD  . GLU B 2 46  ? -10.078 4.521   -5.833  1.00  28.37 ? 287  GLU B CD  1 
ATOM   543  O OE1 . GLU B 2 46  ? -10.048 4.991   -4.677  1.00  29.00 ? 287  GLU B OE1 1 
ATOM   544  O OE2 . GLU B 2 46  ? -11.001 3.767   -6.211  1.00  29.79 ? 287  GLU B OE2 1 
ATOM   545  N N   . THR B 2 47  ? -6.068  7.748   -4.511  1.00  24.02 ? 288  THR B N   1 
ATOM   546  C CA  . THR B 2 47  ? -5.310  9.003   -4.465  1.00  24.34 ? 288  THR B CA  1 
ATOM   547  C C   . THR B 2 47  ? -4.514  9.232   -3.176  1.00  24.10 ? 288  THR B C   1 
ATOM   548  O O   . THR B 2 47  ? -3.517  9.944   -3.180  1.00  24.29 ? 288  THR B O   1 
ATOM   549  C CB  . THR B 2 47  ? -6.242  10.217  -4.632  1.00  24.72 ? 288  THR B CB  1 
ATOM   550  O OG1 . THR B 2 47  ? -7.213  10.207  -3.570  1.00  27.42 ? 288  THR B OG1 1 
ATOM   551  C CG2 . THR B 2 47  ? -6.967  10.171  -5.989  1.00  24.54 ? 288  THR B CG2 1 
ATOM   552  N N   . GLN B 2 48  ? -4.957  8.641   -2.071  1.00  23.67 ? 289  GLN B N   1 
ATOM   553  C CA  . GLN B 2 48  ? -4.476  9.064   -0.752  1.00  23.75 ? 289  GLN B CA  1 
ATOM   554  C C   . GLN B 2 48  ? -3.143  8.478   -0.286  1.00  23.74 ? 289  GLN B C   1 
ATOM   555  O O   . GLN B 2 48  ? -2.630  8.883   0.767   1.00  23.82 ? 289  GLN B O   1 
ATOM   556  C CB  . GLN B 2 48  ? -5.585  8.927   0.300   1.00  23.76 ? 289  GLN B CB  1 
ATOM   557  C CG  . GLN B 2 48  ? -6.684  9.968   0.062   1.00  24.00 ? 289  GLN B CG  1 
ATOM   558  C CD  . GLN B 2 48  ? -7.952  9.757   0.876   1.00  25.44 ? 289  GLN B CD  1 
ATOM   559  O OE1 . GLN B 2 48  ? -8.045  8.861   1.700   1.00  24.81 ? 289  GLN B OE1 1 
ATOM   560  N NE2 . GLN B 2 48  ? -8.951  10.600  0.620   1.00  28.16 ? 289  GLN B NE2 1 
ATOM   561  N N   . PHE B 2 49  ? -2.582  7.543   -1.061  1.00  22.52 ? 290  PHE B N   1 
ATOM   562  C CA  . PHE B 2 49  ? -1.224  7.060   -0.840  1.00  23.08 ? 290  PHE B CA  1 
ATOM   563  C C   . PHE B 2 49  ? -0.210  7.643   -1.835  1.00  22.54 ? 290  PHE B C   1 
ATOM   564  O O   . PHE B 2 49  ? 0.993   7.450   -1.689  1.00  23.56 ? 290  PHE B O   1 
ATOM   565  C CB  . PHE B 2 49  ? -1.195  5.518   -0.866  1.00  23.54 ? 290  PHE B CB  1 
ATOM   566  C CG  . PHE B 2 49  ? -1.874  4.899   0.327   1.00  23.80 ? 290  PHE B CG  1 
ATOM   567  C CD1 . PHE B 2 49  ? -1.233  4.864   1.554   1.00  25.71 ? 290  PHE B CD1 1 
ATOM   568  C CD2 . PHE B 2 49  ? -3.144  4.362   0.224   1.00  26.92 ? 290  PHE B CD2 1 
ATOM   569  C CE1 . PHE B 2 49  ? -1.843  4.312   2.674   1.00  27.37 ? 290  PHE B CE1 1 
ATOM   570  C CE2 . PHE B 2 49  ? -3.777  3.815   1.353   1.00  25.08 ? 290  PHE B CE2 1 
ATOM   571  C CZ  . PHE B 2 49  ? -3.113  3.774   2.568   1.00  25.36 ? 290  PHE B CZ  1 
ATOM   572  N N   . ALA B 2 50  ? -0.695  8.381   -2.826  1.00  22.77 ? 291  ALA B N   1 
ATOM   573  C CA  . ALA B 2 50  ? 0.174   8.842   -3.909  1.00  22.54 ? 291  ALA B CA  1 
ATOM   574  C C   . ALA B 2 50  ? 1.352   9.745   -3.476  1.00  23.44 ? 291  ALA B C   1 
ATOM   575  O O   . ALA B 2 50  ? 2.414   9.738   -4.118  1.00  24.27 ? 291  ALA B O   1 
ATOM   576  C CB  . ALA B 2 50  ? -0.660  9.518   -5.000  1.00  23.13 ? 291  ALA B CB  1 
ATOM   577  N N   . ASP B 2 51  ? 1.173   10.540  -2.427  1.00  23.01 ? 292  ASP B N   1 
ATOM   578  C CA  . ASP B 2 51  ? 2.271   11.423  -1.987  1.00  22.98 ? 292  ASP B CA  1 
ATOM   579  C C   . ASP B 2 51  ? 3.287   10.754  -1.072  1.00  22.53 ? 292  ASP B C   1 
ATOM   580  O O   . ASP B 2 51  ? 4.247   11.395  -0.634  1.00  21.99 ? 292  ASP B O   1 
ATOM   581  C CB  . ASP B 2 51  ? 1.761   12.757  -1.410  1.00  23.34 ? 292  ASP B CB  1 
ATOM   582  C CG  . ASP B 2 51  ? 1.007   12.598  -0.095  1.00  25.54 ? 292  ASP B CG  1 
ATOM   583  O OD1 . ASP B 2 51  ? 1.146   11.550  0.592   1.00  25.22 ? 292  ASP B OD1 1 
ATOM   584  O OD2 . ASP B 2 51  ? 0.321   13.576  0.283   1.00  27.33 ? 292  ASP B OD2 1 
ATOM   585  N N   . GLY B 2 52  ? 3.073   9.469   -0.774  1.00  21.71 ? 293  GLY B N   1 
ATOM   586  C CA  . GLY B 2 52  ? 4.019   8.681   0.014   1.00  21.62 ? 293  GLY B CA  1 
ATOM   587  C C   . GLY B 2 52  ? 4.009   8.842   1.525   1.00  21.43 ? 293  GLY B C   1 
ATOM   588  O O   . GLY B 2 52  ? 4.618   8.042   2.234   1.00  21.45 ? 293  GLY B O   1 
ATOM   589  N N   . VAL B 2 53  ? 3.327   9.873   2.019   1.00  22.06 ? 294  VAL B N   1 
ATOM   590  C CA  . VAL B 2 53  ? 3.365   10.186  3.443   1.00  22.16 ? 294  VAL B CA  1 
ATOM   591  C C   . VAL B 2 53  ? 2.768   9.055   4.291   1.00  22.41 ? 294  VAL B C   1 
ATOM   592  O O   . VAL B 2 53  ? 3.430   8.557   5.203   1.00  21.30 ? 294  VAL B O   1 
ATOM   593  C CB  . VAL B 2 53  ? 2.707   11.549  3.760   1.00  21.99 ? 294  VAL B CB  1 
ATOM   594  C CG1 . VAL B 2 53  ? 2.687   11.785  5.274   1.00  21.67 ? 294  VAL B CG1 1 
ATOM   595  C CG2 . VAL B 2 53  ? 3.443   12.691  3.017   1.00  22.35 ? 294  VAL B CG2 1 
ATOM   596  N N   . TYR B 2 54  ? 1.528   8.650   3.995   1.00  22.78 ? 295  TYR B N   1 
ATOM   597  C CA  . TYR B 2 54  ? 0.892   7.547   4.743   1.00  23.80 ? 295  TYR B CA  1 
ATOM   598  C C   . TYR B 2 54  ? 1.632   6.214   4.664   1.00  23.82 ? 295  TYR B C   1 
ATOM   599  O O   . TYR B 2 54  ? 1.661   5.471   5.640   1.00  23.87 ? 295  TYR B O   1 
ATOM   600  C CB  . TYR B 2 54  ? -0.582  7.394   4.355   1.00  25.36 ? 295  TYR B CB  1 
ATOM   601  C CG  . TYR B 2 54  ? -1.467  8.504   4.899   1.00  26.33 ? 295  TYR B CG  1 
ATOM   602  C CD1 . TYR B 2 54  ? -0.930  9.593   5.592   1.00  28.90 ? 295  TYR B CD1 1 
ATOM   603  C CD2 . TYR B 2 54  ? -2.845  8.482   4.688   1.00  30.14 ? 295  TYR B CD2 1 
ATOM   604  C CE1 . TYR B 2 54  ? -1.746  10.612  6.078   1.00  29.10 ? 295  TYR B CE1 1 
ATOM   605  C CE2 . TYR B 2 54  ? -3.674  9.506   5.170   1.00  28.83 ? 295  TYR B CE2 1 
ATOM   606  C CZ  . TYR B 2 54  ? -3.110  10.567  5.858   1.00  29.80 ? 295  TYR B CZ  1 
ATOM   607  O OH  . TYR B 2 54  ? -3.902  11.600  6.346   1.00  28.10 ? 295  TYR B OH  1 
ATOM   608  N N   A LEU B 2 55  ? 2.240   5.916   3.513   0.51  23.52 ? 296  LEU B N   1 
ATOM   609  N N   B LEU B 2 55  ? 2.243   5.933   3.514   0.49  23.41 ? 296  LEU B N   1 
ATOM   610  C CA  A LEU B 2 55  ? 3.040   4.701   3.381   0.51  23.15 ? 296  LEU B CA  1 
ATOM   611  C CA  B LEU B 2 55  ? 3.039   4.724   3.347   0.49  22.87 ? 296  LEU B CA  1 
ATOM   612  C C   A LEU B 2 55  ? 4.225   4.714   4.336   0.51  22.74 ? 296  LEU B C   1 
ATOM   613  C C   B LEU B 2 55  ? 4.233   4.712   4.297   0.49  22.61 ? 296  LEU B C   1 
ATOM   614  O O   A LEU B 2 55  ? 4.490   3.722   5.009   0.51  22.75 ? 296  LEU B O   1 
ATOM   615  O O   B LEU B 2 55  ? 4.510   3.697   4.930   0.49  22.69 ? 296  LEU B O   1 
ATOM   616  C CB  A LEU B 2 55  ? 3.505   4.484   1.941   0.51  23.33 ? 296  LEU B CB  1 
ATOM   617  C CB  B LEU B 2 55  ? 3.486   4.564   1.893   0.49  23.04 ? 296  LEU B CB  1 
ATOM   618  C CG  A LEU B 2 55  ? 2.550   3.791   0.964   0.51  24.52 ? 296  LEU B CG  1 
ATOM   619  C CG  B LEU B 2 55  ? 2.428   4.252   0.826   0.49  23.17 ? 296  LEU B CG  1 
ATOM   620  C CD1 A LEU B 2 55  ? 3.230   3.667   -0.397  0.51  23.10 ? 296  LEU B CD1 1 
ATOM   621  C CD1 B LEU B 2 55  ? 3.112   4.246   -0.545  0.49  23.30 ? 296  LEU B CD1 1 
ATOM   622  C CD2 A LEU B 2 55  ? 2.118   2.407   1.472   0.51  23.29 ? 296  LEU B CD2 1 
ATOM   623  C CD2 B LEU B 2 55  ? 1.732   2.904   1.103   0.49  23.28 ? 296  LEU B CD2 1 
ATOM   624  N N   . VAL B 2 56  ? 4.915   5.849   4.425   1.00  22.30 ? 297  VAL B N   1 
ATOM   625  C CA  . VAL B 2 56  ? 6.074   5.960   5.341   1.00  21.85 ? 297  VAL B CA  1 
ATOM   626  C C   . VAL B 2 56  ? 5.593   5.760   6.781   1.00  22.80 ? 297  VAL B C   1 
ATOM   627  O O   . VAL B 2 56  ? 6.137   4.941   7.533   1.00  22.69 ? 297  VAL B O   1 
ATOM   628  C CB  . VAL B 2 56  ? 6.771   7.319   5.192   1.00  22.42 ? 297  VAL B CB  1 
ATOM   629  C CG1 . VAL B 2 56  ? 7.799   7.517   6.308   1.00  21.87 ? 297  VAL B CG1 1 
ATOM   630  C CG2 . VAL B 2 56  ? 7.438   7.407   3.815   1.00  20.17 ? 297  VAL B CG2 1 
ATOM   631  N N   . LEU B 2 57  ? 4.545   6.490   7.140   1.00  22.84 ? 298  LEU B N   1 
ATOM   632  C CA  . LEU B 2 57  ? 4.016   6.422   8.497   1.00  23.83 ? 298  LEU B CA  1 
ATOM   633  C C   . LEU B 2 57  ? 3.511   5.025   8.857   1.00  23.65 ? 298  LEU B C   1 
ATOM   634  O O   . LEU B 2 57  ? 3.755   4.556   9.970   1.00  24.07 ? 298  LEU B O   1 
ATOM   635  C CB  . LEU B 2 57  ? 2.935   7.491   8.713   1.00  24.02 ? 298  LEU B CB  1 
ATOM   636  C CG  . LEU B 2 57  ? 3.436   8.938   8.644   1.00  23.83 ? 298  LEU B CG  1 
ATOM   637  C CD1 . LEU B 2 57  ? 2.265   9.900   8.772   1.00  26.45 ? 298  LEU B CD1 1 
ATOM   638  C CD2 . LEU B 2 57  ? 4.491   9.227   9.706   1.00  23.91 ? 298  LEU B CD2 1 
ATOM   639  N N   . LEU B 2 58  ? 2.830   4.367   7.921   1.00  24.27 ? 299  LEU B N   1 
ATOM   640  C CA  . LEU B 2 58  ? 2.334   2.997   8.129   1.00  24.12 ? 299  LEU B CA  1 
ATOM   641  C C   . LEU B 2 58  ? 3.462   1.979   8.381   1.00  24.29 ? 299  LEU B C   1 
ATOM   642  O O   . LEU B 2 58  ? 3.345   1.123   9.252   1.00  22.12 ? 299  LEU B O   1 
ATOM   643  C CB  . LEU B 2 58  ? 1.479   2.563   6.942   1.00  24.28 ? 299  LEU B CB  1 
ATOM   644  C CG  . LEU B 2 58  ? 0.864   1.167   6.906   1.00  25.35 ? 299  LEU B CG  1 
ATOM   645  C CD1 . LEU B 2 58  ? -0.108  0.972   8.083   1.00  26.14 ? 299  LEU B CD1 1 
ATOM   646  C CD2 . LEU B 2 58  ? 0.152   1.024   5.572   1.00  27.42 ? 299  LEU B CD2 1 
ATOM   647  N N   . MET B 2 59  ? 4.543   2.060   7.602   0.99  24.11 ? 300  MET B N   1 
ATOM   648  C CA  . MET B 2 59  ? 5.685   1.175   7.823   0.99  24.88 ? 300  MET B CA  1 
ATOM   649  C C   . MET B 2 59  ? 6.334   1.375   9.182   0.99  25.55 ? 300  MET B C   1 
ATOM   650  O O   . MET B 2 59  ? 6.673   0.403   9.860   0.99  25.11 ? 300  MET B O   1 
ATOM   651  C CB  . MET B 2 59  ? 6.730   1.320   6.707   0.99  25.20 ? 300  MET B CB  1 
ATOM   652  C CG  . MET B 2 59  ? 6.212   0.946   5.341   0.99  25.53 ? 300  MET B CG  1 
ATOM   653  S SD  . MET B 2 59  ? 5.289   -0.601  5.349   0.99  32.84 ? 300  MET B SD  1 
ATOM   654  C CE  . MET B 2 59  ? 6.436   -1.717  6.029   0.99  20.82 ? 300  MET B CE  1 
ATOM   655  N N   . GLY B 2 60  ? 6.500   2.630   9.594   1.00  25.46 ? 301  GLY B N   1 
ATOM   656  C CA  . GLY B 2 60  ? 7.153   2.903   10.866  1.00  26.22 ? 301  GLY B CA  1 
ATOM   657  C C   . GLY B 2 60  ? 6.322   2.300   11.980  1.00  26.77 ? 301  GLY B C   1 
ATOM   658  O O   . GLY B 2 60  ? 6.863   1.729   12.933  1.00  26.84 ? 301  GLY B O   1 
ATOM   659  N N   . LEU B 2 61  ? 5.007   2.417   11.822  1.00  26.81 ? 302  LEU B N   1 
ATOM   660  C CA  A LEU B 2 61  ? 4.075   1.892   12.805  0.50  27.27 ? 302  LEU B CA  1 
ATOM   661  C CA  B LEU B 2 61  ? 4.005   1.892   12.752  0.50  27.67 ? 302  LEU B CA  1 
ATOM   662  C C   . LEU B 2 61  ? 4.113   0.375   12.868  1.00  27.69 ? 302  LEU B C   1 
ATOM   663  O O   . LEU B 2 61  ? 4.294   -0.179  13.952  1.00  27.76 ? 302  LEU B O   1 
ATOM   664  C CB  A LEU B 2 61  ? 2.654   2.374   12.540  0.50  27.01 ? 302  LEU B CB  1 
ATOM   665  C CB  B LEU B 2 61  ? 2.618   2.229   12.207  0.50  27.86 ? 302  LEU B CB  1 
ATOM   666  C CG  A LEU B 2 61  ? 1.615   1.989   13.592  0.50  26.57 ? 302  LEU B CG  1 
ATOM   667  C CG  B LEU B 2 61  ? 1.503   2.932   12.982  0.50  28.89 ? 302  LEU B CG  1 
ATOM   668  C CD1 A LEU B 2 61  ? 1.970   2.564   14.970  0.50  25.17 ? 302  LEU B CD1 1 
ATOM   669  C CD1 B LEU B 2 61  ? 0.376   3.235   12.012  0.50  28.35 ? 302  LEU B CD1 1 
ATOM   670  C CD2 A LEU B 2 61  ? 0.243   2.458   13.154  0.50  24.98 ? 302  LEU B CD2 1 
ATOM   671  C CD2 B LEU B 2 61  ? 0.998   2.113   14.157  0.50  30.47 ? 302  LEU B CD2 1 
ATOM   672  N N   . LEU B 2 62  ? 3.981   -0.285  11.713  1.00  27.70 ? 303  LEU B N   1 
ATOM   673  C CA  . LEU B 2 62  ? 3.941   -1.739  11.637  1.00  27.97 ? 303  LEU B CA  1 
ATOM   674  C C   . LEU B 2 62  ? 5.228   -2.413  12.103  1.00  28.78 ? 303  LEU B C   1 
ATOM   675  O O   . LEU B 2 62  ? 5.176   -3.499  12.686  1.00  29.08 ? 303  LEU B O   1 
ATOM   676  C CB  . LEU B 2 62  ? 3.579   -2.196  10.218  1.00  27.24 ? 303  LEU B CB  1 
ATOM   677  C CG  . LEU B 2 62  ? 2.164   -1.858  9.728   1.00  26.38 ? 303  LEU B CG  1 
ATOM   678  C CD1 . LEU B 2 62  ? 2.072   -2.018  8.229   1.00  25.43 ? 303  LEU B CD1 1 
ATOM   679  C CD2 . LEU B 2 62  ? 1.091   -2.667  10.451  1.00  25.64 ? 303  LEU B CD2 1 
ATOM   680  N N   . GLU B 2 63  ? 6.368   -1.770  11.858  1.00  29.62 ? 304  GLU B N   1 
ATOM   681  C CA  A GLU B 2 63  ? 7.702   -2.292  12.199  0.70  30.24 ? 304  GLU B CA  1 
ATOM   682  C CA  B GLU B 2 63  ? 7.633   -2.379  12.264  0.30  30.05 ? 304  GLU B CA  1 
ATOM   683  C C   . GLU B 2 63  ? 8.215   -1.811  13.563  1.00  30.70 ? 304  GLU B C   1 
ATOM   684  O O   . GLU B 2 63  ? 9.249   -2.287  14.050  1.00  31.02 ? 304  GLU B O   1 
ATOM   685  C CB  A GLU B 2 63  ? 8.712   -1.862  11.130  0.70  29.86 ? 304  GLU B CB  1 
ATOM   686  C CB  B GLU B 2 63  ? 8.653   -2.370  11.120  0.30  29.85 ? 304  GLU B CB  1 
ATOM   687  C CG  A GLU B 2 63  ? 8.431   -2.375  9.733   0.70  30.13 ? 304  GLU B CG  1 
ATOM   688  C CG  B GLU B 2 63  ? 8.406   -3.447  10.051  0.30  29.01 ? 304  GLU B CG  1 
ATOM   689  C CD  A GLU B 2 63  ? 9.316   -1.728  8.670   0.70  30.67 ? 304  GLU B CD  1 
ATOM   690  C CD  B GLU B 2 63  ? 8.558   -4.895  10.550  0.30  28.19 ? 304  GLU B CD  1 
ATOM   691  O OE1 A GLU B 2 63  ? 10.012  -0.726  8.961   0.70  31.74 ? 304  GLU B OE1 1 
ATOM   692  O OE1 B GLU B 2 63  ? 8.745   -5.127  11.763  0.30  28.38 ? 304  GLU B OE1 1 
ATOM   693  O OE2 A GLU B 2 63  ? 9.296   -2.224  7.529   0.70  30.08 ? 304  GLU B OE2 1 
ATOM   694  O OE2 B GLU B 2 63  ? 8.483   -5.818  9.711   0.30  27.07 ? 304  GLU B OE2 1 
ATOM   695  N N   . GLY B 2 64  ? 7.525   -0.833  14.150  1.00  31.44 ? 305  GLY B N   1 
ATOM   696  C CA  . GLY B 2 64  ? 7.951   -0.235  15.417  1.00  32.59 ? 305  GLY B CA  1 
ATOM   697  C C   . GLY B 2 64  ? 9.214   0.603   15.307  1.00  33.48 ? 305  GLY B C   1 
ATOM   698  O O   . GLY B 2 64  ? 9.977   0.708   16.262  1.00  33.60 ? 305  GLY B O   1 
ATOM   699  N N   . TYR B 2 65  ? 9.444   1.173   14.126  1.00  34.53 ? 306  TYR B N   1 
ATOM   700  C CA  . TYR B 2 65  ? 10.473  2.182   13.936  1.00  35.15 ? 306  TYR B CA  1 
ATOM   701  C C   . TYR B 2 65  ? 9.839   3.562   14.053  1.00  35.18 ? 306  TYR B C   1 
ATOM   702  O O   . TYR B 2 65  ? 8.799   3.843   13.453  1.00  35.09 ? 306  TYR B O   1 
ATOM   703  C CB  . TYR B 2 65  ? 11.130  2.060   12.554  1.00  35.84 ? 306  TYR B CB  1 
ATOM   704  C CG  . TYR B 2 65  ? 12.159  0.954   12.416  1.00  36.73 ? 306  TYR B CG  1 
ATOM   705  C CD1 . TYR B 2 65  ? 11.990  -0.066  11.474  1.00  37.77 ? 306  TYR B CD1 1 
ATOM   706  C CD2 . TYR B 2 65  ? 13.307  0.931   13.219  1.00  37.51 ? 306  TYR B CD2 1 
ATOM   707  C CE1 . TYR B 2 65  ? 12.946  -1.087  11.336  1.00  38.02 ? 306  TYR B CE1 1 
ATOM   708  C CE2 . TYR B 2 65  ? 14.256  -0.084  13.097  1.00  38.26 ? 306  TYR B CE2 1 
ATOM   709  C CZ  . TYR B 2 65  ? 14.066  -1.091  12.152  1.00  37.94 ? 306  TYR B CZ  1 
ATOM   710  O OH  . TYR B 2 65  ? 15.003  -2.096  12.027  1.00  37.84 ? 306  TYR B OH  1 
ATOM   711  N N   . PHE B 2 66  ? 10.468  4.417   14.848  1.00  35.21 ? 307  PHE B N   1 
ATOM   712  C CA  . PHE B 2 66  ? 10.137  5.829   14.869  1.00  34.84 ? 307  PHE B CA  1 
ATOM   713  C C   . PHE B 2 66  ? 10.784  6.423   13.623  1.00  34.03 ? 307  PHE B C   1 
ATOM   714  O O   . PHE B 2 66  ? 12.005  6.332   13.448  1.00  34.69 ? 307  PHE B O   1 
ATOM   715  C CB  . PHE B 2 66  ? 10.679  6.455   16.159  1.00  35.63 ? 307  PHE B CB  1 
ATOM   716  C CG  . PHE B 2 66  ? 10.997  7.920   16.052  1.00  36.69 ? 307  PHE B CG  1 
ATOM   717  C CD1 . PHE B 2 66  ? 9.975   8.871   15.991  1.00  38.32 ? 307  PHE B CD1 1 
ATOM   718  C CD2 . PHE B 2 66  ? 12.321  8.353   16.039  1.00  37.01 ? 307  PHE B CD2 1 
ATOM   719  C CE1 . PHE B 2 66  ? 10.271  10.230  15.904  1.00  38.08 ? 307  PHE B CE1 1 
ATOM   720  C CE2 . PHE B 2 66  ? 12.630  9.711   15.953  1.00  37.72 ? 307  PHE B CE2 1 
ATOM   721  C CZ  . PHE B 2 66  ? 11.605  10.651  15.887  1.00  37.99 ? 307  PHE B CZ  1 
ATOM   722  N N   . VAL B 2 67  ? 9.966   6.986   12.737  1.00  32.69 ? 308  VAL B N   1 
ATOM   723  C CA  . VAL B 2 67  ? 10.497  7.607   11.527  1.00  31.19 ? 308  VAL B CA  1 
ATOM   724  C C   . VAL B 2 67  ? 10.624  9.116   11.740  1.00  30.45 ? 308  VAL B C   1 
ATOM   725  O O   . VAL B 2 67  ? 9.613   9.804   11.903  1.00  30.29 ? 308  VAL B O   1 
ATOM   726  C CB  . VAL B 2 67  ? 9.654   7.294   10.272  1.00  31.34 ? 308  VAL B CB  1 
ATOM   727  C CG1 . VAL B 2 67  ? 10.287  7.918   9.048   1.00  31.07 ? 308  VAL B CG1 1 
ATOM   728  C CG2 . VAL B 2 67  ? 9.518   5.788   10.073  1.00  30.63 ? 308  VAL B CG2 1 
ATOM   729  N N   . PRO B 2 68  ? 11.864  9.630   11.723  1.00  29.37 ? 309  PRO B N   1 
ATOM   730  C CA  . PRO B 2 68  ? 12.087  11.034  12.016  1.00  28.24 ? 309  PRO B CA  1 
ATOM   731  C C   . PRO B 2 68  ? 11.623  11.882  10.844  1.00  27.17 ? 309  PRO B C   1 
ATOM   732  O O   . PRO B 2 68  ? 11.748  11.462  9.687   1.00  25.54 ? 309  PRO B O   1 
ATOM   733  C CB  . PRO B 2 68  ? 13.612  11.124  12.184  1.00  28.86 ? 309  PRO B CB  1 
ATOM   734  C CG  . PRO B 2 68  ? 14.112  9.691   12.194  1.00  29.13 ? 309  PRO B CG  1 
ATOM   735  C CD  . PRO B 2 68  ? 13.123  8.945   11.390  1.00  29.73 ? 309  PRO B CD  1 
ATOM   736  N N   . LEU B 2 69  ? 11.091  13.070  11.143  1.00  25.83 ? 310  LEU B N   1 
ATOM   737  C CA  . LEU B 2 69  ? 10.588  13.957  10.096  1.00  24.74 ? 310  LEU B CA  1 
ATOM   738  C C   . LEU B 2 69  ? 11.684  14.390  9.138   1.00  23.76 ? 310  LEU B C   1 
ATOM   739  O O   . LEU B 2 69  ? 11.407  14.655  7.980   1.00  23.60 ? 310  LEU B O   1 
ATOM   740  C CB  . LEU B 2 69  ? 9.898   15.190  10.692  1.00  24.96 ? 310  LEU B CB  1 
ATOM   741  C CG  . LEU B 2 69  ? 8.563   14.905  11.387  1.00  24.88 ? 310  LEU B CG  1 
ATOM   742  C CD1 . LEU B 2 69  ? 7.953   16.178  11.968  1.00  25.79 ? 310  LEU B CD1 1 
ATOM   743  C CD2 . LEU B 2 69  ? 7.586   14.226  10.435  1.00  27.98 ? 310  LEU B CD2 1 
ATOM   744  N N   . HIS B 2 70  ? 12.924  14.466  9.621   1.00  23.33 ? 311  HIS B N   1 
ATOM   745  C CA  A HIS B 2 70  ? 14.040  14.869  8.767   0.56  23.32 ? 311  HIS B CA  1 
ATOM   746  C CA  B HIS B 2 70  ? 14.052  14.863  8.776   0.44  23.55 ? 311  HIS B CA  1 
ATOM   747  C C   . HIS B 2 70  ? 14.358  13.833  7.674   1.00  22.98 ? 311  HIS B C   1 
ATOM   748  O O   . HIS B 2 70  ? 15.098  14.131  6.726   1.00  22.69 ? 311  HIS B O   1 
ATOM   749  C CB  A HIS B 2 70  ? 15.292  15.243  9.594   0.56  23.41 ? 311  HIS B CB  1 
ATOM   750  C CB  B HIS B 2 70  ? 15.299  15.158  9.631   0.44  23.87 ? 311  HIS B CB  1 
ATOM   751  C CG  A HIS B 2 70  ? 15.845  14.120  10.422  0.56  23.90 ? 311  HIS B CG  1 
ATOM   752  C CG  B HIS B 2 70  ? 16.588  14.758  8.980   0.44  25.31 ? 311  HIS B CG  1 
ATOM   753  N ND1 A HIS B 2 70  ? 15.913  14.176  11.798  0.56  24.51 ? 311  HIS B ND1 1 
ATOM   754  N ND1 B HIS B 2 70  ? 17.100  15.409  7.878   0.44  26.84 ? 311  HIS B ND1 1 
ATOM   755  C CD2 A HIS B 2 70  ? 16.367  12.920  10.069  0.56  24.00 ? 311  HIS B CD2 1 
ATOM   756  C CD2 B HIS B 2 70  ? 17.459  13.763  9.267   0.44  26.95 ? 311  HIS B CD2 1 
ATOM   757  C CE1 A HIS B 2 70  ? 16.453  13.060  12.256  0.56  24.36 ? 311  HIS B CE1 1 
ATOM   758  C CE1 B HIS B 2 70  ? 18.232  14.833  7.513   0.44  27.74 ? 311  HIS B CE1 1 
ATOM   759  N NE2 A HIS B 2 70  ? 16.733  12.280  11.228  0.56  24.46 ? 311  HIS B NE2 1 
ATOM   760  N NE2 B HIS B 2 70  ? 18.475  13.833  8.342   0.44  28.39 ? 311  HIS B NE2 1 
ATOM   761  N N   A SER B 2 71  ? 13.791  12.635  7.800   0.56  22.80 ? 312  SER B N   1 
ATOM   762  N N   B SER B 2 71  ? 13.772  12.644  7.795   0.44  22.81 ? 312  SER B N   1 
ATOM   763  C CA  A SER B 2 71  ? 14.049  11.534  6.851   0.56  22.81 ? 312  SER B CA  1 
ATOM   764  C CA  B SER B 2 71  ? 14.038  11.528  6.874   0.44  22.75 ? 312  SER B CA  1 
ATOM   765  C C   A SER B 2 71  ? 13.179  11.554  5.585   0.56  22.85 ? 312  SER B C   1 
ATOM   766  C C   B SER B 2 71  ? 13.090  11.443  5.666   0.44  22.72 ? 312  SER B C   1 
ATOM   767  O O   A SER B 2 71  ? 13.473  10.857  4.602   0.56  22.69 ? 312  SER B O   1 
ATOM   768  O O   B SER B 2 71  ? 13.252  10.575  4.799   0.44  22.42 ? 312  SER B O   1 
ATOM   769  C CB  A SER B 2 71  ? 13.881  10.191  7.559   0.56  22.89 ? 312  SER B CB  1 
ATOM   770  C CB  B SER B 2 71  ? 14.024  10.206  7.647   0.44  22.75 ? 312  SER B CB  1 
ATOM   771  O OG  A SER B 2 71  ? 14.896  9.995   8.515   0.56  23.77 ? 312  SER B OG  1 
ATOM   772  O OG  B SER B 2 71  ? 14.987  10.219  8.682   0.44  23.71 ? 312  SER B OG  1 
ATOM   773  N N   . PHE B 2 72  ? 12.104  12.332  5.610   1.00  22.47 ? 313  PHE B N   1 
ATOM   774  C CA  . PHE B 2 72  ? 11.166  12.382  4.477   1.00  22.46 ? 313  PHE B CA  1 
ATOM   775  C C   . PHE B 2 72  ? 10.479  13.745  4.371   1.00  22.18 ? 313  PHE B C   1 
ATOM   776  O O   . PHE B 2 72  ? 10.867  14.683  5.069   1.00  22.34 ? 313  PHE B O   1 
ATOM   777  C CB  . PHE B 2 72  ? 10.167  11.209  4.505   1.00  22.40 ? 313  PHE B CB  1 
ATOM   778  C CG  . PHE B 2 72  ? 9.149   11.278  5.629   1.00  23.67 ? 313  PHE B CG  1 
ATOM   779  C CD1 . PHE B 2 72  ? 7.811   11.552  5.346   1.00  24.40 ? 313  PHE B CD1 1 
ATOM   780  C CD2 . PHE B 2 72  ? 9.525   11.054  6.954   1.00  23.29 ? 313  PHE B CD2 1 
ATOM   781  C CE1 . PHE B 2 72  ? 6.859   11.617  6.374   1.00  24.67 ? 313  PHE B CE1 1 
ATOM   782  C CE2 . PHE B 2 72  ? 8.579   11.126  8.002   1.00  24.52 ? 313  PHE B CE2 1 
ATOM   783  C CZ  . PHE B 2 72  ? 7.251   11.400  7.712   1.00  24.14 ? 313  PHE B CZ  1 
ATOM   784  N N   . PHE B 2 73  ? 9.488   13.856  3.487   1.00  21.99 ? 314  PHE B N   1 
ATOM   785  C CA  . PHE B 2 73  ? 8.783   15.125  3.312   1.00  22.05 ? 314  PHE B CA  1 
ATOM   786  C C   . PHE B 2 73  ? 7.344   14.977  3.788   1.00  22.47 ? 314  PHE B C   1 
ATOM   787  O O   . PHE B 2 73  ? 6.506   14.366  3.119   1.00  22.28 ? 314  PHE B O   1 
ATOM   788  C CB  . PHE B 2 73  ? 8.828   15.588  1.858   1.00  22.49 ? 314  PHE B CB  1 
ATOM   789  C CG  . PHE B 2 73  ? 10.216  15.814  1.346   1.00  22.53 ? 314  PHE B CG  1 
ATOM   790  C CD1 . PHE B 2 73  ? 10.877  17.020  1.587   1.00  22.40 ? 314  PHE B CD1 1 
ATOM   791  C CD2 . PHE B 2 73  ? 10.864  14.818  0.621   1.00  22.95 ? 314  PHE B CD2 1 
ATOM   792  C CE1 . PHE B 2 73  ? 12.196  17.228  1.112   1.00  22.06 ? 314  PHE B CE1 1 
ATOM   793  C CE2 . PHE B 2 73  ? 12.171  15.006  0.147   1.00  23.74 ? 314  PHE B CE2 1 
ATOM   794  C CZ  . PHE B 2 73  ? 12.831  16.219  0.392   1.00  22.62 ? 314  PHE B CZ  1 
ATOM   795  N N   . LEU B 2 74  ? 7.062   15.540  4.951   1.00  22.12 ? 315  LEU B N   1 
ATOM   796  C CA  . LEU B 2 74  ? 5.724   15.423  5.530   1.00  22.94 ? 315  LEU B CA  1 
ATOM   797  C C   . LEU B 2 74  ? 4.678   16.166  4.670   1.00  23.31 ? 315  LEU B C   1 
ATOM   798  O O   . LEU B 2 74  ? 3.522   15.736  4.575   1.00  23.54 ? 315  LEU B O   1 
ATOM   799  C CB  . LEU B 2 74  ? 5.748   15.962  6.961   1.00  22.42 ? 315  LEU B CB  1 
ATOM   800  C CG  . LEU B 2 74  ? 4.469   15.866  7.792   1.00  23.37 ? 315  LEU B CG  1 
ATOM   801  C CD1 . LEU B 2 74  ? 4.234   14.424  8.256   1.00  26.27 ? 315  LEU B CD1 1 
ATOM   802  C CD2 . LEU B 2 74  ? 4.568   16.834  8.971   1.00  23.69 ? 315  LEU B CD2 1 
ATOM   803  N N   A THR B 2 75  ? 5.092   17.291  4.088   0.13  23.64 ? 316  THR B N   1 
ATOM   804  N N   B THR B 2 75  ? 5.100   17.256  4.035   0.87  23.66 ? 316  THR B N   1 
ATOM   805  C CA  A THR B 2 75  ? 4.239   18.106  3.222   0.13  23.95 ? 316  THR B CA  1 
ATOM   806  C CA  B THR B 2 75  ? 4.230   18.096  3.217   0.87  24.54 ? 316  THR B CA  1 
ATOM   807  C C   A THR B 2 75  ? 4.920   18.274  1.858   0.13  24.60 ? 316  THR B C   1 
ATOM   808  C C   B THR B 2 75  ? 4.853   18.291  1.834   0.87  25.10 ? 316  THR B C   1 
ATOM   809  O O   A THR B 2 75  ? 5.486   19.334  1.570   0.13  24.59 ? 316  THR B O   1 
ATOM   810  O O   B THR B 2 75  ? 5.302   19.391  1.492   0.87  25.25 ? 316  THR B O   1 
ATOM   811  C CB  A THR B 2 75  ? 3.954   19.500  3.847   0.13  23.98 ? 316  THR B CB  1 
ATOM   812  C CB  B THR B 2 75  ? 4.021   19.481  3.888   0.87  25.13 ? 316  THR B CB  1 
ATOM   813  O OG1 A THR B 2 75  ? 3.757   19.372  5.260   0.13  23.17 ? 316  THR B OG1 1 
ATOM   814  O OG1 B THR B 2 75  ? 5.301   20.049  4.159   0.87  27.38 ? 316  THR B OG1 1 
ATOM   815  C CG2 A THR B 2 75  ? 2.722   20.142  3.216   0.13  23.38 ? 316  THR B CG2 1 
ATOM   816  C CG2 B THR B 2 75  ? 3.282   19.340  5.191   0.87  23.33 ? 316  THR B CG2 1 
ATOM   817  N N   . PRO B 2 76  ? 4.891   17.219  1.020   1.00  24.98 ? 317  PRO B N   1 
ATOM   818  C CA  . PRO B 2 76  ? 5.596   17.298  -0.272  1.00  25.56 ? 317  PRO B CA  1 
ATOM   819  C C   . PRO B 2 76  ? 4.940   18.283  -1.243  1.00  25.73 ? 317  PRO B C   1 
ATOM   820  O O   . PRO B 2 76  ? 3.711   18.360  -1.311  1.00  26.94 ? 317  PRO B O   1 
ATOM   821  C CB  . PRO B 2 76  ? 5.527   15.867  -0.809  1.00  24.93 ? 317  PRO B CB  1 
ATOM   822  C CG  . PRO B 2 76  ? 4.336   15.249  -0.127  1.00  25.56 ? 317  PRO B CG  1 
ATOM   823  C CD  . PRO B 2 76  ? 4.261   15.892  1.232   1.00  25.43 ? 317  PRO B CD  1 
ATOM   824  N N   . ASP B 2 77  ? 5.758   19.031  -1.975  1.00  26.13 ? 318  ASP B N   1 
ATOM   825  C CA  . ASP B 2 77  ? 5.252   20.102  -2.833  1.00  25.74 ? 318  ASP B CA  1 
ATOM   826  C C   . ASP B 2 77  ? 5.642   19.939  -4.290  1.00  25.28 ? 318  ASP B C   1 
ATOM   827  O O   . ASP B 2 77  ? 5.435   20.853  -5.102  1.00  26.10 ? 318  ASP B O   1 
ATOM   828  C CB  . ASP B 2 77  ? 5.707   21.476  -2.313  1.00  25.86 ? 318  ASP B CB  1 
ATOM   829  C CG  . ASP B 2 77  ? 7.213   21.728  -2.502  0.50  25.76 ? 318  ASP B CG  1 
ATOM   830  O OD1 . ASP B 2 77  ? 7.893   20.989  -3.252  0.50  24.13 ? 318  ASP B OD1 1 
ATOM   831  O OD2 . ASP B 2 77  ? 7.716   22.703  -1.903  0.50  27.51 ? 318  ASP B OD2 1 
ATOM   832  N N   . SER B 2 78  ? 6.220   18.788  -4.610  1.00  24.28 ? 319  SER B N   1 
ATOM   833  C CA  . SER B 2 78  ? 6.635   18.489  -5.962  1.00  23.74 ? 319  SER B CA  1 
ATOM   834  C C   . SER B 2 78  ? 6.522   16.996  -6.236  1.00  23.64 ? 319  SER B C   1 
ATOM   835  O O   . SER B 2 78  ? 6.515   16.176  -5.318  1.00  23.09 ? 319  SER B O   1 
ATOM   836  C CB  . SER B 2 78  ? 8.083   18.938  -6.174  1.00  23.46 ? 319  SER B CB  1 
ATOM   837  O OG  . SER B 2 78  ? 8.955   18.124  -5.414  1.00  21.73 ? 319  SER B OG  1 
ATOM   838  N N   . PHE B 2 79  ? 6.470   16.654  -7.518  1.00  23.63 ? 320  PHE B N   1 
ATOM   839  C CA  . PHE B 2 79  ? 6.531   15.271  -7.947  1.00  23.50 ? 320  PHE B CA  1 
ATOM   840  C C   . PHE B 2 79  ? 7.729   14.561  -7.310  1.00  23.34 ? 320  PHE B C   1 
ATOM   841  O O   . PHE B 2 79  ? 7.577   13.469  -6.764  1.00  23.09 ? 320  PHE B O   1 
ATOM   842  C CB  . PHE B 2 79  ? 6.652   15.221  -9.467  1.00  23.87 ? 320  PHE B CB  1 
ATOM   843  C CG  . PHE B 2 79  ? 6.705   13.831  -10.029 1.00  24.11 ? 320  PHE B CG  1 
ATOM   844  C CD1 . PHE B 2 79  ? 5.546   13.072  -10.149 1.00  23.72 ? 320  PHE B CD1 1 
ATOM   845  C CD2 . PHE B 2 79  ? 7.919   13.294  -10.467 1.00  24.63 ? 320  PHE B CD2 1 
ATOM   846  C CE1 . PHE B 2 79  ? 5.582   11.791  -10.689 1.00  22.64 ? 320  PHE B CE1 1 
ATOM   847  C CE2 . PHE B 2 79  ? 7.964   12.005  -11.005 1.00  25.57 ? 320  PHE B CE2 1 
ATOM   848  C CZ  . PHE B 2 79  ? 6.795   11.255  -11.108 1.00  23.80 ? 320  PHE B CZ  1 
ATOM   849  N N   A GLU B 2 80  ? 8.913   15.175  -7.376  0.50  23.17 ? 321  GLU B N   1 
ATOM   850  N N   B GLU B 2 80  ? 8.889   15.214  -7.400  0.50  22.91 ? 321  GLU B N   1 
ATOM   851  C CA  A GLU B 2 80  ? 10.133  14.526  -6.867  0.50  23.03 ? 321  GLU B CA  1 
ATOM   852  C CA  B GLU B 2 80  ? 10.172  14.724  -6.890  0.50  22.52 ? 321  GLU B CA  1 
ATOM   853  C C   A GLU B 2 80  ? 10.133  14.290  -5.341  0.50  22.52 ? 321  GLU B C   1 
ATOM   854  C C   B GLU B 2 80  ? 10.124  14.334  -5.394  0.50  22.27 ? 321  GLU B C   1 
ATOM   855  O O   A GLU B 2 80  ? 10.610  13.253  -4.883  0.50  21.90 ? 321  GLU B O   1 
ATOM   856  O O   B GLU B 2 80  ? 10.545  13.242  -5.014  0.50  21.70 ? 321  GLU B O   1 
ATOM   857  C CB  A GLU B 2 80  ? 11.404  15.253  -7.343  0.50  23.50 ? 321  GLU B CB  1 
ATOM   858  C CB  B GLU B 2 80  ? 11.262  15.778  -7.169  0.50  22.82 ? 321  GLU B CB  1 
ATOM   859  C CG  A GLU B 2 80  ? 12.662  14.374  -7.412  0.50  25.13 ? 321  GLU B CG  1 
ATOM   860  C CG  B GLU B 2 80  ? 11.642  15.962  -8.662  0.50  22.90 ? 321  GLU B CG  1 
ATOM   861  C CD  A GLU B 2 80  ? 12.452  13.042  -8.146  0.50  27.73 ? 321  GLU B CD  1 
ATOM   862  C CD  B GLU B 2 80  ? 10.528  16.543  -9.565  0.50  23.82 ? 321  GLU B CD  1 
ATOM   863  O OE1 A GLU B 2 80  ? 12.930  12.006  -7.634  0.50  29.62 ? 321  GLU B OE1 1 
ATOM   864  O OE1 B GLU B 2 80  ? 9.662   17.320  -9.091  0.50  19.29 ? 321  GLU B OE1 1 
ATOM   865  O OE2 A GLU B 2 80  ? 11.819  13.017  -9.225  0.50  28.73 ? 321  GLU B OE2 1 
ATOM   866  O OE2 B GLU B 2 80  ? 10.535  16.217  -10.778 0.50  25.79 ? 321  GLU B OE2 1 
ATOM   867  N N   . GLN B 2 81  ? 9.594   15.228  -4.561  1.00  21.80 ? 322  GLN B N   1 
ATOM   868  C CA  . GLN B 2 81  ? 9.432   14.986  -3.122  1.00  21.75 ? 322  GLN B CA  1 
ATOM   869  C C   . GLN B 2 81  ? 8.523   13.774  -2.846  1.00  21.65 ? 322  GLN B C   1 
ATOM   870  O O   . GLN B 2 81  ? 8.807   12.942  -1.966  1.00  21.06 ? 322  GLN B O   1 
ATOM   871  C CB  . GLN B 2 81  ? 8.907   16.235  -2.415  1.00  21.80 ? 322  GLN B CB  1 
ATOM   872  C CG  . GLN B 2 81  ? 9.972   17.335  -2.303  1.00  22.41 ? 322  GLN B CG  1 
ATOM   873  C CD  . GLN B 2 81  ? 9.485   18.552  -1.543  1.00  22.84 ? 322  GLN B CD  1 
ATOM   874  O OE1 . GLN B 2 81  ? 8.422   18.532  -0.932  1.00  25.63 ? 322  GLN B OE1 1 
ATOM   875  N NE2 . GLN B 2 81  ? 10.272  19.623  -1.578  1.00  26.41 ? 322  GLN B NE2 1 
ATOM   876  N N   . LYS B 2 82  ? 7.450   13.656  -3.625  1.00  21.00 ? 323  LYS B N   1 
ATOM   877  C CA  . LYS B 2 82  ? 6.534   12.526  -3.486  1.00  21.45 ? 323  LYS B CA  1 
ATOM   878  C C   . LYS B 2 82  ? 7.215   11.224  -3.898  1.00  21.14 ? 323  LYS B C   1 
ATOM   879  O O   . LYS B 2 82  ? 7.055   10.218  -3.209  1.00  20.59 ? 323  LYS B O   1 
ATOM   880  C CB  . LYS B 2 82  ? 5.225   12.776  -4.255  1.00  21.16 ? 323  LYS B CB  1 
ATOM   881  C CG  . LYS B 2 82  ? 4.453   13.994  -3.716  1.00  22.30 ? 323  LYS B CG  1 
ATOM   882  C CD  . LYS B 2 82  ? 3.146   14.271  -4.474  1.00  23.41 ? 323  LYS B CD  1 
ATOM   883  C CE  . LYS B 2 82  ? 2.459   15.491  -3.880  1.00  27.18 ? 323  LYS B CE  1 
ATOM   884  N NZ  . LYS B 2 82  ? 1.186   15.856  -4.589  1.00  28.37 ? 323  LYS B NZ  1 
ATOM   885  N N   . VAL B 2 83  ? 8.011   11.255  -4.972  1.00  20.69 ? 324  VAL B N   1 
ATOM   886  C CA  . VAL B 2 83  ? 8.757   10.057  -5.406  1.00  21.17 ? 324  VAL B CA  1 
ATOM   887  C C   . VAL B 2 83  ? 9.749   9.628   -4.332  1.00  20.79 ? 324  VAL B C   1 
ATOM   888  O O   . VAL B 2 83  ? 9.888   8.440   -4.050  1.00  20.07 ? 324  VAL B O   1 
ATOM   889  C CB  . VAL B 2 83  ? 9.499   10.269  -6.753  1.00  21.29 ? 324  VAL B CB  1 
ATOM   890  C CG1 . VAL B 2 83  ? 10.404  9.074   -7.076  1.00  22.11 ? 324  VAL B CG1 1 
ATOM   891  C CG2 . VAL B 2 83  ? 8.493   10.464  -7.874  1.00  22.56 ? 324  VAL B CG2 1 
ATOM   892  N N   . LEU B 2 84  ? 10.411  10.606  -3.716  1.00  20.47 ? 325  LEU B N   1 
ATOM   893  C CA  . LEU B 2 84  ? 11.371  10.333  -2.643  1.00  20.25 ? 325  LEU B CA  1 
ATOM   894  C C   . LEU B 2 84  ? 10.698  9.693   -1.422  1.00  20.16 ? 325  LEU B C   1 
ATOM   895  O O   . LEU B 2 84  ? 11.235  8.743   -0.867  1.00  20.20 ? 325  LEU B O   1 
ATOM   896  C CB  . LEU B 2 84  ? 12.152  11.607  -2.269  1.00  20.78 ? 325  LEU B CB  1 
ATOM   897  C CG  . LEU B 2 84  ? 13.203  12.062  -3.302  1.00  21.58 ? 325  LEU B CG  1 
ATOM   898  C CD1 . LEU B 2 84  ? 13.726  13.466  -2.980  1.00  22.38 ? 325  LEU B CD1 1 
ATOM   899  C CD2 . LEU B 2 84  ? 14.378  11.057  -3.438  1.00  21.24 ? 325  LEU B CD2 1 
ATOM   900  N N   . ASN B 2 85  ? 9.525   10.200  -1.031  1.00  19.17 ? 326  ASN B N   1 
ATOM   901  C CA  . ASN B 2 85  ? 8.714   9.583   0.030   1.00  19.57 ? 326  ASN B CA  1 
ATOM   902  C C   . ASN B 2 85  ? 8.383   8.115   -0.273  1.00  19.47 ? 326  ASN B C   1 
ATOM   903  O O   . ASN B 2 85  ? 8.607   7.232   0.572   1.00  19.43 ? 326  ASN B O   1 
ATOM   904  C CB  . ASN B 2 85  ? 7.408   10.350  0.215   1.00  19.08 ? 326  ASN B CB  1 
ATOM   905  C CG  . ASN B 2 85  ? 7.584   11.644  1.007   1.00  19.63 ? 326  ASN B CG  1 
ATOM   906  O OD1 . ASN B 2 85  ? 8.642   11.894  1.581   1.00  20.73 ? 326  ASN B OD1 1 
ATOM   907  N ND2 . ASN B 2 85  ? 6.531   12.458  1.054   1.00  19.81 ? 326  ASN B ND2 1 
ATOM   908  N N   A VAL B 2 86  ? 7.842   7.884   -1.462  0.88  19.66 ? 327  VAL B N   1 
ATOM   909  N N   B VAL B 2 86  ? 7.836   7.847   -1.460  0.12  19.42 ? 327  VAL B N   1 
ATOM   910  C CA  A VAL B 2 86  ? 7.489   6.516   -1.878  0.88  19.87 ? 327  VAL B CA  1 
ATOM   911  C CA  B VAL B 2 86  ? 7.426   6.477   -1.818  0.12  19.33 ? 327  VAL B CA  1 
ATOM   912  C C   A VAL B 2 86  ? 8.712   5.586   -1.875  0.88  20.32 ? 327  VAL B C   1 
ATOM   913  C C   B VAL B 2 86  ? 8.621   5.541   -2.000  0.12  19.34 ? 327  VAL B C   1 
ATOM   914  O O   A VAL B 2 86  ? 8.639   4.478   -1.323  0.88  20.45 ? 327  VAL B O   1 
ATOM   915  O O   B VAL B 2 86  ? 8.503   4.329   -1.816  0.12  19.33 ? 327  VAL B O   1 
ATOM   916  C CB  A VAL B 2 86  ? 6.731   6.463   -3.242  0.88  19.75 ? 327  VAL B CB  1 
ATOM   917  C CB  B VAL B 2 86  ? 6.495   6.407   -3.073  0.12  19.36 ? 327  VAL B CB  1 
ATOM   918  C CG1 A VAL B 2 86  ? 6.421   5.002   -3.613  0.88  19.94 ? 327  VAL B CG1 1 
ATOM   919  C CG1 B VAL B 2 86  ? 5.162   7.100   -2.819  0.12  19.11 ? 327  VAL B CG1 1 
ATOM   920  C CG2 A VAL B 2 86  ? 5.414   7.264   -3.190  0.88  18.97 ? 327  VAL B CG2 1 
ATOM   921  C CG2 B VAL B 2 86  ? 7.174   6.968   -4.308  0.12  19.33 ? 327  VAL B CG2 1 
ATOM   922  N N   A SER B 2 87  ? 9.826   6.019   -2.487  0.88  19.98 ? 328  SER B N   1 
ATOM   923  N N   B SER B 2 87  ? 9.770   6.105   -2.360  0.12  19.21 ? 328  SER B N   1 
ATOM   924  C CA  A SER B 2 87  ? 11.067  5.250   -2.466  0.88  20.23 ? 328  SER B CA  1 
ATOM   925  C CA  B SER B 2 87  ? 10.995  5.323   -2.460  0.12  19.06 ? 328  SER B CA  1 
ATOM   926  C C   A SER B 2 87  ? 11.515  4.899   -1.046  0.88  19.82 ? 328  SER B C   1 
ATOM   927  C C   B SER B 2 87  ? 11.511  4.934   -1.074  0.12  19.13 ? 328  SER B C   1 
ATOM   928  O O   A SER B 2 87  ? 11.956  3.771   -0.792  0.88  18.80 ? 328  SER B O   1 
ATOM   929  O O   B SER B 2 87  ? 11.995  3.817   -0.878  0.12  18.95 ? 328  SER B O   1 
ATOM   930  C CB  A SER B 2 87  ? 12.209  5.998   -3.187  0.88  20.05 ? 328  SER B CB  1 
ATOM   931  C CB  B SER B 2 87  ? 12.073  6.093   -3.226  0.12  19.06 ? 328  SER B CB  1 
ATOM   932  O OG  A SER B 2 87  ? 11.828  6.320   -4.514  0.88  23.64 ? 328  SER B OG  1 
ATOM   933  O OG  B SER B 2 87  ? 13.159  5.245   -3.550  0.12  18.64 ? 328  SER B OG  1 
ATOM   934  N N   . PHE B 2 88  ? 11.407  5.866   -0.125  1.00  18.96 ? 329  PHE B N   1 
ATOM   935  C CA  . PHE B 2 88  ? 11.793  5.623   1.263   1.00  19.49 ? 329  PHE B CA  1 
ATOM   936  C C   . PHE B 2 88  ? 10.831  4.610   1.888   1.00  19.07 ? 329  PHE B C   1 
ATOM   937  O O   . PHE B 2 88  ? 11.263  3.731   2.621   1.00  18.55 ? 329  PHE B O   1 
ATOM   938  C CB  . PHE B 2 88  ? 11.783  6.934   2.062   1.00  20.11 ? 329  PHE B CB  1 
ATOM   939  C CG  . PHE B 2 88  ? 12.205  6.786   3.512   1.00  22.09 ? 329  PHE B CG  1 
ATOM   940  C CD1 . PHE B 2 88  ? 13.326  6.043   3.871   1.00  23.42 ? 329  PHE B CD1 1 
ATOM   941  C CD2 . PHE B 2 88  ? 11.484  7.449   4.514   1.00  22.66 ? 329  PHE B CD2 1 
ATOM   942  C CE1 . PHE B 2 88  ? 13.714  5.928   5.223   1.00  24.37 ? 329  PHE B CE1 1 
ATOM   943  C CE2 . PHE B 2 88  ? 11.858  7.352   5.859   1.00  22.77 ? 329  PHE B CE2 1 
ATOM   944  C CZ  . PHE B 2 88  ? 12.968  6.583   6.220   1.00  22.36 ? 329  PHE B CZ  1 
ATOM   945  N N   . ALA B 2 89  ? 9.537   4.720   1.574   1.00  19.08 ? 330  ALA B N   1 
ATOM   946  C CA  . ALA B 2 89  ? 8.583   3.732   2.079   1.00  18.74 ? 330  ALA B CA  1 
ATOM   947  C C   . ALA B 2 89  ? 8.953   2.331   1.557   1.00  18.67 ? 330  ALA B C   1 
ATOM   948  O O   . ALA B 2 89  ? 8.914   1.360   2.312   1.00  18.20 ? 330  ALA B O   1 
ATOM   949  C CB  . ALA B 2 89  ? 7.134   4.122   1.722   1.00  19.26 ? 330  ALA B CB  1 
ATOM   950  N N   . PHE B 2 90  ? 9.366   2.244   0.293   1.00  18.50 ? 331  PHE B N   1 
ATOM   951  C CA  . PHE B 2 90  ? 9.782   0.957   -0.310  1.00  18.88 ? 331  PHE B CA  1 
ATOM   952  C C   . PHE B 2 90  ? 11.026  0.416   0.420   1.00  18.77 ? 331  PHE B C   1 
ATOM   953  O O   . PHE B 2 90  ? 11.130  -0.786  0.723   1.00  19.30 ? 331  PHE B O   1 
ATOM   954  C CB  . PHE B 2 90  ? 10.037  1.120   -1.826  1.00  18.46 ? 331  PHE B CB  1 
ATOM   955  C CG  . PHE B 2 90  ? 8.774   1.188   -2.677  1.00  20.20 ? 331  PHE B CG  1 
ATOM   956  C CD1 . PHE B 2 90  ? 7.497   1.289   -2.099  1.00  20.05 ? 331  PHE B CD1 1 
ATOM   957  C CD2 . PHE B 2 90  ? 8.874   1.175   -4.075  1.00  22.59 ? 331  PHE B CD2 1 
ATOM   958  C CE1 . PHE B 2 90  ? 6.343   1.339   -2.907  1.00  21.04 ? 331  PHE B CE1 1 
ATOM   959  C CE2 . PHE B 2 90  ? 7.731   1.239   -4.881  1.00  20.38 ? 331  PHE B CE2 1 
ATOM   960  C CZ  . PHE B 2 90  ? 6.461   1.316   -4.282  1.00  20.96 ? 331  PHE B CZ  1 
ATOM   961  N N   . GLU B 2 91  ? 11.971  1.309   0.713   1.00  18.70 ? 332  GLU B N   1 
ATOM   962  C CA  . GLU B 2 91  ? 13.138  0.964   1.525   1.00  18.91 ? 332  GLU B CA  1 
ATOM   963  C C   . GLU B 2 91  ? 12.738  0.381   2.894   1.00  18.61 ? 332  GLU B C   1 
ATOM   964  O O   . GLU B 2 91  ? 13.279  -0.644  3.324   1.00  18.61 ? 332  GLU B O   1 
ATOM   965  C CB  . GLU B 2 91  ? 14.018  2.197   1.725   1.00  18.84 ? 332  GLU B CB  1 
ATOM   966  C CG  . GLU B 2 91  ? 15.338  1.913   2.398   1.00  21.62 ? 332  GLU B CG  1 
ATOM   967  C CD  . GLU B 2 91  ? 16.182  3.160   2.559   1.00  24.22 ? 332  GLU B CD  1 
ATOM   968  O OE1 . GLU B 2 91  ? 16.053  4.076   1.717   1.00  26.65 ? 332  GLU B OE1 1 
ATOM   969  O OE2 . GLU B 2 91  ? 16.991  3.203   3.508   1.00  27.33 ? 332  GLU B OE2 1 
ATOM   970  N N   . LEU B 2 92  ? 11.821  1.054   3.579   1.00  19.85 ? 333  LEU B N   1 
ATOM   971  C CA  . LEU B 2 92  ? 11.326  0.564   4.865   1.00  20.21 ? 333  LEU B CA  1 
ATOM   972  C C   . LEU B 2 92  ? 10.656  -0.803  4.738   1.00  20.16 ? 333  LEU B C   1 
ATOM   973  O O   . LEU B 2 92  ? 10.838  -1.660  5.591   1.00  20.17 ? 333  LEU B O   1 
ATOM   974  C CB  . LEU B 2 92  ? 10.369  1.562   5.490   1.00  20.97 ? 333  LEU B CB  1 
ATOM   975  C CG  . LEU B 2 92  ? 10.988  2.896   5.935   1.00  21.23 ? 333  LEU B CG  1 
ATOM   976  C CD1 . LEU B 2 92  ? 9.884   3.786   6.512   1.00  23.09 ? 333  LEU B CD1 1 
ATOM   977  C CD2 . LEU B 2 92  ? 12.152  2.708   6.924   1.00  22.14 ? 333  LEU B CD2 1 
ATOM   978  N N   . MET B 2 93  ? 9.885   -1.003  3.679   1.00  20.36 ? 334  MET B N   1 
ATOM   979  C CA  . MET B 2 93  ? 9.311   -2.328  3.408   1.00  22.10 ? 334  MET B CA  1 
ATOM   980  C C   . MET B 2 93  ? 10.372  -3.414  3.339   1.00  22.13 ? 334  MET B C   1 
ATOM   981  O O   . MET B 2 93  ? 10.236  -4.475  3.955   1.00  22.45 ? 334  MET B O   1 
ATOM   982  C CB  . MET B 2 93  ? 8.476   -2.308  2.127   1.00  21.33 ? 334  MET B CB  1 
ATOM   983  C CG  . MET B 2 93  ? 7.197   -1.529  2.290   1.00  22.08 ? 334  MET B CG  1 
ATOM   984  S SD  . MET B 2 93  ? 6.354   -1.222  0.750   1.00  24.36 ? 334  MET B SD  1 
ATOM   985  C CE  . MET B 2 93  ? 5.536   0.291   1.145   1.00  25.35 ? 334  MET B CE  1 
ATOM   986  N N   . GLN B 2 94  ? 11.457  -3.156  2.614   1.00  22.67 ? 335  GLN B N   1 
ATOM   987  C CA  . GLN B 2 94  ? 12.524  -4.145  2.528   1.00  23.37 ? 335  GLN B CA  1 
ATOM   988  C C   . GLN B 2 94  ? 13.257  -4.325  3.873   1.00  23.91 ? 335  GLN B C   1 
ATOM   989  O O   . GLN B 2 94  ? 13.634  -5.439  4.217   1.00  24.19 ? 335  GLN B O   1 
ATOM   990  C CB  . GLN B 2 94  ? 13.464  -3.838  1.347   1.00  23.46 ? 335  GLN B CB  1 
ATOM   991  C CG  . GLN B 2 94  ? 12.714  -3.852  0.004   1.00  23.95 ? 335  GLN B CG  1 
ATOM   992  C CD  . GLN B 2 94  ? 13.613  -3.758  -1.207  1.00  24.36 ? 335  GLN B CD  1 
ATOM   993  O OE1 . GLN B 2 94  ? 14.405  -4.656  -1.489  1.00  26.11 ? 335  GLN B OE1 1 
ATOM   994  N NE2 . GLN B 2 94  ? 13.469  -2.678  -1.949  1.00  25.66 ? 335  GLN B NE2 1 
ATOM   995  N N   . ASP B 2 95  ? 13.400  -3.244  4.649   1.00  24.59 ? 336  ASP B N   1 
ATOM   996  C CA  . ASP B 2 95  ? 13.903  -3.316  6.033   1.00  25.50 ? 336  ASP B CA  1 
ATOM   997  C C   . ASP B 2 95  ? 12.991  -4.158  6.946   1.00  26.25 ? 336  ASP B C   1 
ATOM   998  O O   . ASP B 2 95  ? 13.446  -4.686  7.961   1.00  27.14 ? 336  ASP B O   1 
ATOM   999  C CB  . ASP B 2 95  ? 14.003  -1.919  6.651   1.00  25.54 ? 336  ASP B CB  1 
ATOM   1000 C CG  . ASP B 2 95  ? 15.020  -1.047  5.978   0.96  26.39 ? 336  ASP B CG  1 
ATOM   1001 O OD1 . ASP B 2 95  ? 15.880  -1.573  5.238   0.96  27.40 ? 336  ASP B OD1 1 
ATOM   1002 O OD2 . ASP B 2 95  ? 14.960  0.178   6.203   0.96  29.42 ? 336  ASP B OD2 1 
ATOM   1003 N N   . GLY B 2 96  ? 11.713  -4.245  6.589   1.00  26.99 ? 337  GLY B N   1 
ATOM   1004 C CA  . GLY B 2 96  ? 10.744  -5.085  7.301   1.00  27.47 ? 337  GLY B CA  1 
ATOM   1005 C C   . GLY B 2 96  ? 10.763  -6.542  6.858   1.00  28.12 ? 337  GLY B C   1 
ATOM   1006 O O   . GLY B 2 96  ? 10.064  -7.376  7.438   1.00  28.92 ? 337  GLY B O   1 
ATOM   1007 N N   . GLY B 2 97  ? 11.560  -6.850  5.837   1.00  27.85 ? 338  GLY B N   1 
ATOM   1008 C CA  . GLY B 2 97  ? 11.669  -8.212  5.311   1.00  27.52 ? 338  GLY B CA  1 
ATOM   1009 C C   . GLY B 2 97  ? 10.785  -8.608  4.134   1.00  27.23 ? 338  GLY B C   1 
ATOM   1010 O O   . GLY B 2 97  ? 10.605  -9.797  3.886   1.00  28.11 ? 338  GLY B O   1 
ATOM   1011 N N   A LEU B 2 98  ? 10.111  -7.601  3.578   0.87  27.07 ? 339  LEU B N   1 
ATOM   1012 N N   B LEU B 2 98  ? 10.367  -7.666  3.287   0.13  26.83 ? 339  LEU B N   1 
ATOM   1013 C CA  A LEU B 2 98  ? 9.334   -7.722  2.355   0.87  26.94 ? 339  LEU B CA  1 
ATOM   1014 C CA  B LEU B 2 98  ? 9.618   -8.013  2.045   0.13  26.28 ? 339  LEU B CA  1 
ATOM   1015 C C   A LEU B 2 98  ? 10.346  -7.667  1.224   0.87  27.13 ? 339  LEU B C   1 
ATOM   1016 C C   B LEU B 2 98  ? 10.443  -7.898  0.736   0.010 26.03 ? 339  LEU B C   1 
ATOM   1017 O O   A LEU B 2 98  ? 11.466  -7.120  1.370   0.87  26.05 ? 339  LEU B O   1 
ATOM   1018 O O   B LEU B 2 98  ? 11.254  -6.979  0.609   0.13  25.77 ? 339  LEU B O   1 
ATOM   1019 C CB  A LEU B 2 98  ? 8.342   -6.561  2.181   0.87  27.16 ? 339  LEU B CB  1 
ATOM   1020 C CB  B LEU B 2 98  ? 8.361   -7.139  1.927   0.13  26.26 ? 339  LEU B CB  1 
ATOM   1021 C CG  A LEU B 2 98  ? 6.965   -6.503  2.872   0.87  28.28 ? 339  LEU B CG  1 
ATOM   1022 C CG  B LEU B 2 98  ? 7.065   -7.426  2.708   0.13  26.05 ? 339  LEU B CG  1 
ATOM   1023 C CD1 A LEU B 2 98  ? 7.034   -5.854  4.235   0.87  29.76 ? 339  LEU B CD1 1 
ATOM   1024 C CD1 B LEU B 2 98  ? 6.306   -8.632  2.152   0.13  25.39 ? 339  LEU B CD1 1 
ATOM   1025 C CD2 A LEU B 2 98  ? 5.993   -5.732  2.020   0.87  30.00 ? 339  LEU B CD2 1 
ATOM   1026 C CD2 B LEU B 2 98  ? 7.270   -7.544  4.221   0.13  26.19 ? 339  LEU B CD2 1 
ATOM   1027 N N   A GLU B 2 99  ? 9.970   -8.252  0.091   0.72  26.12 ? 340  GLU B N   1 
ATOM   1028 N N   B GLU B 2 99  ? 10.239  -8.800  -0.238  0.28  25.66 ? 340  GLU B N   1 
ATOM   1029 C CA  A GLU B 2 99  ? 10.830  -8.234  -1.085  0.72  26.01 ? 340  GLU B CA  1 
ATOM   1030 C CA  B GLU B 2 99  ? 10.907  -8.628  -1.535  0.28  25.61 ? 340  GLU B CA  1 
ATOM   1031 C C   A GLU B 2 99  ? 10.667  -6.898  -1.781  0.72  25.25 ? 340  GLU B C   1 
ATOM   1032 C C   B GLU B 2 99  ? 10.548  -7.250  -2.115  0.28  25.27 ? 340  GLU B C   1 
ATOM   1033 O O   A GLU B 2 99  ? 9.770   -6.128  -1.435  0.72  24.37 ? 340  GLU B O   1 
ATOM   1034 O O   B GLU B 2 99  ? 9.431   -6.766  -1.933  0.28  25.20 ? 340  GLU B O   1 
ATOM   1035 C CB  A GLU B 2 99  ? 10.433  -9.345  -2.037  0.72  26.16 ? 340  GLU B CB  1 
ATOM   1036 C CB  B GLU B 2 99  ? 10.574  -9.765  -2.520  0.28  25.53 ? 340  GLU B CB  1 
ATOM   1037 C CG  A GLU B 2 99  ? 10.394  -10.712 -1.403  0.72  27.25 ? 340  GLU B CG  1 
ATOM   1038 C CG  B GLU B 2 99  ? 11.357  -11.078 -2.283  0.28  25.87 ? 340  GLU B CG  1 
ATOM   1039 C CD  A GLU B 2 99  ? 9.765   -11.741 -2.327  0.62  28.88 ? 340  GLU B CD  1 
ATOM   1040 C CD  B GLU B 2 99  ? 11.354  -12.038 -3.486  0.38  26.02 ? 340  GLU B CD  1 
ATOM   1041 O OE1 A GLU B 2 99  ? 9.388   -11.399 -3.472  0.62  30.29 ? 340  GLU B OE1 1 
ATOM   1042 O OE1 B GLU B 2 99  ? 12.318  -12.825 -3.621  0.38  26.94 ? 340  GLU B OE1 1 
ATOM   1043 O OE2 A GLU B 2 99  ? 9.627   -12.888 -1.895  0.62  28.56 ? 340  GLU B OE2 1 
ATOM   1044 O OE2 B GLU B 2 99  ? 10.387  -12.006 -4.285  0.38  27.59 ? 340  GLU B OE2 1 
ATOM   1045 N N   . LYS B 2 100 ? 11.525  -6.618  -2.762  1.00  25.06 ? 341  LYS B N   1 
ATOM   1046 C CA  . LYS B 2 100 ? 11.374  -5.366  -3.514  1.00  24.64 ? 341  LYS B CA  1 
ATOM   1047 C C   . LYS B 2 100 ? 9.999   -5.281  -4.208  1.00  24.36 ? 341  LYS B C   1 
ATOM   1048 O O   . LYS B 2 100 ? 9.610   -6.216  -4.920  1.00  24.06 ? 341  LYS B O   1 
ATOM   1049 C CB  . LYS B 2 100 ? 12.489  -5.263  -4.547  1.00  24.42 ? 341  LYS B CB  1 
ATOM   1050 C CG  . LYS B 2 100 ? 12.355  -4.103  -5.511  1.00  25.69 ? 341  LYS B CG  1 
ATOM   1051 C CD  . LYS B 2 100 ? 13.390  -4.197  -6.614  1.00  28.29 ? 341  LYS B CD  1 
ATOM   1052 C CE  . LYS B 2 100 ? 13.299  -2.996  -7.526  1.00  29.28 ? 341  LYS B CE  1 
ATOM   1053 N NZ  . LYS B 2 100 ? 14.187  -3.174  -8.704  1.00  30.22 ? 341  LYS B NZ  1 
ATOM   1054 N N   . PRO B 2 101 ? 9.254   -4.179  -3.985  1.00  24.47 ? 342  PRO B N   1 
ATOM   1055 C CA  . PRO B 2 101 ? 7.955   -4.018  -4.651  1.00  24.34 ? 342  PRO B CA  1 
ATOM   1056 C C   . PRO B 2 101 ? 8.049   -4.047  -6.169  1.00  24.76 ? 342  PRO B C   1 
ATOM   1057 O O   . PRO B 2 101 ? 9.072   -3.633  -6.747  1.00  24.95 ? 342  PRO B O   1 
ATOM   1058 C CB  . PRO B 2 101 ? 7.477   -2.644  -4.157  1.00  24.59 ? 342  PRO B CB  1 
ATOM   1059 C CG  . PRO B 2 101 ? 8.156   -2.486  -2.830  1.00  24.25 ? 342  PRO B CG  1 
ATOM   1060 C CD  . PRO B 2 101 ? 9.527   -3.049  -3.073  1.00  24.17 ? 342  PRO B CD  1 
ATOM   1061 N N   A LYS B 2 102 ? 6.989   -4.546  -6.805  0.43  24.42 ? 343  LYS B N   1 
ATOM   1062 N N   B LYS B 2 102 ? 6.995   -4.551  -6.808  0.30  24.49 ? 343  LYS B N   1 
ATOM   1063 N N   C LYS B 2 102 ? 6.996   -4.540  -6.815  0.27  24.51 ? 343  LYS B N   1 
ATOM   1064 C CA  A LYS B 2 102 ? 6.906   -4.635  -8.264  0.43  24.66 ? 343  LYS B CA  1 
ATOM   1065 C CA  B LYS B 2 102 ? 6.919   -4.626  -8.267  0.30  24.63 ? 343  LYS B CA  1 
ATOM   1066 C CA  C LYS B 2 102 ? 6.957   -4.614  -8.276  0.27  24.64 ? 343  LYS B CA  1 
ATOM   1067 C C   A LYS B 2 102 ? 6.857   -3.250  -8.937  0.43  24.54 ? 343  LYS B C   1 
ATOM   1068 C C   B LYS B 2 102 ? 6.867   -3.241  -8.935  0.30  24.55 ? 343  LYS B C   1 
ATOM   1069 C C   C LYS B 2 102 ? 6.851   -3.241  -8.962  0.27  24.56 ? 343  LYS B C   1 
ATOM   1070 O O   A LYS B 2 102 ? 7.604   -3.006  -9.890  0.43  24.55 ? 343  LYS B O   1 
ATOM   1071 O O   B LYS B 2 102 ? 7.617   -2.990  -9.884  0.30  24.55 ? 343  LYS B O   1 
ATOM   1072 O O   C LYS B 2 102 ? 7.545   -3.001  -9.954  0.27  24.57 ? 343  LYS B O   1 
ATOM   1073 C CB  A LYS B 2 102 ? 5.705   -5.501  -8.679  0.43  24.48 ? 343  LYS B CB  1 
ATOM   1074 C CB  B LYS B 2 102 ? 5.733   -5.502  -8.697  0.30  24.51 ? 343  LYS B CB  1 
ATOM   1075 C CB  C LYS B 2 102 ? 5.849   -5.565  -8.753  0.27  24.53 ? 343  LYS B CB  1 
ATOM   1076 C CG  A LYS B 2 102 ? 5.800   -6.124  -10.069 0.43  24.71 ? 343  LYS B CG  1 
ATOM   1077 C CG  B LYS B 2 102 ? 5.515   -5.598  -10.199 0.30  24.71 ? 343  LYS B CG  1 
ATOM   1078 C CG  C LYS B 2 102 ? 6.139   -7.035  -8.473  0.27  24.84 ? 343  LYS B CG  1 
ATOM   1079 C CD  A LYS B 2 102 ? 4.593   -7.007  -10.366 0.43  24.91 ? 343  LYS B CD  1 
ATOM   1080 C CD  B LYS B 2 102 ? 4.402   -6.574  -10.527 0.30  24.73 ? 343  LYS B CD  1 
ATOM   1081 C CD  C LYS B 2 102 ? 5.243   -7.955  -9.287  0.27  24.41 ? 343  LYS B CD  1 
ATOM   1082 C CE  A LYS B 2 102 ? 4.859   -7.945  -11.536 0.43  24.89 ? 343  LYS B CE  1 
ATOM   1083 C CE  B LYS B 2 102 ? 4.112   -6.607  -12.012 0.30  24.74 ? 343  LYS B CE  1 
ATOM   1084 C CE  C LYS B 2 102 ? 5.771   -9.383  -9.278  0.27  25.02 ? 343  LYS B CE  1 
ATOM   1085 N NZ  A LYS B 2 102 ? 3.833   -9.024  -11.659 0.43  25.33 ? 343  LYS B NZ  1 
ATOM   1086 N NZ  B LYS B 2 102 ? 3.239   -7.762  -12.360 0.30  25.81 ? 343  LYS B NZ  1 
ATOM   1087 N NZ  C LYS B 2 102 ? 5.083   -10.243 -10.285 0.27  25.06 ? 343  LYS B NZ  1 
ATOM   1088 N N   . PRO B 2 103 ? 5.999   -2.331  -8.437  1.00  24.60 ? 344  PRO B N   1 
ATOM   1089 C CA  . PRO B 2 103 ? 5.878   -1.015  -9.073  1.00  24.44 ? 344  PRO B CA  1 
ATOM   1090 C C   . PRO B 2 103 ? 7.087   -0.135  -8.835  1.00  24.42 ? 344  PRO B C   1 
ATOM   1091 O O   . PRO B 2 103 ? 7.820   -0.334  -7.865  1.00  24.51 ? 344  PRO B O   1 
ATOM   1092 C CB  . PRO B 2 103 ? 4.669   -0.384  -8.360  1.00  25.43 ? 344  PRO B CB  1 
ATOM   1093 C CG  . PRO B 2 103 ? 3.991   -1.515  -7.661  1.00  24.70 ? 344  PRO B CG  1 
ATOM   1094 C CD  . PRO B 2 103 ? 5.090   -2.413  -7.274  1.00  24.62 ? 344  PRO B CD  1 
ATOM   1095 N N   A ARG B 2 104 ? 7.293   0.822   -9.732  0.52  24.07 ? 345  ARG B N   1 
ATOM   1096 N N   B ARG B 2 104 ? 7.292   0.823   -9.738  0.48  24.30 ? 345  ARG B N   1 
ATOM   1097 C CA  A ARG B 2 104 ? 8.259   1.887   -9.527  0.52  24.00 ? 345  ARG B CA  1 
ATOM   1098 C CA  B ARG B 2 104 ? 8.245   1.907   -9.538  0.48  24.41 ? 345  ARG B CA  1 
ATOM   1099 C C   A ARG B 2 104 ? 7.620   2.890   -8.566  0.52  23.49 ? 345  ARG B C   1 
ATOM   1100 C C   B ARG B 2 104 ? 7.595   2.945   -8.628  0.48  23.83 ? 345  ARG B C   1 
ATOM   1101 O O   A ARG B 2 104 ? 6.393   2.969   -8.485  0.52  23.22 ? 345  ARG B O   1 
ATOM   1102 O O   B ARG B 2 104 ? 6.386   3.159   -8.686  0.48  23.66 ? 345  ARG B O   1 
ATOM   1103 C CB  A ARG B 2 104 ? 8.578   2.562   -10.856 0.52  23.97 ? 345  ARG B CB  1 
ATOM   1104 C CB  B ARG B 2 104 ? 8.604   2.563   -10.873 0.48  24.56 ? 345  ARG B CB  1 
ATOM   1105 C CG  A ARG B 2 104 ? 9.194   1.635   -11.906 0.52  25.80 ? 345  ARG B CG  1 
ATOM   1106 C CG  B ARG B 2 104 ? 9.592   1.783   -11.751 0.48  26.93 ? 345  ARG B CG  1 
ATOM   1107 C CD  A ARG B 2 104 ? 8.932   2.131   -13.320 0.52  27.10 ? 345  ARG B CD  1 
ATOM   1108 C CD  B ARG B 2 104 ? 11.031  1.942   -11.265 0.48  30.19 ? 345  ARG B CD  1 
ATOM   1109 N NE  A ARG B 2 104 ? 9.491   3.461   -13.558 0.52  28.78 ? 345  ARG B NE  1 
ATOM   1110 N NE  B ARG B 2 104 ? 11.496  3.329   -11.347 0.48  32.50 ? 345  ARG B NE  1 
ATOM   1111 C CZ  A ARG B 2 104 ? 8.769   4.565   -13.739 0.52  29.57 ? 345  ARG B CZ  1 
ATOM   1112 C CZ  B ARG B 2 104 ? 12.298  3.904   -10.455 0.48  33.57 ? 345  ARG B CZ  1 
ATOM   1113 N NH1 A ARG B 2 104 ? 7.439   4.513   -13.721 0.52  29.87 ? 345  ARG B NH1 1 
ATOM   1114 N NH1 B ARG B 2 104 ? 12.721  3.226   -9.397  0.48  34.77 ? 345  ARG B NH1 1 
ATOM   1115 N NH2 A ARG B 2 104 ? 9.379   5.725   -13.943 0.52  29.58 ? 345  ARG B NH2 1 
ATOM   1116 N NH2 B ARG B 2 104 ? 12.667  5.166   -10.613 0.48  34.89 ? 345  ARG B NH2 1 
ATOM   1117 N N   A PRO B 2 105 ? 8.442   3.656   -7.822  0.52  23.19 ? 346  PRO B N   1 
ATOM   1118 N N   B PRO B 2 105 ? 8.397   3.599   -7.778  0.48  23.41 ? 346  PRO B N   1 
ATOM   1119 C CA  A PRO B 2 105 ? 7.821   4.655   -6.938  0.52  22.92 ? 346  PRO B CA  1 
ATOM   1120 C CA  B PRO B 2 105 ? 7.816   4.643   -6.932  0.48  23.03 ? 346  PRO B CA  1 
ATOM   1121 C C   A PRO B 2 105 ? 6.949   5.654   -7.710  0.52  22.75 ? 346  PRO B C   1 
ATOM   1122 C C   B PRO B 2 105 ? 6.941   5.631   -7.717  0.48  22.79 ? 346  PRO B C   1 
ATOM   1123 O O   A PRO B 2 105 ? 5.908   6.083   -7.198  0.52  22.51 ? 346  PRO B O   1 
ATOM   1124 O O   B PRO B 2 105 ? 5.894   6.046   -7.208  0.48  22.43 ? 346  PRO B O   1 
ATOM   1125 C CB  A PRO B 2 105 ? 9.025   5.349   -6.282  0.52  23.04 ? 346  PRO B CB  1 
ATOM   1126 C CB  B PRO B 2 105 ? 9.050   5.339   -6.348  0.48  23.15 ? 346  PRO B CB  1 
ATOM   1127 C CG  A PRO B 2 105 ? 10.190  5.034   -7.154  0.52  22.83 ? 346  PRO B CG  1 
ATOM   1128 C CG  B PRO B 2 105 ? 10.081  4.267   -6.301  0.48  22.91 ? 346  PRO B CG  1 
ATOM   1129 C CD  A PRO B 2 105 ? 9.913   3.675   -7.730  0.52  22.85 ? 346  PRO B CD  1 
ATOM   1130 C CD  B PRO B 2 105 ? 9.841   3.425   -7.535  0.48  23.09 ? 346  PRO B CD  1 
ATOM   1131 N N   . GLU B 2 106 ? 7.364   5.991   -8.936  1.00  22.70 ? 347  GLU B N   1 
ATOM   1132 C CA  . GLU B 2 106 ? 6.593   6.887   -9.824  1.00  22.90 ? 347  GLU B CA  1 
ATOM   1133 C C   . GLU B 2 106 ? 5.171   6.383   -10.114 1.00  22.64 ? 347  GLU B C   1 
ATOM   1134 O O   . GLU B 2 106 ? 4.264   7.187   -10.274 1.00  21.98 ? 347  GLU B O   1 
ATOM   1135 C CB  . GLU B 2 106 ? 7.309   7.093   -11.164 1.00  23.31 ? 347  GLU B CB  1 
ATOM   1136 C CG  . GLU B 2 106 ? 8.597   7.903   -11.070 1.00  25.93 ? 347  GLU B CG  1 
ATOM   1137 C CD  . GLU B 2 106 ? 9.821   7.063   -10.750 1.00  29.45 ? 347  GLU B CD  1 
ATOM   1138 O OE1 . GLU B 2 106 ? 9.692   5.854   -10.433 1.00  27.82 ? 347  GLU B OE1 1 
ATOM   1139 O OE2 . GLU B 2 106 ? 10.934  7.632   -10.822 1.00  32.35 ? 347  GLU B OE2 1 
ATOM   1140 N N   . ASP B 2 107 ? 4.998   5.060   -10.202 1.00  22.74 ? 348  ASP B N   1 
ATOM   1141 C CA  . ASP B 2 107 ? 3.672   4.474   -10.473 1.00  22.72 ? 348  ASP B CA  1 
ATOM   1142 C C   . ASP B 2 107 ? 2.696   4.806   -9.342  1.00  22.17 ? 348  ASP B C   1 
ATOM   1143 O O   . ASP B 2 107 ? 1.513   5.061   -9.588  1.00  22.66 ? 348  ASP B O   1 
ATOM   1144 C CB  . ASP B 2 107 ? 3.756   2.953   -10.676 1.00  22.82 ? 348  ASP B CB  1 
ATOM   1145 C CG  . ASP B 2 107 ? 4.588   2.562   -11.907 1.00  25.28 ? 348  ASP B CG  1 
ATOM   1146 O OD1 . ASP B 2 107 ? 4.546   3.288   -12.923 1.00  25.50 ? 348  ASP B OD1 1 
ATOM   1147 O OD2 . ASP B 2 107 ? 5.277   1.513   -11.858 1.00  27.64 ? 348  ASP B OD2 1 
ATOM   1148 N N   . ILE B 2 108 ? 3.186   4.783   -8.105  1.00  21.77 ? 349  ILE B N   1 
ATOM   1149 C CA  . ILE B 2 108 ? 2.368   5.153   -6.934  1.00  21.82 ? 349  ILE B CA  1 
ATOM   1150 C C   . ILE B 2 108 ? 2.033   6.652   -6.953  1.00  21.30 ? 349  ILE B C   1 
ATOM   1151 O O   . ILE B 2 108 ? 0.887   7.060   -6.695  1.00  20.78 ? 349  ILE B O   1 
ATOM   1152 C CB  . ILE B 2 108 ? 3.077   4.776   -5.603  1.00  22.07 ? 349  ILE B CB  1 
ATOM   1153 C CG1 . ILE B 2 108 ? 3.352   3.262   -5.564  1.00  22.47 ? 349  ILE B CG1 1 
ATOM   1154 C CG2 . ILE B 2 108 ? 2.254   5.233   -4.361  1.00  21.76 ? 349  ILE B CG2 1 
ATOM   1155 C CD1 . ILE B 2 108 ? 2.065   2.384   -5.546  1.00  23.71 ? 349  ILE B CD1 1 
ATOM   1156 N N   . VAL B 2 109 ? 3.029   7.466   -7.278  1.00  21.68 ? 350  VAL B N   1 
ATOM   1157 C CA  . VAL B 2 109 ? 2.848   8.934   -7.311  1.00  21.02 ? 350  VAL B CA  1 
ATOM   1158 C C   . VAL B 2 109 ? 1.835   9.307   -8.392  1.00  21.27 ? 350  VAL B C   1 
ATOM   1159 O O   . VAL B 2 109 ? 1.083   10.269  -8.235  1.00  21.64 ? 350  VAL B O   1 
ATOM   1160 C CB  . VAL B 2 109 ? 4.204   9.694   -7.471  1.00  20.98 ? 350  VAL B CB  1 
ATOM   1161 C CG1 . VAL B 2 109 ? 3.989   11.236  -7.517  1.00  20.94 ? 350  VAL B CG1 1 
ATOM   1162 C CG2 . VAL B 2 109 ? 5.152   9.350   -6.294  1.00  20.89 ? 350  VAL B CG2 1 
ATOM   1163 N N   . ASN B 2 110 ? 1.802   8.508   -9.464  1.00  21.36 ? 351  ASN B N   1 
ATOM   1164 C CA  . ASN B 2 110 ? 0.881   8.697   -10.597 1.00  22.17 ? 351  ASN B CA  1 
ATOM   1165 C C   . ASN B 2 110 ? -0.518  8.085   -10.400 1.00  21.80 ? 351  ASN B C   1 
ATOM   1166 O O   . ASN B 2 110 ? -1.330  8.058   -11.335 1.00  21.27 ? 351  ASN B O   1 
ATOM   1167 C CB  . ASN B 2 110 ? 1.490   8.124   -11.881 1.00  22.67 ? 351  ASN B CB  1 
ATOM   1168 C CG  . ASN B 2 110 ? 2.676   8.927   -12.395 1.00  24.41 ? 351  ASN B CG  1 
ATOM   1169 O OD1 . ASN B 2 110 ? 2.851   10.111  -12.067 1.00  25.48 ? 351  ASN B OD1 1 
ATOM   1170 N ND2 . ASN B 2 110 ? 3.491   8.285   -13.238 1.00  24.12 ? 351  ASN B ND2 1 
ATOM   1171 N N   . CYS B 2 111 ? -0.782  7.583   -9.196  1.00  22.53 ? 352  CYS B N   1 
ATOM   1172 C CA  . CYS B 2 111 ? -2.083  7.024   -8.828  1.00  22.57 ? 352  CYS B CA  1 
ATOM   1173 C C   . CYS B 2 111 ? -2.465  5.811   -9.691  1.00  22.89 ? 352  CYS B C   1 
ATOM   1174 O O   . CYS B 2 111 ? -3.650  5.604   -9.977  1.00  22.87 ? 352  CYS B O   1 
ATOM   1175 C CB  . CYS B 2 111 ? -3.196  8.077   -8.936  1.00  23.16 ? 352  CYS B CB  1 
ATOM   1176 S SG  . CYS B 2 111 ? -3.122  9.434   -7.716  1.00  25.79 ? 352  CYS B SG  1 
ATOM   1177 N N   . ASP B 2 112 ? -1.478  5.028   -10.121 1.00  22.17 ? 353  ASP B N   1 
ATOM   1178 C CA  . ASP B 2 112 ? -1.783  3.754   -10.786 1.00  21.85 ? 353  ASP B CA  1 
ATOM   1179 C C   . ASP B 2 112 ? -2.431  2.769   -9.795  1.00  21.60 ? 353  ASP B C   1 
ATOM   1180 O O   . ASP B 2 112 ? -1.779  2.297   -8.863  1.00  20.76 ? 353  ASP B O   1 
ATOM   1181 C CB  . ASP B 2 112 ? -0.526  3.141   -11.416 1.00  22.29 ? 353  ASP B CB  1 
ATOM   1182 C CG  . ASP B 2 112 ? -0.841  1.905   -12.238 0.98  23.40 ? 353  ASP B CG  1 
ATOM   1183 O OD1 . ASP B 2 112 ? -1.433  2.051   -13.327 0.98  26.71 ? 353  ASP B OD1 1 
ATOM   1184 O OD2 . ASP B 2 112 ? -0.496  0.788   -11.799 0.98  22.78 ? 353  ASP B OD2 1 
ATOM   1185 N N   . LEU B 2 113 ? -3.712  2.461   -10.005 1.00  21.17 ? 354  LEU B N   1 
ATOM   1186 C CA  . LEU B 2 113 ? -4.457  1.678   -9.010  1.00  21.42 ? 354  LEU B CA  1 
ATOM   1187 C C   . LEU B 2 113 ? -3.883  0.280   -8.815  1.00  20.81 ? 354  LEU B C   1 
ATOM   1188 O O   . LEU B 2 113 ? -3.770  -0.175  -7.676  1.00  21.13 ? 354  LEU B O   1 
ATOM   1189 C CB  . LEU B 2 113 ? -5.954  1.591   -9.342  1.00  21.99 ? 354  LEU B CB  1 
ATOM   1190 C CG  . LEU B 2 113 ? -6.829  0.892   -8.285  1.00  21.97 ? 354  LEU B CG  1 
ATOM   1191 C CD1 . LEU B 2 113 ? -6.778  1.563   -6.917  1.00  22.73 ? 354  LEU B CD1 1 
ATOM   1192 C CD2 . LEU B 2 113 ? -8.268  0.789   -8.772  1.00  22.00 ? 354  LEU B CD2 1 
ATOM   1193 N N   A LYS B 2 114 ? -3.509  -0.389  -9.902  0.44  20.61 ? 355  LYS B N   1 
ATOM   1194 N N   B LYS B 2 114 ? -3.528  -0.389  -9.917  0.56  20.96 ? 355  LYS B N   1 
ATOM   1195 C CA  A LYS B 2 114 ? -2.970  -1.745  -9.787  0.44  20.28 ? 355  LYS B CA  1 
ATOM   1196 C CA  B LYS B 2 114 ? -2.930  -1.733  -9.857  0.56  21.11 ? 355  LYS B CA  1 
ATOM   1197 C C   A LYS B 2 114 ? -1.678  -1.763  -8.967  0.44  20.41 ? 355  LYS B C   1 
ATOM   1198 C C   B LYS B 2 114 ? -1.703  -1.736  -8.952  0.56  20.78 ? 355  LYS B C   1 
ATOM   1199 O O   A LYS B 2 114 ? -1.463  -2.672  -8.163  0.44  19.56 ? 355  LYS B O   1 
ATOM   1200 O O   B LYS B 2 114 ? -1.548  -2.611  -8.094  0.56  19.75 ? 355  LYS B O   1 
ATOM   1201 C CB  A LYS B 2 114 ? -2.751  -2.376  -11.162 0.44  20.11 ? 355  LYS B CB  1 
ATOM   1202 C CB  B LYS B 2 114 ? -2.508  -2.218  -11.246 0.56  21.08 ? 355  LYS B CB  1 
ATOM   1203 C CG  A LYS B 2 114 ? -2.816  -3.890  -11.143 0.44  20.16 ? 355  LYS B CG  1 
ATOM   1204 C CG  B LYS B 2 114 ? -3.598  -2.791  -12.110 0.56  21.97 ? 355  LYS B CG  1 
ATOM   1205 C CD  A LYS B 2 114 ? -2.399  -4.515  -12.474 0.44  19.43 ? 355  LYS B CD  1 
ATOM   1206 C CD  B LYS B 2 114 ? -3.027  -3.223  -13.464 0.56  21.79 ? 355  LYS B CD  1 
ATOM   1207 C CE  A LYS B 2 114 ? -3.294  -4.087  -13.622 0.44  18.51 ? 355  LYS B CE  1 
ATOM   1208 C CE  B LYS B 2 114 ? -3.959  -4.168  -14.183 0.56  23.78 ? 355  LYS B CE  1 
ATOM   1209 N NZ  A LYS B 2 114 ? -2.686  -4.434  -14.943 0.44  18.03 ? 355  LYS B NZ  1 
ATOM   1210 N NZ  B LYS B 2 114 ? -3.623  -4.302  -15.633 0.56  23.29 ? 355  LYS B NZ  1 
ATOM   1211 N N   . SER B 2 115 ? -0.832  -0.752  -9.167  1.00  20.94 ? 356  SER B N   1 
ATOM   1212 C CA  . SER B 2 115 ? 0.412   -0.606  -8.396  1.00  21.49 ? 356  SER B CA  1 
ATOM   1213 C C   . SER B 2 115 ? 0.107   -0.393  -6.922  1.00  21.90 ? 356  SER B C   1 
ATOM   1214 O O   . SER B 2 115 ? 0.722   -1.023  -6.054  1.00  21.24 ? 356  SER B O   1 
ATOM   1215 C CB  . SER B 2 115 ? 1.237   0.573   -8.919  1.00  21.65 ? 356  SER B CB  1 
ATOM   1216 O OG  . SER B 2 115 ? 1.638   0.329   -10.257 1.00  21.84 ? 356  SER B OG  1 
ATOM   1217 N N   . THR B 2 116 ? -0.848  0.498   -6.652  1.00  21.99 ? 357  THR B N   1 
ATOM   1218 C CA  . THR B 2 116 ? -1.259  0.805   -5.291  1.00  21.74 ? 357  THR B CA  1 
ATOM   1219 C C   . THR B 2 116 ? -1.780  -0.437  -4.567  1.00  21.84 ? 357  THR B C   1 
ATOM   1220 O O   . THR B 2 116 ? -1.395  -0.704  -3.420  1.00  20.53 ? 357  THR B O   1 
ATOM   1221 C CB  . THR B 2 116 ? -2.269  1.980   -5.261  1.00  23.00 ? 357  THR B CB  1 
ATOM   1222 O OG1 . THR B 2 116 ? -1.690  3.106   -5.937  1.00  23.19 ? 357  THR B OG1 1 
ATOM   1223 C CG2 . THR B 2 116 ? -2.589  2.400   -3.837  1.00  22.12 ? 357  THR B CG2 1 
ATOM   1224 N N   . LEU B 2 117 ? -2.605  -1.217  -5.263  1.00  21.71 ? 358  LEU B N   1 
ATOM   1225 C CA  . LEU B 2 117 ? -3.169  -2.447  -4.700  1.00  21.97 ? 358  LEU B CA  1 
ATOM   1226 C C   . LEU B 2 117 ? -2.095  -3.492  -4.435  1.00  21.45 ? 358  LEU B C   1 
ATOM   1227 O O   . LEU B 2 117 ? -2.128  -4.155  -3.400  1.00  20.95 ? 358  LEU B O   1 
ATOM   1228 C CB  . LEU B 2 117 ? -4.262  -3.012  -5.619  1.00  22.82 ? 358  LEU B CB  1 
ATOM   1229 C CG  . LEU B 2 117 ? -5.526  -2.158  -5.805  1.00  23.78 ? 358  LEU B CG  1 
ATOM   1230 C CD1 . LEU B 2 117 ? -6.531  -2.915  -6.662  1.00  26.93 ? 358  LEU B CD1 1 
ATOM   1231 C CD2 . LEU B 2 117 ? -6.157  -1.754  -4.466  1.00  27.55 ? 358  LEU B CD2 1 
ATOM   1232 N N   . ARG B 2 118 ? -1.148  -3.638  -5.360  1.00  20.64 ? 359  ARG B N   1 
ATOM   1233 C CA  . ARG B 2 118 ? -0.069  -4.600  -5.199  1.00  21.22 ? 359  ARG B CA  1 
ATOM   1234 C C   . ARG B 2 118 ? 0.729   -4.277  -3.937  1.00  21.23 ? 359  ARG B C   1 
ATOM   1235 O O   . ARG B 2 118 ? 1.025   -5.171  -3.152  1.00  22.04 ? 359  ARG B O   1 
ATOM   1236 C CB  . ARG B 2 118 ? 0.862   -4.574  -6.404  1.00  20.81 ? 359  ARG B CB  1 
ATOM   1237 C CG  . ARG B 2 118 ? 0.334   -5.249  -7.642  1.00  21.98 ? 359  ARG B CG  1 
ATOM   1238 C CD  . ARG B 2 118 ? 1.383   -5.187  -8.754  1.00  23.54 ? 359  ARG B CD  1 
ATOM   1239 N NE  . ARG B 2 118 ? 0.975   -6.089  -9.820  1.00  25.04 ? 359  ARG B NE  1 
ATOM   1240 C CZ  . ARG B 2 118 ? 0.701   -5.733  -11.070 1.00  26.85 ? 359  ARG B CZ  1 
ATOM   1241 N NH1 . ARG B 2 118 ? 0.850   -4.472  -11.478 1.00  28.45 ? 359  ARG B NH1 1 
ATOM   1242 N NH2 . ARG B 2 118 ? 0.307   -6.662  -11.926 1.00  26.90 ? 359  ARG B NH2 1 
ATOM   1243 N N   . VAL B 2 119 ? 1.066   -3.000  -3.759  1.00  21.28 ? 360  VAL B N   1 
ATOM   1244 C CA  . VAL B 2 119 ? 1.844   -2.543  -2.590  1.00  21.30 ? 360  VAL B CA  1 
ATOM   1245 C C   . VAL B 2 119 ? 1.074   -2.768  -1.280  1.00  20.97 ? 360  VAL B C   1 
ATOM   1246 O O   . VAL B 2 119 ? 1.611   -3.347  -0.325  1.00  21.15 ? 360  VAL B O   1 
ATOM   1247 C CB  . VAL B 2 119 ? 2.274   -1.071  -2.756  1.00  21.38 ? 360  VAL B CB  1 
ATOM   1248 C CG1 . VAL B 2 119 ? 2.800   -0.469  -1.427  1.00  22.51 ? 360  VAL B CG1 1 
ATOM   1249 C CG2 . VAL B 2 119 ? 3.315   -0.949  -3.907  1.00  21.61 ? 360  VAL B CG2 1 
ATOM   1250 N N   . LEU B 2 120 ? -0.192  -2.369  -1.248  1.00  20.46 ? 361  LEU B N   1 
ATOM   1251 C CA  . LEU B 2 120 ? -0.972  -2.538  -0.022  1.00  20.94 ? 361  LEU B CA  1 
ATOM   1252 C C   . LEU B 2 120 ? -1.264  -4.015  0.279   1.00  21.13 ? 361  LEU B C   1 
ATOM   1253 O O   . LEU B 2 120 ? -1.289  -4.421  1.447   1.00  20.96 ? 361  LEU B O   1 
ATOM   1254 C CB  . LEU B 2 120 ? -2.268  -1.740  -0.079  1.00  21.42 ? 361  LEU B CB  1 
ATOM   1255 C CG  . LEU B 2 120 ? -2.078  -0.217  -0.176  1.00  20.58 ? 361  LEU B CG  1 
ATOM   1256 C CD1 . LEU B 2 120 ? -3.439  0.438   -0.348  1.00  24.19 ? 361  LEU B CD1 1 
ATOM   1257 C CD2 . LEU B 2 120 ? -1.305  0.360   1.024   1.00  22.68 ? 361  LEU B CD2 1 
ATOM   1258 N N   . TYR B 2 121 ? -1.474  -4.818  -0.766  1.00  21.38 ? 362  TYR B N   1 
ATOM   1259 C CA  . TYR B 2 121 ? -1.712  -6.244  -0.560  1.00  21.72 ? 362  TYR B CA  1 
ATOM   1260 C C   . TYR B 2 121 ? -0.507  -6.939  0.063   1.00  22.10 ? 362  TYR B C   1 
ATOM   1261 O O   . TYR B 2 121 ? -0.651  -7.774  0.963   1.00  21.58 ? 362  TYR B O   1 
ATOM   1262 C CB  . TYR B 2 121 ? -2.115  -6.940  -1.862  1.00  22.44 ? 362  TYR B CB  1 
ATOM   1263 C CG  . TYR B 2 121 ? -2.213  -8.433  -1.710  1.00  23.63 ? 362  TYR B CG  1 
ATOM   1264 C CD1 . TYR B 2 121 ? -3.264  -9.021  -1.005  1.00  24.33 ? 362  TYR B CD1 1 
ATOM   1265 C CD2 . TYR B 2 121 ? -1.227  -9.259  -2.253  1.00  25.11 ? 362  TYR B CD2 1 
ATOM   1266 C CE1 . TYR B 2 121 ? -3.334  -10.423 -0.870  1.00  25.40 ? 362  TYR B CE1 1 
ATOM   1267 C CE2 . TYR B 2 121 ? -1.285  -10.630 -2.123  1.00  27.21 ? 362  TYR B CE2 1 
ATOM   1268 C CZ  . TYR B 2 121 ? -2.331  -11.205 -1.436  1.00  25.56 ? 362  TYR B CZ  1 
ATOM   1269 O OH  . TYR B 2 121 ? -2.333  -12.584 -1.342  1.00  27.40 ? 362  TYR B OH  1 
ATOM   1270 N N   . ASN B 2 122 ? 0.688   -6.608  -0.417  1.00  22.16 ? 363  ASN B N   1 
ATOM   1271 C CA  . ASN B 2 122 ? 1.890   -7.197  0.170   1.00  22.97 ? 363  ASN B CA  1 
ATOM   1272 C C   . ASN B 2 122 ? 2.084   -6.839  1.654   1.00  22.74 ? 363  ASN B C   1 
ATOM   1273 O O   . ASN B 2 122 ? 2.551   -7.668  2.430   1.00  22.65 ? 363  ASN B O   1 
ATOM   1274 C CB  . ASN B 2 122 ? 3.112   -6.892  -0.685  1.00  23.77 ? 363  ASN B CB  1 
ATOM   1275 C CG  . ASN B 2 122 ? 3.090   -7.650  -2.003  1.00  26.14 ? 363  ASN B CG  1 
ATOM   1276 O OD1 . ASN B 2 122 ? 2.510   -8.738  -2.102  1.00  31.67 ? 363  ASN B OD1 1 
ATOM   1277 N ND2 . ASN B 2 122 ? 3.707   -7.081  -3.022  1.00  29.67 ? 363  ASN B ND2 1 
ATOM   1278 N N   . LEU B 2 123 ? 1.670   -5.633  2.049   1.00  22.53 ? 364  LEU B N   1 
ATOM   1279 C CA  . LEU B 2 123 ? 1.636   -5.267  3.472   1.00  22.51 ? 364  LEU B CA  1 
ATOM   1280 C C   . LEU B 2 123 ? 0.601   -6.074  4.217   1.00  22.00 ? 364  LEU B C   1 
ATOM   1281 O O   . LEU B 2 123 ? 0.869   -6.599  5.307   1.00  22.45 ? 364  LEU B O   1 
ATOM   1282 C CB  . LEU B 2 123 ? 1.335   -3.785  3.656   1.00  23.32 ? 364  LEU B CB  1 
ATOM   1283 C CG  . LEU B 2 123 ? 2.314   -2.812  3.013   1.00  24.14 ? 364  LEU B CG  1 
ATOM   1284 C CD1 . LEU B 2 123 ? 1.878   -1.397  3.383   1.00  26.92 ? 364  LEU B CD1 1 
ATOM   1285 C CD2 . LEU B 2 123 ? 3.711   -3.102  3.543   1.00  27.55 ? 364  LEU B CD2 1 
ATOM   1286 N N   . PHE B 2 124 ? -0.582  -6.181  3.624   1.00  21.06 ? 365  PHE B N   1 
ATOM   1287 C CA  . PHE B 2 124 ? -1.678  -6.940  4.210   1.00  21.41 ? 365  PHE B CA  1 
ATOM   1288 C C   . PHE B 2 124 ? -1.305  -8.389  4.553   1.00  21.60 ? 365  PHE B C   1 
ATOM   1289 O O   . PHE B 2 124 ? -1.565  -8.856  5.666   1.00  21.72 ? 365  PHE B O   1 
ATOM   1290 C CB  . PHE B 2 124 ? -2.885  -6.924  3.256   1.00  21.36 ? 365  PHE B CB  1 
ATOM   1291 C CG  . PHE B 2 124 ? -4.019  -7.805  3.693   1.00  21.84 ? 365  PHE B CG  1 
ATOM   1292 C CD1 . PHE B 2 124 ? -4.815  -7.448  4.771   1.00  22.53 ? 365  PHE B CD1 1 
ATOM   1293 C CD2 . PHE B 2 124 ? -4.301  -8.995  3.004   1.00  22.20 ? 365  PHE B CD2 1 
ATOM   1294 C CE1 . PHE B 2 124 ? -5.883  -8.269  5.180   1.00  23.05 ? 365  PHE B CE1 1 
ATOM   1295 C CE2 . PHE B 2 124 ? -5.351  -9.819  3.398   1.00  22.58 ? 365  PHE B CE2 1 
ATOM   1296 C CZ  . PHE B 2 124 ? -6.161  -9.441  4.489   1.00  22.94 ? 365  PHE B CZ  1 
ATOM   1297 N N   A THR B 2 125 ? -0.718  -9.130  3.609   0.47  20.95 ? 366  THR B N   1 
ATOM   1298 N N   B THR B 2 125 ? -0.681  -9.061  3.591   0.53  21.69 ? 366  THR B N   1 
ATOM   1299 C CA  A THR B 2 125 ? -0.402  -10.538 3.882   0.47  20.55 ? 366  THR B CA  1 
ATOM   1300 C CA  B THR B 2 125 ? -0.357  -10.460 3.712   0.53  22.08 ? 366  THR B CA  1 
ATOM   1301 C C   A THR B 2 125 ? 0.701   -10.684 4.926   0.47  20.88 ? 366  THR B C   1 
ATOM   1302 C C   B THR B 2 125 ? 0.723   -10.703 4.778   0.53  21.73 ? 366  THR B C   1 
ATOM   1303 O O   A THR B 2 125 ? 0.671   -11.599 5.742   0.47  20.60 ? 366  THR B O   1 
ATOM   1304 O O   B THR B 2 125 ? 0.673   -11.703 5.490   0.53  21.41 ? 366  THR B O   1 
ATOM   1305 C CB  A THR B 2 125 ? -0.024  -11.341 2.625   0.47  20.31 ? 366  THR B CB  1 
ATOM   1306 C CB  B THR B 2 125 ? 0.016   -11.026 2.336   0.53  22.17 ? 366  THR B CB  1 
ATOM   1307 O OG1 A THR B 2 125 ? 1.039   -10.680 1.931   0.47  17.62 ? 366  THR B OG1 1 
ATOM   1308 O OG1 B THR B 2 125 ? -1.079  -10.797 1.436   0.53  24.36 ? 366  THR B OG1 1 
ATOM   1309 C CG2 A THR B 2 125 ? -1.232  -11.501 1.718   0.47  20.18 ? 366  THR B CG2 1 
ATOM   1310 C CG2 B THR B 2 125 ? 0.236   -12.487 2.422   0.53  22.88 ? 366  THR B CG2 1 
ATOM   1311 N N   . LYS B 2 126 ? 1.661   -9.768  4.909   1.00  21.49 ? 367  LYS B N   1 
ATOM   1312 C CA  A LYS B 2 126 ? 2.756   -9.812  5.877   0.50  22.15 ? 367  LYS B CA  1 
ATOM   1313 C CA  B LYS B 2 126 ? 2.729   -9.883  5.900   0.50  22.26 ? 367  LYS B CA  1 
ATOM   1314 C C   . LYS B 2 126 ? 2.296   -9.433  7.294   1.00  22.30 ? 367  LYS B C   1 
ATOM   1315 O O   . LYS B 2 126 ? 2.669   -10.082 8.281   1.00  22.81 ? 367  LYS B O   1 
ATOM   1316 C CB  A LYS B 2 126 ? 3.902   -8.908  5.413   0.50  22.37 ? 367  LYS B CB  1 
ATOM   1317 C CB  B LYS B 2 126 ? 3.996   -9.138  5.470   0.50  22.56 ? 367  LYS B CB  1 
ATOM   1318 C CG  A LYS B 2 126 ? 4.672   -9.437  4.193   0.50  22.52 ? 367  LYS B CG  1 
ATOM   1319 C CG  B LYS B 2 126 ? 5.095   -9.162  6.534   0.50  22.34 ? 367  LYS B CG  1 
ATOM   1320 C CD  A LYS B 2 126 ? 5.677   -10.516 4.575   0.50  22.55 ? 367  LYS B CD  1 
ATOM   1321 C CD  B LYS B 2 126 ? 6.486   -9.189  5.948   0.50  24.65 ? 367  LYS B CD  1 
ATOM   1322 C CE  A LYS B 2 126 ? 6.469   -11.015 3.368   0.50  22.76 ? 367  LYS B CE  1 
ATOM   1323 C CE  B LYS B 2 126 ? 7.510   -9.651  6.980   0.50  25.47 ? 367  LYS B CE  1 
ATOM   1324 N NZ  A LYS B 2 126 ? 5.633   -11.740 2.356   0.50  19.95 ? 367  LYS B NZ  1 
ATOM   1325 N NZ  B LYS B 2 126 ? 7.551   -8.799  8.210   0.50  26.46 ? 367  LYS B NZ  1 
ATOM   1326 N N   . TYR B 2 127 ? 1.499   -8.365  7.382   1.00  22.11 ? 368  TYR B N   1 
ATOM   1327 C CA  . TYR B 2 127 ? 1.121   -7.781  8.668   1.00  22.13 ? 368  TYR B CA  1 
ATOM   1328 C C   . TYR B 2 127 ? -0.318  -8.003  9.115   1.00  22.79 ? 368  TYR B C   1 
ATOM   1329 O O   . TYR B 2 127 ? -0.803  -7.306  10.010  1.00  22.02 ? 368  TYR B O   1 
ATOM   1330 C CB  . TYR B 2 127 ? 1.430   -6.285  8.666   1.00  22.29 ? 368  TYR B CB  1 
ATOM   1331 C CG  . TYR B 2 127 ? 2.895   -6.006  8.471   1.00  22.82 ? 368  TYR B CG  1 
ATOM   1332 C CD1 . TYR B 2 127 ? 3.809   -6.147  9.525   1.00  23.86 ? 368  TYR B CD1 1 
ATOM   1333 C CD2 . TYR B 2 127 ? 3.374   -5.611  7.227   1.00  24.27 ? 368  TYR B CD2 1 
ATOM   1334 C CE1 . TYR B 2 127 ? 5.166   -5.902  9.325   1.00  24.00 ? 368  TYR B CE1 1 
ATOM   1335 C CE2 . TYR B 2 127 ? 4.705   -5.365  7.023   1.00  25.86 ? 368  TYR B CE2 1 
ATOM   1336 C CZ  . TYR B 2 127 ? 5.595   -5.497  8.067   1.00  24.18 ? 368  TYR B CZ  1 
ATOM   1337 O OH  . TYR B 2 127 ? 6.918   -5.231  7.822   1.00  26.42 ? 368  TYR B OH  1 
ATOM   1338 N N   . ARG B 2 128 ? -0.984  -8.996  8.528   1.00  22.32 ? 369  ARG B N   1 
ATOM   1339 C CA  . ARG B 2 128 ? -2.408  -9.177  8.776   1.00  23.88 ? 369  ARG B CA  1 
ATOM   1340 C C   . ARG B 2 128 ? -2.766  -9.483  10.238  1.00  23.92 ? 369  ARG B C   1 
ATOM   1341 O O   . ARG B 2 128 ? -3.868  -9.164  10.674  1.00  24.41 ? 369  ARG B O   1 
ATOM   1342 C CB  . ARG B 2 128 ? -3.004  -10.228 7.828   1.00  23.98 ? 369  ARG B CB  1 
ATOM   1343 C CG  . ARG B 2 128 ? -2.669  -11.630 8.118   1.00  26.38 ? 369  ARG B CG  1 
ATOM   1344 C CD  . ARG B 2 128 ? -3.747  -12.534 7.485   1.00  29.62 ? 369  ARG B CD  1 
ATOM   1345 N NE  . ARG B 2 128 ? -3.449  -12.790 6.083   1.00  28.90 ? 369  ARG B NE  1 
ATOM   1346 C CZ  . ARG B 2 128 ? -4.346  -12.954 5.116   1.00  26.94 ? 369  ARG B CZ  1 
ATOM   1347 N NH1 . ARG B 2 128 ? -5.659  -12.882 5.361   1.00  27.66 ? 369  ARG B NH1 1 
ATOM   1348 N NH2 . ARG B 2 128 ? -3.916  -13.189 3.893   1.00  26.55 ? 369  ARG B NH2 1 
ATOM   1349 N N   . ASN B 2 129 ? -1.838  -10.087 10.977  1.00  23.91 ? 370  ASN B N   1 
ATOM   1350 C CA  . ASN B 2 129 ? -2.070  -10.467 12.370  1.00  25.14 ? 370  ASN B CA  1 
ATOM   1351 C C   . ASN B 2 129 ? -1.718  -9.387  13.402  1.00  25.95 ? 370  ASN B C   1 
ATOM   1352 O O   . ASN B 2 129 ? -1.974  -9.566  14.594  1.00  25.97 ? 370  ASN B O   1 
ATOM   1353 C CB  . ASN B 2 129 ? -1.317  -11.755 12.701  1.00  24.83 ? 370  ASN B CB  1 
ATOM   1354 C CG  . ASN B 2 129 ? -1.731  -12.926 11.814  1.00  25.67 ? 370  ASN B CG  1 
ATOM   1355 O OD1 . ASN B 2 129 ? -0.896  -13.765 11.442  1.00  26.96 ? 370  ASN B OD1 1 
ATOM   1356 N ND2 . ASN B 2 129 ? -3.018  -12.993 11.473  1.00  23.85 ? 370  ASN B ND2 1 
ATOM   1357 N N   . VAL B 2 130 ? -1.134  -8.279  12.956  1.00  26.74 ? 371  VAL B N   1 
ATOM   1358 C CA  . VAL B 2 130 ? -0.769  -7.214  13.894  1.00  28.22 ? 371  VAL B CA  1 
ATOM   1359 C C   . VAL B 2 130 ? -2.036  -6.580  14.458  1.00  29.37 ? 371  VAL B C   1 
ATOM   1360 O O   . VAL B 2 130 ? -2.887  -6.108  13.703  1.00  29.55 ? 371  VAL B O   1 
ATOM   1361 C CB  . VAL B 2 130 ? 0.148   -6.146  13.260  1.00  28.28 ? 371  VAL B CB  1 
ATOM   1362 C CG1 . VAL B 2 130 ? 0.447   -5.023  14.264  1.00  28.24 ? 371  VAL B CG1 1 
ATOM   1363 C CG2 . VAL B 2 130 ? 1.443   -6.772  12.776  1.00  27.92 ? 371  VAL B CG2 1 
ATOM   1364 N N   . GLU B 2 131 ? -2.155  -6.583  15.783  1.00  31.16 ? 372  GLU B N   1 
ATOM   1365 C CA  . GLU B 2 131 ? -3.341  -6.050  16.454  1.00  33.05 ? 372  GLU B CA  1 
ATOM   1366 C C   . GLU B 2 131 ? -3.367  -4.520  16.442  1.00  33.95 ? 372  GLU B C   1 
ATOM   1367 O O   . GLU B 2 131 ? -2.328  -3.863  16.555  1.00  34.45 ? 372  GLU B O   1 
ATOM   1368 C CB  . GLU B 2 131 ? -3.443  -6.585  17.884  1.00  33.17 ? 372  GLU B CB  1 
ATOM   1369 C CG  . GLU B 2 131 ? -3.938  -8.036  17.968  1.00  34.09 ? 372  GLU B CG  1 
ATOM   1370 C CD  . GLU B 2 131 ? -3.875  -8.605  19.370  0.50  33.84 ? 372  GLU B CD  1 
ATOM   1371 O OE1 . GLU B 2 131 ? -2.757  -8.738  19.914  0.50  35.29 ? 372  GLU B OE1 1 
ATOM   1372 O OE2 . GLU B 2 131 ? -4.946  -8.939  19.925  0.50  35.16 ? 372  GLU B OE2 1 
ATOM   1373 O OXT . GLU B 2 131 ? -4.432  -3.909  16.290  1.00  34.88 ? 372  GLU B OXT 1 
HETATM 1374 O O1  . PG4 C 3 .   ? -17.412 4.849   -8.632  1.00  38.89 ? 1373 PG4 B O1  1 
HETATM 1375 C C1  . PG4 C 3 .   ? -16.199 4.101   -8.708  1.00  39.91 ? 1373 PG4 B C1  1 
HETATM 1376 C C2  . PG4 C 3 .   ? -16.312 3.132   -9.875  1.00  40.57 ? 1373 PG4 B C2  1 
HETATM 1377 O O2  . PG4 C 3 .   ? -15.663 1.901   -9.573  1.00  41.39 ? 1373 PG4 B O2  1 
HETATM 1378 C C3  . PG4 C 3 .   ? -16.444 1.034   -8.746  1.00  42.47 ? 1373 PG4 B C3  1 
HETATM 1379 C C4  . PG4 C 3 .   ? -17.276 0.059   -9.577  1.00  42.86 ? 1373 PG4 B C4  1 
HETATM 1380 O O3  . PG4 C 3 .   ? -17.616 -1.122  -8.839  1.00  43.62 ? 1373 PG4 B O3  1 
HETATM 1381 C C5  . PG4 C 3 .   ? -18.303 -0.857  -7.615  1.00  43.72 ? 1373 PG4 B C5  1 
HETATM 1382 C C6  . PG4 C 3 .   ? -19.803 -1.064  -7.773  1.00  43.43 ? 1373 PG4 B C6  1 
HETATM 1383 O O4  . PG4 C 3 .   ? -20.432 -0.737  -6.540  1.00  43.48 ? 1373 PG4 B O4  1 
HETATM 1384 C C7  . PG4 C 3 .   ? -21.262 0.416   -6.644  1.00  43.00 ? 1373 PG4 B C7  1 
HETATM 1385 C C8  . PG4 C 3 .   ? -20.943 1.379   -5.511  1.00  43.42 ? 1373 PG4 B C8  1 
HETATM 1386 O O5  . PG4 C 3 .   ? -21.035 2.736   -5.970  1.00  43.07 ? 1373 PG4 B O5  1 
HETATM 1387 C C1  . PGE D 4 .   ? 19.205  -0.036  12.422  1.00  59.88 ? 1374 PGE B C1  1 
HETATM 1388 O O1  . PGE D 4 .   ? 19.798  1.270   12.413  1.00  59.24 ? 1374 PGE B O1  1 
HETATM 1389 C C2  . PGE D 4 .   ? 17.746  0.040   11.981  1.00  59.86 ? 1374 PGE B C2  1 
HETATM 1390 O O2  . PGE D 4 .   ? 17.668  0.674   10.705  1.00  60.15 ? 1374 PGE B O2  1 
HETATM 1391 C C3  . PGE D 4 .   ? 16.329  0.793   10.230  1.00  60.08 ? 1374 PGE B C3  1 
HETATM 1392 C C4  . PGE D 4 .   ? 16.028  2.254   9.917   1.00  59.71 ? 1374 PGE B C4  1 
HETATM 1393 O O4  . PGE D 4 .   ? 14.908  5.891   9.712   1.00  59.81 ? 1374 PGE B O4  1 
HETATM 1394 C C6  . PGE D 4 .   ? 13.953  4.849   9.957   1.00  59.42 ? 1374 PGE B C6  1 
HETATM 1395 C C5  . PGE D 4 .   ? 14.549  3.811   10.903  1.00  59.54 ? 1374 PGE B C5  1 
HETATM 1396 O O3  . PGE D 4 .   ? 14.671  2.550   10.242  1.00  59.53 ? 1374 PGE B O3  1 
HETATM 1397 C C1  . EDO E 5 .   ? -1.748  13.753  3.020   1.00  48.28 ? 1375 EDO B C1  1 
HETATM 1398 O O1  . EDO E 5 .   ? -0.427  13.591  3.550   1.00  47.41 ? 1375 EDO B O1  1 
HETATM 1399 C C2  . EDO E 5 .   ? -2.178  12.468  2.321   1.00  48.74 ? 1375 EDO B C2  1 
HETATM 1400 O O2  . EDO E 5 .   ? -3.606  12.423  2.240   1.00  49.47 ? 1375 EDO B O2  1 
HETATM 1401 C C1  . EDO F 5 .   ? -9.332  10.984  12.358  1.00  46.18 ? 1376 EDO B C1  1 
HETATM 1402 O O1  . EDO F 5 .   ? -9.329  11.668  11.101  1.00  45.98 ? 1376 EDO B O1  1 
HETATM 1403 C C2  . EDO F 5 .   ? -9.990  9.619   12.182  1.00  45.64 ? 1376 EDO B C2  1 
HETATM 1404 O O2  . EDO F 5 .   ? -9.332  8.664   13.021  1.00  45.21 ? 1376 EDO B O2  1 
HETATM 1405 C C1  . EDO G 5 .   ? -2.761  11.412  -10.253 1.00  35.93 ? 1377 EDO B C1  1 
HETATM 1406 O O1  . EDO G 5 .   ? -2.549  11.124  -8.872  1.00  34.53 ? 1377 EDO B O1  1 
HETATM 1407 C C2  . EDO G 5 .   ? -1.415  11.661  -10.923 1.00  36.87 ? 1377 EDO B C2  1 
HETATM 1408 O O2  . EDO G 5 .   ? -1.223  13.067  -11.087 1.00  37.65 ? 1377 EDO B O2  1 
HETATM 1409 C C1  . EDO H 5 .   ? 8.897   -14.299 6.428   1.00  43.79 ? 1378 EDO B C1  1 
HETATM 1410 O O1  . EDO H 5 .   ? 9.392   -13.811 5.173   1.00  43.08 ? 1378 EDO B O1  1 
HETATM 1411 C C2  . EDO H 5 .   ? 7.813   -13.364 6.953   1.00  44.72 ? 1378 EDO B C2  1 
HETATM 1412 O O2  . EDO H 5 .   ? 6.516   -13.797 6.508   1.00  45.76 ? 1378 EDO B O2  1 
HETATM 1413 C C1  . EDO I 5 .   ? 4.452   6.103   13.399  1.00  47.43 ? 1379 EDO B C1  1 
HETATM 1414 O O1  . EDO I 5 .   ? 5.058   5.551   14.578  1.00  47.99 ? 1379 EDO B O1  1 
HETATM 1415 C C2  . EDO I 5 .   ? 5.488   6.221   12.290  1.00  46.68 ? 1379 EDO B C2  1 
HETATM 1416 O O2  . EDO I 5 .   ? 6.498   7.158   12.684  1.00  47.63 ? 1379 EDO B O2  1 
HETATM 1417 O O   . HOH J 6 .   ? -9.668  -5.730  10.358  1.00  37.21 ? 2001 HOH A O   1 
HETATM 1418 O O   . HOH J 6 .   ? -7.819  -11.859 7.453   1.00  38.19 ? 2002 HOH A O   1 
HETATM 1419 O O   . HOH J 6 .   ? -7.584  -5.984  8.392   1.00  32.15 ? 2003 HOH A O   1 
HETATM 1420 O O   . HOH J 6 .   ? -11.703 -9.901  1.935   1.00  34.92 ? 2004 HOH A O   1 
HETATM 1421 O O   . HOH J 6 .   ? -14.055 -10.971 3.435   1.00  33.85 ? 2005 HOH A O   1 
HETATM 1422 O O   . HOH J 6 .   ? -4.485  -15.957 -1.843  1.00  22.84 ? 2006 HOH A O   1 
HETATM 1423 O O   . HOH J 6 .   ? -9.104  -15.621 4.759   1.00  22.48 ? 2007 HOH A O   1 
HETATM 1424 O O   . HOH J 6 .   ? -3.719  -20.459 -7.253  1.00  27.84 ? 2008 HOH A O   1 
HETATM 1425 O O   . HOH K 6 .   ? -16.080 -11.478 -12.483 1.00  41.46 ? 2001 HOH B O   1 
HETATM 1426 O O   . HOH K 6 .   ? -18.433 -9.003  -4.475  1.00  40.35 ? 2002 HOH B O   1 
HETATM 1427 O O   . HOH K 6 .   ? -8.880  -6.206  6.219   1.00  22.57 ? 2003 HOH B O   1 
HETATM 1428 O O   . HOH K 6 .   ? -10.533 -0.366  9.803   1.00  18.65 ? 2004 HOH B O   1 
HETATM 1429 O O   . HOH K 6 .   ? -13.573 -0.065  6.053   1.00  26.64 ? 2005 HOH B O   1 
HETATM 1430 O O   . HOH K 6 .   ? -11.970 1.558   7.388   1.00  22.64 ? 2006 HOH B O   1 
HETATM 1431 O O   . HOH K 6 .   ? -7.352  0.779   15.277  1.00  21.88 ? 2007 HOH B O   1 
HETATM 1432 O O   . HOH K 6 .   ? -3.310  -5.981  10.909  1.00  21.44 ? 2008 HOH B O   1 
HETATM 1433 O O   . HOH K 6 .   ? -9.864  1.629   14.320  1.00  24.93 ? 2009 HOH B O   1 
HETATM 1434 O O   . HOH K 6 .   ? -11.110 1.907   11.116  1.00  28.64 ? 2010 HOH B O   1 
HETATM 1435 O O   . HOH K 6 .   ? -0.300  -0.960  14.594  1.00  25.91 ? 2011 HOH B O   1 
HETATM 1436 O O   . HOH K 6 .   ? -2.072  12.807  13.764  1.00  13.02 ? 2012 HOH B O   1 
HETATM 1437 O O   . HOH K 6 .   ? -5.584  13.907  11.394  1.00  20.26 ? 2013 HOH B O   1 
HETATM 1438 O O   . HOH K 6 .   ? -12.699 3.604   8.630   1.00  28.60 ? 2014 HOH B O   1 
HETATM 1439 O O   . HOH K 6 .   ? -3.135  6.473   -3.586  1.00  11.14 ? 2015 HOH B O   1 
HETATM 1440 O O   . HOH K 6 .   ? -10.886 3.372   -2.449  1.00  29.90 ? 2016 HOH B O   1 
HETATM 1441 O O   . HOH K 6 .   ? -1.623  11.168  -1.507  1.00  23.00 ? 2017 HOH B O   1 
HETATM 1442 O O   . HOH K 6 .   ? 1.524   7.270   1.014   1.00  8.72  ? 2018 HOH B O   1 
HETATM 1443 O O   . HOH K 6 .   ? -0.154  9.464   1.714   1.00  12.37 ? 2019 HOH B O   1 
HETATM 1444 O O   . HOH K 6 .   ? -6.182  11.366  7.715   1.00  22.71 ? 2020 HOH B O   1 
HETATM 1445 O O   . HOH K 6 .   ? 6.845   10.136  12.485  1.00  40.94 ? 2021 HOH B O   1 
HETATM 1446 O O   . HOH K 6 .   ? 11.042  13.941  13.821  1.00  28.74 ? 2022 HOH B O   1 
HETATM 1447 O O   . HOH K 6 .   ? -10.029 -1.240  13.373  0.50  31.12 ? 2023 HOH B O   1 
HETATM 1448 O O   . HOH K 6 .   ? 6.560   18.764  -9.581  1.00  32.72 ? 2024 HOH B O   1 
HETATM 1449 O O   . HOH K 6 .   ? 13.535  2.308   -2.537  1.00  32.34 ? 2025 HOH B O   1 
HETATM 1450 O O   . HOH K 6 .   ? 16.329  2.364   5.948   1.00  34.17 ? 2026 HOH B O   1 
HETATM 1451 O O   . HOH K 6 .   ? 13.158  -11.458 5.240   1.00  38.17 ? 2027 HOH B O   1 
HETATM 1452 O O   . HOH K 6 .   ? 13.969  -7.793  2.383   1.00  32.17 ? 2028 HOH B O   1 
HETATM 1453 O O   . HOH K 6 .   ? 6.935   -6.632  -1.724  1.00  36.32 ? 2029 HOH B O   1 
HETATM 1454 O O   . HOH K 6 .   ? 16.556  -4.847  -8.675  1.00  49.13 ? 2030 HOH B O   1 
HETATM 1455 O O   . HOH K 6 .   ? 13.945  -8.328  -2.764  1.00  33.10 ? 2031 HOH B O   1 
HETATM 1456 O O   . HOH K 6 .   ? 7.089   -7.954  -4.358  1.00  37.02 ? 2032 HOH B O   1 
HETATM 1457 O O   . HOH K 6 .   ? 10.097  -1.100  -6.677  1.00  29.27 ? 2033 HOH B O   1 
HETATM 1458 O O   . HOH K 6 .   ? 10.937  10.594  -11.432 1.00  46.19 ? 2034 HOH B O   1 
HETATM 1459 O O   . HOH K 6 .   ? 2.991   5.330   -13.845 1.00  28.90 ? 2035 HOH B O   1 
HETATM 1460 O O   . HOH K 6 .   ? 1.677   12.138  -10.872 1.00  30.53 ? 2036 HOH B O   1 
HETATM 1461 O O   . HOH K 6 .   ? -1.833  6.258   -13.345 1.00  23.46 ? 2037 HOH B O   1 
HETATM 1462 O O   . HOH K 6 .   ? -6.325  5.752   -9.695  0.50  20.04 ? 2038 HOH B O   1 
HETATM 1463 O O   . HOH K 6 .   ? 0.102   -1.167  -13.768 1.00  40.09 ? 2039 HOH B O   1 
HETATM 1464 O O   . HOH K 6 .   ? 0.085   4.748   -14.395 1.00  28.27 ? 2040 HOH B O   1 
HETATM 1465 O O   . HOH K 6 .   ? -5.591  3.554   -11.928 1.00  32.72 ? 2041 HOH B O   1 
HETATM 1466 O O   . HOH K 6 .   ? -4.138  0.454   -12.633 1.00  21.12 ? 2042 HOH B O   1 
HETATM 1467 O O   . HOH K 6 .   ? -1.189  5.625   -5.380  1.00  14.74 ? 2043 HOH B O   1 
HETATM 1468 O O   . HOH K 6 .   ? -3.929  4.378   -6.964  1.00  29.08 ? 2044 HOH B O   1 
HETATM 1469 O O   . HOH K 6 .   ? 2.749   -2.373  -10.697 1.00  27.02 ? 2045 HOH B O   1 
HETATM 1470 O O   . HOH K 6 .   ? 0.993   -7.717  -4.441  1.00  32.30 ? 2046 HOH B O   1 
HETATM 1471 O O   . HOH K 6 .   ? 4.391   -3.659  -0.388  1.00  22.96 ? 2047 HOH B O   1 
HETATM 1472 O O   . HOH K 6 .   ? -4.119  -13.687 -0.216  1.00  30.38 ? 2048 HOH B O   1 
HETATM 1473 O O   . HOH K 6 .   ? 4.663   -5.298  -5.142  1.00  24.80 ? 2049 HOH B O   1 
HETATM 1474 O O   . HOH K 6 .   ? 5.088   -4.841  -2.517  1.00  23.43 ? 2050 HOH B O   1 
HETATM 1475 O O   . HOH K 6 .   ? 3.539   -7.493  -6.316  1.00  30.64 ? 2051 HOH B O   1 
HETATM 1476 O O   . HOH K 6 .   ? -0.983  -13.826 5.303   1.00  24.56 ? 2052 HOH B O   1 
HETATM 1477 O O   . HOH K 6 .   ? 1.018   -10.666 10.459  1.00  26.84 ? 2053 HOH B O   1 
HETATM 1478 O O   . HOH K 6 .   ? 6.233   -9.831  10.344  1.00  39.43 ? 2054 HOH B O   1 
HETATM 1479 O O   . HOH K 6 .   ? 0.610   -7.172  17.369  1.00  32.53 ? 2055 HOH B O   1 
HETATM 1480 O O   . HOH K 6 .   ? 0.802   15.570  4.518   1.00  40.47 ? 2056 HOH B O   1 
HETATM 1481 O O   . HOH K 6 .   ? -8.348  13.934  10.771  1.00  32.47 ? 2057 HOH B O   1 
# 
loop_
_pdbx_poly_seq_scheme.asym_id 
_pdbx_poly_seq_scheme.entity_id 
_pdbx_poly_seq_scheme.seq_id 
_pdbx_poly_seq_scheme.mon_id 
_pdbx_poly_seq_scheme.ndb_seq_num 
_pdbx_poly_seq_scheme.pdb_seq_num 
_pdbx_poly_seq_scheme.auth_seq_num 
_pdbx_poly_seq_scheme.pdb_mon_id 
_pdbx_poly_seq_scheme.auth_mon_id 
_pdbx_poly_seq_scheme.pdb_strand_id 
_pdbx_poly_seq_scheme.pdb_ins_code 
_pdbx_poly_seq_scheme.hetero 
A 1 1   ASN 1   1   1   ASN ASN A . n 
A 1 2   LEU 2   2   2   LEU LEU A . n 
A 1 3   SER 3   3   3   SER SER A . n 
A 1 4   GLU 4   4   4   GLU GLU A . n 
A 1 5   LEU 5   5   5   LEU LEU A . n 
A 1 6   ASP 6   6   6   ASP ASP A . n 
A 1 7   ARG 7   7   7   ARG ARG A . n 
A 1 8   LEU 8   8   8   LEU LEU A . n 
A 1 9   LEU 9   9   9   LEU LEU A . n 
A 1 10  LEU 10  10  10  LEU LEU A . n 
A 1 11  GLU 11  11  11  GLU GLU A . n 
A 1 12  LEU 12  12  12  LEU LEU A . n 
A 1 13  ASN 13  13  13  ASN ASN A . n 
A 1 14  ALA 14  14  14  ALA ALA A . n 
A 1 15  VAL 15  15  15  VAL VAL A . n 
A 1 16  GLN 16  16  ?   ?   ?   A . n 
A 1 17  HIS 17  17  ?   ?   ?   A . n 
A 1 18  ASN 18  18  ?   ?   ?   A . n 
A 1 19  PRO 19  19  ?   ?   ?   A . n 
A 1 20  PRO 20  20  ?   ?   ?   A . n 
B 2 1   SER 1   242 ?   ?   ?   B . n 
B 2 2   GLY 2   243 ?   ?   ?   B . n 
B 2 3   ARG 3   244 ?   ?   ?   B . n 
B 2 4   HIS 4   245 ?   ?   ?   B . n 
B 2 5   GLU 5   246 ?   ?   ?   B . n 
B 2 6   ARG 6   247 247 ARG ARG B . n 
B 2 7   ASP 7   248 248 ASP ASP B . n 
B 2 8   ALA 8   249 249 ALA ALA B . n 
B 2 9   PHE 9   250 250 PHE PHE B . n 
B 2 10  ASP 10  251 251 ASP ASP B . n 
B 2 11  THR 11  252 252 THR THR B . n 
B 2 12  LEU 12  253 253 LEU LEU B . n 
B 2 13  PHE 13  254 254 PHE PHE B . n 
B 2 14  ASP 14  255 255 ASP ASP B . n 
B 2 15  HIS 15  256 256 HIS HIS B . n 
B 2 16  ALA 16  257 257 ALA ALA B . n 
B 2 17  PRO 17  258 258 PRO PRO B . n 
B 2 18  ASP 18  259 259 ASP ASP B . n 
B 2 19  LYS 19  260 260 LYS LYS B . n 
B 2 20  LEU 20  261 261 LEU LEU B . n 
B 2 21  ASN 21  262 262 ASN ASN B . n 
B 2 22  VAL 22  263 263 VAL VAL B . n 
B 2 23  VAL 23  264 264 VAL VAL B . n 
B 2 24  LYS 24  265 265 LYS LYS B . n 
B 2 25  LYS 25  266 266 LYS LYS B . n 
B 2 26  THR 26  267 267 THR THR B . n 
B 2 27  LEU 27  268 268 LEU LEU B . n 
B 2 28  ILE 28  269 269 ILE ILE B . n 
B 2 29  THR 29  270 270 THR THR B . n 
B 2 30  PHE 30  271 271 PHE PHE B . n 
B 2 31  VAL 31  272 272 VAL VAL B . n 
B 2 32  ASN 32  273 273 ASN ASN B . n 
B 2 33  LYS 33  274 274 LYS LYS B . n 
B 2 34  HIS 34  275 275 HIS HIS B . n 
B 2 35  LEU 35  276 276 LEU LEU B . n 
B 2 36  ASN 36  277 277 ASN ASN B . n 
B 2 37  LYS 37  278 278 LYS LYS B . n 
B 2 38  LEU 38  279 279 LEU LEU B . n 
B 2 39  ASN 39  280 280 ASN ASN B . n 
B 2 40  LEU 40  281 281 LEU LEU B . n 
B 2 41  GLU 41  282 282 GLU GLU B . n 
B 2 42  VAL 42  283 283 VAL VAL B . n 
B 2 43  THR 43  284 284 THR THR B . n 
B 2 44  GLU 44  285 285 GLU GLU B . n 
B 2 45  LEU 45  286 286 LEU LEU B . n 
B 2 46  GLU 46  287 287 GLU GLU B . n 
B 2 47  THR 47  288 288 THR THR B . n 
B 2 48  GLN 48  289 289 GLN GLN B . n 
B 2 49  PHE 49  290 290 PHE PHE B . n 
B 2 50  ALA 50  291 291 ALA ALA B . n 
B 2 51  ASP 51  292 292 ASP ASP B . n 
B 2 52  GLY 52  293 293 GLY GLY B . n 
B 2 53  VAL 53  294 294 VAL VAL B . n 
B 2 54  TYR 54  295 295 TYR TYR B . n 
B 2 55  LEU 55  296 296 LEU LEU B . n 
B 2 56  VAL 56  297 297 VAL VAL B . n 
B 2 57  LEU 57  298 298 LEU LEU B . n 
B 2 58  LEU 58  299 299 LEU LEU B . n 
B 2 59  MET 59  300 300 MET MET B . n 
B 2 60  GLY 60  301 301 GLY GLY B . n 
B 2 61  LEU 61  302 302 LEU LEU B . n 
B 2 62  LEU 62  303 303 LEU LEU B . n 
B 2 63  GLU 63  304 304 GLU GLU B . n 
B 2 64  GLY 64  305 305 GLY GLY B . n 
B 2 65  TYR 65  306 306 TYR TYR B . n 
B 2 66  PHE 66  307 307 PHE PHE B . n 
B 2 67  VAL 67  308 308 VAL VAL B . n 
B 2 68  PRO 68  309 309 PRO PRO B . n 
B 2 69  LEU 69  310 310 LEU LEU B . n 
B 2 70  HIS 70  311 311 HIS HIS B . n 
B 2 71  SER 71  312 312 SER SER B . n 
B 2 72  PHE 72  313 313 PHE PHE B . n 
B 2 73  PHE 73  314 314 PHE PHE B . n 
B 2 74  LEU 74  315 315 LEU LEU B . n 
B 2 75  THR 75  316 316 THR THR B . n 
B 2 76  PRO 76  317 317 PRO PRO B . n 
B 2 77  ASP 77  318 318 ASP ASP B . n 
B 2 78  SER 78  319 319 SER SER B . n 
B 2 79  PHE 79  320 320 PHE PHE B . n 
B 2 80  GLU 80  321 321 GLU GLU B . n 
B 2 81  GLN 81  322 322 GLN GLN B . n 
B 2 82  LYS 82  323 323 LYS LYS B . n 
B 2 83  VAL 83  324 324 VAL VAL B . n 
B 2 84  LEU 84  325 325 LEU LEU B . n 
B 2 85  ASN 85  326 326 ASN ASN B . n 
B 2 86  VAL 86  327 327 VAL VAL B . n 
B 2 87  SER 87  328 328 SER SER B . n 
B 2 88  PHE 88  329 329 PHE PHE B . n 
B 2 89  ALA 89  330 330 ALA ALA B . n 
B 2 90  PHE 90  331 331 PHE PHE B . n 
B 2 91  GLU 91  332 332 GLU GLU B . n 
B 2 92  LEU 92  333 333 LEU LEU B . n 
B 2 93  MET 93  334 334 MET MET B . n 
B 2 94  GLN 94  335 335 GLN GLN B . n 
B 2 95  ASP 95  336 336 ASP ASP B . n 
B 2 96  GLY 96  337 337 GLY GLY B . n 
B 2 97  GLY 97  338 338 GLY GLY B . n 
B 2 98  LEU 98  339 339 LEU LEU B . n 
B 2 99  GLU 99  340 340 GLU GLU B . n 
B 2 100 LYS 100 341 341 LYS LYS B . n 
B 2 101 PRO 101 342 342 PRO PRO B . n 
B 2 102 LYS 102 343 343 LYS LYS B . n 
B 2 103 PRO 103 344 344 PRO PRO B . n 
B 2 104 ARG 104 345 345 ARG ARG B . n 
B 2 105 PRO 105 346 346 PRO PRO B . n 
B 2 106 GLU 106 347 347 GLU GLU B . n 
B 2 107 ASP 107 348 348 ASP ASP B . n 
B 2 108 ILE 108 349 349 ILE ILE B . n 
B 2 109 VAL 109 350 350 VAL VAL B . n 
B 2 110 ASN 110 351 351 ASN ASN B . n 
B 2 111 CYS 111 352 352 CYS CYS B . n 
B 2 112 ASP 112 353 353 ASP ASP B . n 
B 2 113 LEU 113 354 354 LEU LEU B . n 
B 2 114 LYS 114 355 355 LYS LYS B . n 
B 2 115 SER 115 356 356 SER SER B . n 
B 2 116 THR 116 357 357 THR THR B . n 
B 2 117 LEU 117 358 358 LEU LEU B . n 
B 2 118 ARG 118 359 359 ARG ARG B . n 
B 2 119 VAL 119 360 360 VAL VAL B . n 
B 2 120 LEU 120 361 361 LEU LEU B . n 
B 2 121 TYR 121 362 362 TYR TYR B . n 
B 2 122 ASN 122 363 363 ASN ASN B . n 
B 2 123 LEU 123 364 364 LEU LEU B . n 
B 2 124 PHE 124 365 365 PHE PHE B . n 
B 2 125 THR 125 366 366 THR THR B . n 
B 2 126 LYS 126 367 367 LYS LYS B . n 
B 2 127 TYR 127 368 368 TYR TYR B . n 
B 2 128 ARG 128 369 369 ARG ARG B . n 
B 2 129 ASN 129 370 370 ASN ASN B . n 
B 2 130 VAL 130 371 371 VAL VAL B . n 
B 2 131 GLU 131 372 372 GLU GLU B . n 
# 
loop_
_pdbx_nonpoly_scheme.asym_id 
_pdbx_nonpoly_scheme.entity_id 
_pdbx_nonpoly_scheme.mon_id 
_pdbx_nonpoly_scheme.ndb_seq_num 
_pdbx_nonpoly_scheme.pdb_seq_num 
_pdbx_nonpoly_scheme.auth_seq_num 
_pdbx_nonpoly_scheme.pdb_mon_id 
_pdbx_nonpoly_scheme.auth_mon_id 
_pdbx_nonpoly_scheme.pdb_strand_id 
_pdbx_nonpoly_scheme.pdb_ins_code 
C 3 PG4 1  1373 1373 PG4 PG4 B . 
D 4 PGE 1  1374 1374 PGE PGE B . 
E 5 EDO 1  1375 1375 EDO EDO B . 
F 5 EDO 1  1376 1376 EDO EDO B . 
G 5 EDO 1  1377 1377 EDO EDO B . 
H 5 EDO 1  1378 1378 EDO EDO B . 
I 5 EDO 1  1379 1379 EDO EDO B . 
J 6 HOH 1  2001 2001 HOH HOH A . 
J 6 HOH 2  2002 2002 HOH HOH A . 
J 6 HOH 3  2003 2003 HOH HOH A . 
J 6 HOH 4  2004 2004 HOH HOH A . 
J 6 HOH 5  2005 2005 HOH HOH A . 
J 6 HOH 6  2006 2006 HOH HOH A . 
J 6 HOH 7  2007 2007 HOH HOH A . 
J 6 HOH 8  2008 2008 HOH HOH A . 
K 6 HOH 1  2001 2001 HOH HOH B . 
K 6 HOH 2  2002 2002 HOH HOH B . 
K 6 HOH 3  2003 2003 HOH HOH B . 
K 6 HOH 4  2004 2004 HOH HOH B . 
K 6 HOH 5  2005 2005 HOH HOH B . 
K 6 HOH 6  2006 2006 HOH HOH B . 
K 6 HOH 7  2007 2007 HOH HOH B . 
K 6 HOH 8  2008 2008 HOH HOH B . 
K 6 HOH 9  2009 2009 HOH HOH B . 
K 6 HOH 10 2010 2010 HOH HOH B . 
K 6 HOH 11 2011 2011 HOH HOH B . 
K 6 HOH 12 2012 2012 HOH HOH B . 
K 6 HOH 13 2013 2013 HOH HOH B . 
K 6 HOH 14 2014 2014 HOH HOH B . 
K 6 HOH 15 2015 2015 HOH HOH B . 
K 6 HOH 16 2016 2016 HOH HOH B . 
K 6 HOH 17 2017 2017 HOH HOH B . 
K 6 HOH 18 2018 2018 HOH HOH B . 
K 6 HOH 19 2019 2019 HOH HOH B . 
K 6 HOH 20 2020 2020 HOH HOH B . 
K 6 HOH 21 2021 2021 HOH HOH B . 
K 6 HOH 22 2022 2022 HOH HOH B . 
K 6 HOH 23 2023 2023 HOH HOH B . 
K 6 HOH 24 2024 2024 HOH HOH B . 
K 6 HOH 25 2025 2025 HOH HOH B . 
K 6 HOH 26 2026 2026 HOH HOH B . 
K 6 HOH 27 2027 2027 HOH HOH B . 
K 6 HOH 28 2028 2028 HOH HOH B . 
K 6 HOH 29 2029 2029 HOH HOH B . 
K 6 HOH 30 2030 2030 HOH HOH B . 
K 6 HOH 31 2031 2031 HOH HOH B . 
K 6 HOH 32 2032 2032 HOH HOH B . 
K 6 HOH 33 2033 2033 HOH HOH B . 
K 6 HOH 34 2034 2034 HOH HOH B . 
K 6 HOH 35 2035 2035 HOH HOH B . 
K 6 HOH 36 2036 2036 HOH HOH B . 
K 6 HOH 37 2037 2037 HOH HOH B . 
K 6 HOH 38 2038 2038 HOH HOH B . 
K 6 HOH 39 2039 2039 HOH HOH B . 
K 6 HOH 40 2040 2040 HOH HOH B . 
K 6 HOH 41 2041 2041 HOH HOH B . 
K 6 HOH 42 2042 2042 HOH HOH B . 
K 6 HOH 43 2043 2043 HOH HOH B . 
K 6 HOH 44 2044 2044 HOH HOH B . 
K 6 HOH 45 2045 2045 HOH HOH B . 
K 6 HOH 46 2046 2046 HOH HOH B . 
K 6 HOH 47 2047 2047 HOH HOH B . 
K 6 HOH 48 2048 2048 HOH HOH B . 
K 6 HOH 49 2049 2049 HOH HOH B . 
K 6 HOH 50 2050 2050 HOH HOH B . 
K 6 HOH 51 2051 2051 HOH HOH B . 
K 6 HOH 52 2052 2052 HOH HOH B . 
K 6 HOH 53 2053 2053 HOH HOH B . 
K 6 HOH 54 2054 2054 HOH HOH B . 
K 6 HOH 55 2055 2055 HOH HOH B . 
K 6 HOH 56 2056 2056 HOH HOH B . 
K 6 HOH 57 2057 2057 HOH HOH B . 
# 
_pdbx_struct_assembly.id                   1 
_pdbx_struct_assembly.details              author_and_software_defined_assembly 
_pdbx_struct_assembly.method_details       PQS 
_pdbx_struct_assembly.oligomeric_details   dimeric 
_pdbx_struct_assembly.oligomeric_count     2 
# 
_pdbx_struct_assembly_gen.assembly_id       1 
_pdbx_struct_assembly_gen.oper_expression   1 
_pdbx_struct_assembly_gen.asym_id_list      A,B,C,D,E,F,G,H,I,J,K 
# 
loop_
_pdbx_struct_assembly_prop.biol_id 
_pdbx_struct_assembly_prop.type 
_pdbx_struct_assembly_prop.value 
_pdbx_struct_assembly_prop.details 
1 'ABSA (A^2)' 1170  ? 
1 MORE         -11.2 ? 
1 'SSA (A^2)'  10400 ? 
# 
_pdbx_struct_oper_list.id                   1 
_pdbx_struct_oper_list.type                 'identity operation' 
_pdbx_struct_oper_list.name                 1_555 
_pdbx_struct_oper_list.symmetry_operation   x,y,z 
_pdbx_struct_oper_list.matrix[1][1]         1.0000000000 
_pdbx_struct_oper_list.matrix[1][2]         0.0000000000 
_pdbx_struct_oper_list.matrix[1][3]         0.0000000000 
_pdbx_struct_oper_list.vector[1]            0.0000000000 
_pdbx_struct_oper_list.matrix[2][1]         0.0000000000 
_pdbx_struct_oper_list.matrix[2][2]         1.0000000000 
_pdbx_struct_oper_list.matrix[2][3]         0.0000000000 
_pdbx_struct_oper_list.vector[2]            0.0000000000 
_pdbx_struct_oper_list.matrix[3][1]         0.0000000000 
_pdbx_struct_oper_list.matrix[3][2]         0.0000000000 
_pdbx_struct_oper_list.matrix[3][3]         1.0000000000 
_pdbx_struct_oper_list.vector[3]            0.0000000000 
# 
_pdbx_struct_special_symmetry.id              1 
_pdbx_struct_special_symmetry.PDB_model_num   1 
_pdbx_struct_special_symmetry.auth_asym_id    B 
_pdbx_struct_special_symmetry.auth_comp_id    HOH 
_pdbx_struct_special_symmetry.auth_seq_id     2023 
_pdbx_struct_special_symmetry.PDB_ins_code    ? 
_pdbx_struct_special_symmetry.label_asym_id   K 
_pdbx_struct_special_symmetry.label_comp_id   HOH 
_pdbx_struct_special_symmetry.label_seq_id    . 
# 
loop_
_pdbx_audit_revision_history.ordinal 
_pdbx_audit_revision_history.data_content_type 
_pdbx_audit_revision_history.major_revision 
_pdbx_audit_revision_history.minor_revision 
_pdbx_audit_revision_history.revision_date 
1 'Structure model' 1 0 2008-10-28 
2 'Structure model' 1 1 2011-07-13 
3 'Structure model' 1 2 2012-05-30 
4 'Structure model' 1 3 2019-04-24 
5 'Structure model' 1 4 2019-07-10 
6 'Structure model' 1 5 2023-12-13 
# 
_pdbx_audit_revision_details.ordinal             1 
_pdbx_audit_revision_details.revision_ordinal    1 
_pdbx_audit_revision_details.data_content_type   'Structure model' 
_pdbx_audit_revision_details.provider            repository 
_pdbx_audit_revision_details.type                'Initial release' 
_pdbx_audit_revision_details.description         ? 
_pdbx_audit_revision_details.details             ? 
# 
loop_
_pdbx_audit_revision_group.ordinal 
_pdbx_audit_revision_group.revision_ordinal 
_pdbx_audit_revision_group.data_content_type 
_pdbx_audit_revision_group.group 
1  2 'Structure model' Advisory                    
2  2 'Structure model' 'Version format compliance' 
3  3 'Structure model' Other                       
4  4 'Structure model' 'Data collection'           
5  4 'Structure model' 'Database references'       
6  4 'Structure model' 'Experimental preparation'  
7  4 'Structure model' Other                       
8  4 'Structure model' 'Source and taxonomy'       
9  4 'Structure model' 'Structure summary'         
10 5 'Structure model' 'Data collection'           
11 6 'Structure model' 'Data collection'           
12 6 'Structure model' 'Database references'       
13 6 'Structure model' 'Derived calculations'      
14 6 'Structure model' Other                       
15 6 'Structure model' 'Refinement description'    
# 
loop_
_pdbx_audit_revision_category.ordinal 
_pdbx_audit_revision_category.revision_ordinal 
_pdbx_audit_revision_category.data_content_type 
_pdbx_audit_revision_category.category 
1  4 'Structure model' citation                      
2  4 'Structure model' citation_author               
3  4 'Structure model' diffrn_source                 
4  4 'Structure model' entity                        
5  4 'Structure model' entity_name_com               
6  4 'Structure model' entity_src_gen                
7  4 'Structure model' exptl_crystal_grow            
8  4 'Structure model' pdbx_database_proc            
9  4 'Structure model' pdbx_database_status          
10 4 'Structure model' pdbx_entity_src_syn           
11 4 'Structure model' struct_biol                   
12 4 'Structure model' struct_ref                    
13 4 'Structure model' struct_ref_seq                
14 5 'Structure model' diffrn_source                 
15 6 'Structure model' chem_comp_atom                
16 6 'Structure model' chem_comp_bond                
17 6 'Structure model' database_2                    
18 6 'Structure model' pdbx_database_status          
19 6 'Structure model' pdbx_initial_refinement_model 
20 6 'Structure model' struct_site                   
# 
loop_
_pdbx_audit_revision_item.ordinal 
_pdbx_audit_revision_item.revision_ordinal 
_pdbx_audit_revision_item.data_content_type 
_pdbx_audit_revision_item.item 
1  4 'Structure model' '_citation.page_last'                         
2  4 'Structure model' '_citation.pdbx_database_id_DOI'              
3  4 'Structure model' '_citation.title'                             
4  4 'Structure model' '_citation_author.name'                       
5  4 'Structure model' '_diffrn_source.pdbx_synchrotron_site'        
6  4 'Structure model' '_entity.pdbx_description'                    
7  4 'Structure model' '_entity.src_method'                          
8  4 'Structure model' '_entity_name_com.name'                       
9  4 'Structure model' '_exptl_crystal_grow.method'                  
10 4 'Structure model' '_exptl_crystal_grow.temp'                    
11 4 'Structure model' '_pdbx_database_status.recvd_author_approval' 
12 4 'Structure model' '_struct_ref.pdbx_align_begin'                
13 4 'Structure model' '_struct_ref.pdbx_db_isoform'                 
14 4 'Structure model' '_struct_ref.pdbx_seq_one_letter_code'        
15 4 'Structure model' '_struct_ref_seq.db_align_beg'                
16 4 'Structure model' '_struct_ref_seq.db_align_end'                
17 5 'Structure model' '_diffrn_source.pdbx_synchrotron_site'        
18 6 'Structure model' '_database_2.pdbx_DOI'                        
19 6 'Structure model' '_database_2.pdbx_database_accession'         
20 6 'Structure model' '_pdbx_database_status.status_code_sf'        
21 6 'Structure model' '_struct_site.pdbx_auth_asym_id'              
22 6 'Structure model' '_struct_site.pdbx_auth_comp_id'              
23 6 'Structure model' '_struct_site.pdbx_auth_seq_id'               
# 
loop_
_pdbx_refine_tls.pdbx_refine_id 
_pdbx_refine_tls.id 
_pdbx_refine_tls.details 
_pdbx_refine_tls.method 
_pdbx_refine_tls.origin_x 
_pdbx_refine_tls.origin_y 
_pdbx_refine_tls.origin_z 
_pdbx_refine_tls.T[1][1] 
_pdbx_refine_tls.T[2][2] 
_pdbx_refine_tls.T[3][3] 
_pdbx_refine_tls.T[1][2] 
_pdbx_refine_tls.T[1][3] 
_pdbx_refine_tls.T[2][3] 
_pdbx_refine_tls.L[1][1] 
_pdbx_refine_tls.L[2][2] 
_pdbx_refine_tls.L[3][3] 
_pdbx_refine_tls.L[1][2] 
_pdbx_refine_tls.L[1][3] 
_pdbx_refine_tls.L[2][3] 
_pdbx_refine_tls.S[1][1] 
_pdbx_refine_tls.S[1][2] 
_pdbx_refine_tls.S[1][3] 
_pdbx_refine_tls.S[2][1] 
_pdbx_refine_tls.S[2][2] 
_pdbx_refine_tls.S[2][3] 
_pdbx_refine_tls.S[3][1] 
_pdbx_refine_tls.S[3][2] 
_pdbx_refine_tls.S[3][3] 
'X-RAY DIFFRACTION' 1 ? refined 0.8594  1.4955   0.3046  -0.1561 -0.1556 -0.1462 0.0130 0.0046  -0.0059 2.5092  3.0553  1.6377  0.8719  -0.3751  0.1264 -0.0815 0.1034  -0.0802 -0.0386 0.0780 -0.0107 0.1152 0.0451 0.0034  
'X-RAY DIFFRACTION' 2 ? refined -8.9085 -15.1127 -2.3304 -0.0545 -0.0536 -0.0114 0.0320 -0.0598 0.0428  14.1654 14.1203 36.1228 -5.1713 -12.6345 9.2443 -0.2279 -0.7116 -0.5127 0.1015  0.3779 0.8610  1.2249 0.9320 -0.1500 
# 
loop_
_pdbx_refine_tls_group.pdbx_refine_id 
_pdbx_refine_tls_group.id 
_pdbx_refine_tls_group.refine_tls_id 
_pdbx_refine_tls_group.beg_auth_asym_id 
_pdbx_refine_tls_group.beg_auth_seq_id 
_pdbx_refine_tls_group.beg_label_asym_id 
_pdbx_refine_tls_group.beg_label_seq_id 
_pdbx_refine_tls_group.end_auth_asym_id 
_pdbx_refine_tls_group.end_auth_seq_id 
_pdbx_refine_tls_group.end_label_asym_id 
_pdbx_refine_tls_group.end_label_seq_id 
_pdbx_refine_tls_group.selection 
_pdbx_refine_tls_group.selection_details 
'X-RAY DIFFRACTION' 1 1 B 247 ? ? B 372 ? ? ? ? 
'X-RAY DIFFRACTION' 2 2 A 5   ? ? A 15  ? ? ? ? 
# 
loop_
_software.name 
_software.classification 
_software.version 
_software.citation_id 
_software.pdbx_ordinal 
_software.date 
_software.type 
_software.location 
_software.language 
REFMAC refinement       5.2.0019 ? 1 ? ? ? ? 
MOSFLM 'data reduction' .        ? 2 ? ? ? ? 
SCALA  'data scaling'   .        ? 3 ? ? ? ? 
PHASER phasing          .        ? 4 ? ? ? ? 
# 
_pdbx_validate_close_contact.id               1 
_pdbx_validate_close_contact.PDB_model_num    1 
_pdbx_validate_close_contact.auth_atom_id_1   SG 
_pdbx_validate_close_contact.auth_asym_id_1   B 
_pdbx_validate_close_contact.auth_comp_id_1   CYS 
_pdbx_validate_close_contact.auth_seq_id_1    352 
_pdbx_validate_close_contact.PDB_ins_code_1   ? 
_pdbx_validate_close_contact.label_alt_id_1   ? 
_pdbx_validate_close_contact.auth_atom_id_2   O1 
_pdbx_validate_close_contact.auth_asym_id_2   B 
_pdbx_validate_close_contact.auth_comp_id_2   EDO 
_pdbx_validate_close_contact.auth_seq_id_2    1377 
_pdbx_validate_close_contact.PDB_ins_code_2   ? 
_pdbx_validate_close_contact.label_alt_id_2   ? 
_pdbx_validate_close_contact.dist             2.13 
# 
loop_
_pdbx_validate_torsion.id 
_pdbx_validate_torsion.PDB_model_num 
_pdbx_validate_torsion.auth_comp_id 
_pdbx_validate_torsion.auth_asym_id 
_pdbx_validate_torsion.auth_seq_id 
_pdbx_validate_torsion.PDB_ins_code 
_pdbx_validate_torsion.label_alt_id 
_pdbx_validate_torsion.phi 
_pdbx_validate_torsion.psi 
1 1 ALA B 257 ? ? -145.60 46.23  
2 1 LYS B 341 ? ? -34.77  127.19 
# 
loop_
_pdbx_unobs_or_zero_occ_residues.id 
_pdbx_unobs_or_zero_occ_residues.PDB_model_num 
_pdbx_unobs_or_zero_occ_residues.polymer_flag 
_pdbx_unobs_or_zero_occ_residues.occupancy_flag 
_pdbx_unobs_or_zero_occ_residues.auth_asym_id 
_pdbx_unobs_or_zero_occ_residues.auth_comp_id 
_pdbx_unobs_or_zero_occ_residues.auth_seq_id 
_pdbx_unobs_or_zero_occ_residues.PDB_ins_code 
_pdbx_unobs_or_zero_occ_residues.label_asym_id 
_pdbx_unobs_or_zero_occ_residues.label_comp_id 
_pdbx_unobs_or_zero_occ_residues.label_seq_id 
1  1 Y 1 A GLN 16  ? A GLN 16 
2  1 Y 1 A HIS 17  ? A HIS 17 
3  1 Y 1 A ASN 18  ? A ASN 18 
4  1 Y 1 A PRO 19  ? A PRO 19 
5  1 Y 1 A PRO 20  ? A PRO 20 
6  1 Y 1 B SER 242 ? B SER 1  
7  1 Y 1 B GLY 243 ? B GLY 2  
8  1 Y 1 B ARG 244 ? B ARG 3  
9  1 Y 1 B HIS 245 ? B HIS 4  
10 1 Y 1 B GLU 246 ? B GLU 5  
# 
loop_
_chem_comp_atom.comp_id 
_chem_comp_atom.atom_id 
_chem_comp_atom.type_symbol 
_chem_comp_atom.pdbx_aromatic_flag 
_chem_comp_atom.pdbx_stereo_config 
_chem_comp_atom.pdbx_ordinal 
ALA N    N N N 1   
ALA CA   C N S 2   
ALA C    C N N 3   
ALA O    O N N 4   
ALA CB   C N N 5   
ALA OXT  O N N 6   
ALA H    H N N 7   
ALA H2   H N N 8   
ALA HA   H N N 9   
ALA HB1  H N N 10  
ALA HB2  H N N 11  
ALA HB3  H N N 12  
ALA HXT  H N N 13  
ARG N    N N N 14  
ARG CA   C N S 15  
ARG C    C N N 16  
ARG O    O N N 17  
ARG CB   C N N 18  
ARG CG   C N N 19  
ARG CD   C N N 20  
ARG NE   N N N 21  
ARG CZ   C N N 22  
ARG NH1  N N N 23  
ARG NH2  N N N 24  
ARG OXT  O N N 25  
ARG H    H N N 26  
ARG H2   H N N 27  
ARG HA   H N N 28  
ARG HB2  H N N 29  
ARG HB3  H N N 30  
ARG HG2  H N N 31  
ARG HG3  H N N 32  
ARG HD2  H N N 33  
ARG HD3  H N N 34  
ARG HE   H N N 35  
ARG HH11 H N N 36  
ARG HH12 H N N 37  
ARG HH21 H N N 38  
ARG HH22 H N N 39  
ARG HXT  H N N 40  
ASN N    N N N 41  
ASN CA   C N S 42  
ASN C    C N N 43  
ASN O    O N N 44  
ASN CB   C N N 45  
ASN CG   C N N 46  
ASN OD1  O N N 47  
ASN ND2  N N N 48  
ASN OXT  O N N 49  
ASN H    H N N 50  
ASN H2   H N N 51  
ASN HA   H N N 52  
ASN HB2  H N N 53  
ASN HB3  H N N 54  
ASN HD21 H N N 55  
ASN HD22 H N N 56  
ASN HXT  H N N 57  
ASP N    N N N 58  
ASP CA   C N S 59  
ASP C    C N N 60  
ASP O    O N N 61  
ASP CB   C N N 62  
ASP CG   C N N 63  
ASP OD1  O N N 64  
ASP OD2  O N N 65  
ASP OXT  O N N 66  
ASP H    H N N 67  
ASP H2   H N N 68  
ASP HA   H N N 69  
ASP HB2  H N N 70  
ASP HB3  H N N 71  
ASP HD2  H N N 72  
ASP HXT  H N N 73  
CYS N    N N N 74  
CYS CA   C N R 75  
CYS C    C N N 76  
CYS O    O N N 77  
CYS CB   C N N 78  
CYS SG   S N N 79  
CYS OXT  O N N 80  
CYS H    H N N 81  
CYS H2   H N N 82  
CYS HA   H N N 83  
CYS HB2  H N N 84  
CYS HB3  H N N 85  
CYS HG   H N N 86  
CYS HXT  H N N 87  
EDO C1   C N N 88  
EDO O1   O N N 89  
EDO C2   C N N 90  
EDO O2   O N N 91  
EDO H11  H N N 92  
EDO H12  H N N 93  
EDO HO1  H N N 94  
EDO H21  H N N 95  
EDO H22  H N N 96  
EDO HO2  H N N 97  
GLN N    N N N 98  
GLN CA   C N S 99  
GLN C    C N N 100 
GLN O    O N N 101 
GLN CB   C N N 102 
GLN CG   C N N 103 
GLN CD   C N N 104 
GLN OE1  O N N 105 
GLN NE2  N N N 106 
GLN OXT  O N N 107 
GLN H    H N N 108 
GLN H2   H N N 109 
GLN HA   H N N 110 
GLN HB2  H N N 111 
GLN HB3  H N N 112 
GLN HG2  H N N 113 
GLN HG3  H N N 114 
GLN HE21 H N N 115 
GLN HE22 H N N 116 
GLN HXT  H N N 117 
GLU N    N N N 118 
GLU CA   C N S 119 
GLU C    C N N 120 
GLU O    O N N 121 
GLU CB   C N N 122 
GLU CG   C N N 123 
GLU CD   C N N 124 
GLU OE1  O N N 125 
GLU OE2  O N N 126 
GLU OXT  O N N 127 
GLU H    H N N 128 
GLU H2   H N N 129 
GLU HA   H N N 130 
GLU HB2  H N N 131 
GLU HB3  H N N 132 
GLU HG2  H N N 133 
GLU HG3  H N N 134 
GLU HE2  H N N 135 
GLU HXT  H N N 136 
GLY N    N N N 137 
GLY CA   C N N 138 
GLY C    C N N 139 
GLY O    O N N 140 
GLY OXT  O N N 141 
GLY H    H N N 142 
GLY H2   H N N 143 
GLY HA2  H N N 144 
GLY HA3  H N N 145 
GLY HXT  H N N 146 
HIS N    N N N 147 
HIS CA   C N S 148 
HIS C    C N N 149 
HIS O    O N N 150 
HIS CB   C N N 151 
HIS CG   C Y N 152 
HIS ND1  N Y N 153 
HIS CD2  C Y N 154 
HIS CE1  C Y N 155 
HIS NE2  N Y N 156 
HIS OXT  O N N 157 
HIS H    H N N 158 
HIS H2   H N N 159 
HIS HA   H N N 160 
HIS HB2  H N N 161 
HIS HB3  H N N 162 
HIS HD1  H N N 163 
HIS HD2  H N N 164 
HIS HE1  H N N 165 
HIS HE2  H N N 166 
HIS HXT  H N N 167 
HOH O    O N N 168 
HOH H1   H N N 169 
HOH H2   H N N 170 
ILE N    N N N 171 
ILE CA   C N S 172 
ILE C    C N N 173 
ILE O    O N N 174 
ILE CB   C N S 175 
ILE CG1  C N N 176 
ILE CG2  C N N 177 
ILE CD1  C N N 178 
ILE OXT  O N N 179 
ILE H    H N N 180 
ILE H2   H N N 181 
ILE HA   H N N 182 
ILE HB   H N N 183 
ILE HG12 H N N 184 
ILE HG13 H N N 185 
ILE HG21 H N N 186 
ILE HG22 H N N 187 
ILE HG23 H N N 188 
ILE HD11 H N N 189 
ILE HD12 H N N 190 
ILE HD13 H N N 191 
ILE HXT  H N N 192 
LEU N    N N N 193 
LEU CA   C N S 194 
LEU C    C N N 195 
LEU O    O N N 196 
LEU CB   C N N 197 
LEU CG   C N N 198 
LEU CD1  C N N 199 
LEU CD2  C N N 200 
LEU OXT  O N N 201 
LEU H    H N N 202 
LEU H2   H N N 203 
LEU HA   H N N 204 
LEU HB2  H N N 205 
LEU HB3  H N N 206 
LEU HG   H N N 207 
LEU HD11 H N N 208 
LEU HD12 H N N 209 
LEU HD13 H N N 210 
LEU HD21 H N N 211 
LEU HD22 H N N 212 
LEU HD23 H N N 213 
LEU HXT  H N N 214 
LYS N    N N N 215 
LYS CA   C N S 216 
LYS C    C N N 217 
LYS O    O N N 218 
LYS CB   C N N 219 
LYS CG   C N N 220 
LYS CD   C N N 221 
LYS CE   C N N 222 
LYS NZ   N N N 223 
LYS OXT  O N N 224 
LYS H    H N N 225 
LYS H2   H N N 226 
LYS HA   H N N 227 
LYS HB2  H N N 228 
LYS HB3  H N N 229 
LYS HG2  H N N 230 
LYS HG3  H N N 231 
LYS HD2  H N N 232 
LYS HD3  H N N 233 
LYS HE2  H N N 234 
LYS HE3  H N N 235 
LYS HZ1  H N N 236 
LYS HZ2  H N N 237 
LYS HZ3  H N N 238 
LYS HXT  H N N 239 
MET N    N N N 240 
MET CA   C N S 241 
MET C    C N N 242 
MET O    O N N 243 
MET CB   C N N 244 
MET CG   C N N 245 
MET SD   S N N 246 
MET CE   C N N 247 
MET OXT  O N N 248 
MET H    H N N 249 
MET H2   H N N 250 
MET HA   H N N 251 
MET HB2  H N N 252 
MET HB3  H N N 253 
MET HG2  H N N 254 
MET HG3  H N N 255 
MET HE1  H N N 256 
MET HE2  H N N 257 
MET HE3  H N N 258 
MET HXT  H N N 259 
PG4 O1   O N N 260 
PG4 C1   C N N 261 
PG4 C2   C N N 262 
PG4 O2   O N N 263 
PG4 C3   C N N 264 
PG4 C4   C N N 265 
PG4 O3   O N N 266 
PG4 C5   C N N 267 
PG4 C6   C N N 268 
PG4 O4   O N N 269 
PG4 C7   C N N 270 
PG4 C8   C N N 271 
PG4 O5   O N N 272 
PG4 HO1  H N N 273 
PG4 H11  H N N 274 
PG4 H12  H N N 275 
PG4 H21  H N N 276 
PG4 H22  H N N 277 
PG4 H31  H N N 278 
PG4 H32  H N N 279 
PG4 H41  H N N 280 
PG4 H42  H N N 281 
PG4 H51  H N N 282 
PG4 H52  H N N 283 
PG4 H61  H N N 284 
PG4 H62  H N N 285 
PG4 H71  H N N 286 
PG4 H72  H N N 287 
PG4 H81  H N N 288 
PG4 H82  H N N 289 
PG4 HO5  H N N 290 
PGE C1   C N N 291 
PGE O1   O N N 292 
PGE C2   C N N 293 
PGE O2   O N N 294 
PGE C3   C N N 295 
PGE C4   C N N 296 
PGE O4   O N N 297 
PGE C6   C N N 298 
PGE C5   C N N 299 
PGE O3   O N N 300 
PGE H1   H N N 301 
PGE H12  H N N 302 
PGE HO1  H N N 303 
PGE H2   H N N 304 
PGE H22  H N N 305 
PGE H3   H N N 306 
PGE H32  H N N 307 
PGE H4   H N N 308 
PGE H42  H N N 309 
PGE HO4  H N N 310 
PGE H6   H N N 311 
PGE H62  H N N 312 
PGE H5   H N N 313 
PGE H52  H N N 314 
PHE N    N N N 315 
PHE CA   C N S 316 
PHE C    C N N 317 
PHE O    O N N 318 
PHE CB   C N N 319 
PHE CG   C Y N 320 
PHE CD1  C Y N 321 
PHE CD2  C Y N 322 
PHE CE1  C Y N 323 
PHE CE2  C Y N 324 
PHE CZ   C Y N 325 
PHE OXT  O N N 326 
PHE H    H N N 327 
PHE H2   H N N 328 
PHE HA   H N N 329 
PHE HB2  H N N 330 
PHE HB3  H N N 331 
PHE HD1  H N N 332 
PHE HD2  H N N 333 
PHE HE1  H N N 334 
PHE HE2  H N N 335 
PHE HZ   H N N 336 
PHE HXT  H N N 337 
PRO N    N N N 338 
PRO CA   C N S 339 
PRO C    C N N 340 
PRO O    O N N 341 
PRO CB   C N N 342 
PRO CG   C N N 343 
PRO CD   C N N 344 
PRO OXT  O N N 345 
PRO H    H N N 346 
PRO HA   H N N 347 
PRO HB2  H N N 348 
PRO HB3  H N N 349 
PRO HG2  H N N 350 
PRO HG3  H N N 351 
PRO HD2  H N N 352 
PRO HD3  H N N 353 
PRO HXT  H N N 354 
SER N    N N N 355 
SER CA   C N S 356 
SER C    C N N 357 
SER O    O N N 358 
SER CB   C N N 359 
SER OG   O N N 360 
SER OXT  O N N 361 
SER H    H N N 362 
SER H2   H N N 363 
SER HA   H N N 364 
SER HB2  H N N 365 
SER HB3  H N N 366 
SER HG   H N N 367 
SER HXT  H N N 368 
THR N    N N N 369 
THR CA   C N S 370 
THR C    C N N 371 
THR O    O N N 372 
THR CB   C N R 373 
THR OG1  O N N 374 
THR CG2  C N N 375 
THR OXT  O N N 376 
THR H    H N N 377 
THR H2   H N N 378 
THR HA   H N N 379 
THR HB   H N N 380 
THR HG1  H N N 381 
THR HG21 H N N 382 
THR HG22 H N N 383 
THR HG23 H N N 384 
THR HXT  H N N 385 
TYR N    N N N 386 
TYR CA   C N S 387 
TYR C    C N N 388 
TYR O    O N N 389 
TYR CB   C N N 390 
TYR CG   C Y N 391 
TYR CD1  C Y N 392 
TYR CD2  C Y N 393 
TYR CE1  C Y N 394 
TYR CE2  C Y N 395 
TYR CZ   C Y N 396 
TYR OH   O N N 397 
TYR OXT  O N N 398 
TYR H    H N N 399 
TYR H2   H N N 400 
TYR HA   H N N 401 
TYR HB2  H N N 402 
TYR HB3  H N N 403 
TYR HD1  H N N 404 
TYR HD2  H N N 405 
TYR HE1  H N N 406 
TYR HE2  H N N 407 
TYR HH   H N N 408 
TYR HXT  H N N 409 
VAL N    N N N 410 
VAL CA   C N S 411 
VAL C    C N N 412 
VAL O    O N N 413 
VAL CB   C N N 414 
VAL CG1  C N N 415 
VAL CG2  C N N 416 
VAL OXT  O N N 417 
VAL H    H N N 418 
VAL H2   H N N 419 
VAL HA   H N N 420 
VAL HB   H N N 421 
VAL HG11 H N N 422 
VAL HG12 H N N 423 
VAL HG13 H N N 424 
VAL HG21 H N N 425 
VAL HG22 H N N 426 
VAL HG23 H N N 427 
VAL HXT  H N N 428 
# 
loop_
_chem_comp_bond.comp_id 
_chem_comp_bond.atom_id_1 
_chem_comp_bond.atom_id_2 
_chem_comp_bond.value_order 
_chem_comp_bond.pdbx_aromatic_flag 
_chem_comp_bond.pdbx_stereo_config 
_chem_comp_bond.pdbx_ordinal 
ALA N   CA   sing N N 1   
ALA N   H    sing N N 2   
ALA N   H2   sing N N 3   
ALA CA  C    sing N N 4   
ALA CA  CB   sing N N 5   
ALA CA  HA   sing N N 6   
ALA C   O    doub N N 7   
ALA C   OXT  sing N N 8   
ALA CB  HB1  sing N N 9   
ALA CB  HB2  sing N N 10  
ALA CB  HB3  sing N N 11  
ALA OXT HXT  sing N N 12  
ARG N   CA   sing N N 13  
ARG N   H    sing N N 14  
ARG N   H2   sing N N 15  
ARG CA  C    sing N N 16  
ARG CA  CB   sing N N 17  
ARG CA  HA   sing N N 18  
ARG C   O    doub N N 19  
ARG C   OXT  sing N N 20  
ARG CB  CG   sing N N 21  
ARG CB  HB2  sing N N 22  
ARG CB  HB3  sing N N 23  
ARG CG  CD   sing N N 24  
ARG CG  HG2  sing N N 25  
ARG CG  HG3  sing N N 26  
ARG CD  NE   sing N N 27  
ARG CD  HD2  sing N N 28  
ARG CD  HD3  sing N N 29  
ARG NE  CZ   sing N N 30  
ARG NE  HE   sing N N 31  
ARG CZ  NH1  sing N N 32  
ARG CZ  NH2  doub N N 33  
ARG NH1 HH11 sing N N 34  
ARG NH1 HH12 sing N N 35  
ARG NH2 HH21 sing N N 36  
ARG NH2 HH22 sing N N 37  
ARG OXT HXT  sing N N 38  
ASN N   CA   sing N N 39  
ASN N   H    sing N N 40  
ASN N   H2   sing N N 41  
ASN CA  C    sing N N 42  
ASN CA  CB   sing N N 43  
ASN CA  HA   sing N N 44  
ASN C   O    doub N N 45  
ASN C   OXT  sing N N 46  
ASN CB  CG   sing N N 47  
ASN CB  HB2  sing N N 48  
ASN CB  HB3  sing N N 49  
ASN CG  OD1  doub N N 50  
ASN CG  ND2  sing N N 51  
ASN ND2 HD21 sing N N 52  
ASN ND2 HD22 sing N N 53  
ASN OXT HXT  sing N N 54  
ASP N   CA   sing N N 55  
ASP N   H    sing N N 56  
ASP N   H2   sing N N 57  
ASP CA  C    sing N N 58  
ASP CA  CB   sing N N 59  
ASP CA  HA   sing N N 60  
ASP C   O    doub N N 61  
ASP C   OXT  sing N N 62  
ASP CB  CG   sing N N 63  
ASP CB  HB2  sing N N 64  
ASP CB  HB3  sing N N 65  
ASP CG  OD1  doub N N 66  
ASP CG  OD2  sing N N 67  
ASP OD2 HD2  sing N N 68  
ASP OXT HXT  sing N N 69  
CYS N   CA   sing N N 70  
CYS N   H    sing N N 71  
CYS N   H2   sing N N 72  
CYS CA  C    sing N N 73  
CYS CA  CB   sing N N 74  
CYS CA  HA   sing N N 75  
CYS C   O    doub N N 76  
CYS C   OXT  sing N N 77  
CYS CB  SG   sing N N 78  
CYS CB  HB2  sing N N 79  
CYS CB  HB3  sing N N 80  
CYS SG  HG   sing N N 81  
CYS OXT HXT  sing N N 82  
EDO C1  O1   sing N N 83  
EDO C1  C2   sing N N 84  
EDO C1  H11  sing N N 85  
EDO C1  H12  sing N N 86  
EDO O1  HO1  sing N N 87  
EDO C2  O2   sing N N 88  
EDO C2  H21  sing N N 89  
EDO C2  H22  sing N N 90  
EDO O2  HO2  sing N N 91  
GLN N   CA   sing N N 92  
GLN N   H    sing N N 93  
GLN N   H2   sing N N 94  
GLN CA  C    sing N N 95  
GLN CA  CB   sing N N 96  
GLN CA  HA   sing N N 97  
GLN C   O    doub N N 98  
GLN C   OXT  sing N N 99  
GLN CB  CG   sing N N 100 
GLN CB  HB2  sing N N 101 
GLN CB  HB3  sing N N 102 
GLN CG  CD   sing N N 103 
GLN CG  HG2  sing N N 104 
GLN CG  HG3  sing N N 105 
GLN CD  OE1  doub N N 106 
GLN CD  NE2  sing N N 107 
GLN NE2 HE21 sing N N 108 
GLN NE2 HE22 sing N N 109 
GLN OXT HXT  sing N N 110 
GLU N   CA   sing N N 111 
GLU N   H    sing N N 112 
GLU N   H2   sing N N 113 
GLU CA  C    sing N N 114 
GLU CA  CB   sing N N 115 
GLU CA  HA   sing N N 116 
GLU C   O    doub N N 117 
GLU C   OXT  sing N N 118 
GLU CB  CG   sing N N 119 
GLU CB  HB2  sing N N 120 
GLU CB  HB3  sing N N 121 
GLU CG  CD   sing N N 122 
GLU CG  HG2  sing N N 123 
GLU CG  HG3  sing N N 124 
GLU CD  OE1  doub N N 125 
GLU CD  OE2  sing N N 126 
GLU OE2 HE2  sing N N 127 
GLU OXT HXT  sing N N 128 
GLY N   CA   sing N N 129 
GLY N   H    sing N N 130 
GLY N   H2   sing N N 131 
GLY CA  C    sing N N 132 
GLY CA  HA2  sing N N 133 
GLY CA  HA3  sing N N 134 
GLY C   O    doub N N 135 
GLY C   OXT  sing N N 136 
GLY OXT HXT  sing N N 137 
HIS N   CA   sing N N 138 
HIS N   H    sing N N 139 
HIS N   H2   sing N N 140 
HIS CA  C    sing N N 141 
HIS CA  CB   sing N N 142 
HIS CA  HA   sing N N 143 
HIS C   O    doub N N 144 
HIS C   OXT  sing N N 145 
HIS CB  CG   sing N N 146 
HIS CB  HB2  sing N N 147 
HIS CB  HB3  sing N N 148 
HIS CG  ND1  sing Y N 149 
HIS CG  CD2  doub Y N 150 
HIS ND1 CE1  doub Y N 151 
HIS ND1 HD1  sing N N 152 
HIS CD2 NE2  sing Y N 153 
HIS CD2 HD2  sing N N 154 
HIS CE1 NE2  sing Y N 155 
HIS CE1 HE1  sing N N 156 
HIS NE2 HE2  sing N N 157 
HIS OXT HXT  sing N N 158 
HOH O   H1   sing N N 159 
HOH O   H2   sing N N 160 
ILE N   CA   sing N N 161 
ILE N   H    sing N N 162 
ILE N   H2   sing N N 163 
ILE CA  C    sing N N 164 
ILE CA  CB   sing N N 165 
ILE CA  HA   sing N N 166 
ILE C   O    doub N N 167 
ILE C   OXT  sing N N 168 
ILE CB  CG1  sing N N 169 
ILE CB  CG2  sing N N 170 
ILE CB  HB   sing N N 171 
ILE CG1 CD1  sing N N 172 
ILE CG1 HG12 sing N N 173 
ILE CG1 HG13 sing N N 174 
ILE CG2 HG21 sing N N 175 
ILE CG2 HG22 sing N N 176 
ILE CG2 HG23 sing N N 177 
ILE CD1 HD11 sing N N 178 
ILE CD1 HD12 sing N N 179 
ILE CD1 HD13 sing N N 180 
ILE OXT HXT  sing N N 181 
LEU N   CA   sing N N 182 
LEU N   H    sing N N 183 
LEU N   H2   sing N N 184 
LEU CA  C    sing N N 185 
LEU CA  CB   sing N N 186 
LEU CA  HA   sing N N 187 
LEU C   O    doub N N 188 
LEU C   OXT  sing N N 189 
LEU CB  CG   sing N N 190 
LEU CB  HB2  sing N N 191 
LEU CB  HB3  sing N N 192 
LEU CG  CD1  sing N N 193 
LEU CG  CD2  sing N N 194 
LEU CG  HG   sing N N 195 
LEU CD1 HD11 sing N N 196 
LEU CD1 HD12 sing N N 197 
LEU CD1 HD13 sing N N 198 
LEU CD2 HD21 sing N N 199 
LEU CD2 HD22 sing N N 200 
LEU CD2 HD23 sing N N 201 
LEU OXT HXT  sing N N 202 
LYS N   CA   sing N N 203 
LYS N   H    sing N N 204 
LYS N   H2   sing N N 205 
LYS CA  C    sing N N 206 
LYS CA  CB   sing N N 207 
LYS CA  HA   sing N N 208 
LYS C   O    doub N N 209 
LYS C   OXT  sing N N 210 
LYS CB  CG   sing N N 211 
LYS CB  HB2  sing N N 212 
LYS CB  HB3  sing N N 213 
LYS CG  CD   sing N N 214 
LYS CG  HG2  sing N N 215 
LYS CG  HG3  sing N N 216 
LYS CD  CE   sing N N 217 
LYS CD  HD2  sing N N 218 
LYS CD  HD3  sing N N 219 
LYS CE  NZ   sing N N 220 
LYS CE  HE2  sing N N 221 
LYS CE  HE3  sing N N 222 
LYS NZ  HZ1  sing N N 223 
LYS NZ  HZ2  sing N N 224 
LYS NZ  HZ3  sing N N 225 
LYS OXT HXT  sing N N 226 
MET N   CA   sing N N 227 
MET N   H    sing N N 228 
MET N   H2   sing N N 229 
MET CA  C    sing N N 230 
MET CA  CB   sing N N 231 
MET CA  HA   sing N N 232 
MET C   O    doub N N 233 
MET C   OXT  sing N N 234 
MET CB  CG   sing N N 235 
MET CB  HB2  sing N N 236 
MET CB  HB3  sing N N 237 
MET CG  SD   sing N N 238 
MET CG  HG2  sing N N 239 
MET CG  HG3  sing N N 240 
MET SD  CE   sing N N 241 
MET CE  HE1  sing N N 242 
MET CE  HE2  sing N N 243 
MET CE  HE3  sing N N 244 
MET OXT HXT  sing N N 245 
PG4 O1  C1   sing N N 246 
PG4 O1  HO1  sing N N 247 
PG4 C1  C2   sing N N 248 
PG4 C1  H11  sing N N 249 
PG4 C1  H12  sing N N 250 
PG4 C2  O2   sing N N 251 
PG4 C2  H21  sing N N 252 
PG4 C2  H22  sing N N 253 
PG4 O2  C3   sing N N 254 
PG4 C3  C4   sing N N 255 
PG4 C3  H31  sing N N 256 
PG4 C3  H32  sing N N 257 
PG4 C4  O3   sing N N 258 
PG4 C4  H41  sing N N 259 
PG4 C4  H42  sing N N 260 
PG4 O3  C5   sing N N 261 
PG4 C5  C6   sing N N 262 
PG4 C5  H51  sing N N 263 
PG4 C5  H52  sing N N 264 
PG4 C6  O4   sing N N 265 
PG4 C6  H61  sing N N 266 
PG4 C6  H62  sing N N 267 
PG4 O4  C7   sing N N 268 
PG4 C7  C8   sing N N 269 
PG4 C7  H71  sing N N 270 
PG4 C7  H72  sing N N 271 
PG4 C8  O5   sing N N 272 
PG4 C8  H81  sing N N 273 
PG4 C8  H82  sing N N 274 
PG4 O5  HO5  sing N N 275 
PGE C1  O1   sing N N 276 
PGE C1  C2   sing N N 277 
PGE C1  H1   sing N N 278 
PGE C1  H12  sing N N 279 
PGE O1  HO1  sing N N 280 
PGE C2  O2   sing N N 281 
PGE C2  H2   sing N N 282 
PGE C2  H22  sing N N 283 
PGE O2  C3   sing N N 284 
PGE C3  C4   sing N N 285 
PGE C3  H3   sing N N 286 
PGE C3  H32  sing N N 287 
PGE C4  O3   sing N N 288 
PGE C4  H4   sing N N 289 
PGE C4  H42  sing N N 290 
PGE O4  C6   sing N N 291 
PGE O4  HO4  sing N N 292 
PGE C6  C5   sing N N 293 
PGE C6  H6   sing N N 294 
PGE C6  H62  sing N N 295 
PGE C5  O3   sing N N 296 
PGE C5  H5   sing N N 297 
PGE C5  H52  sing N N 298 
PHE N   CA   sing N N 299 
PHE N   H    sing N N 300 
PHE N   H2   sing N N 301 
PHE CA  C    sing N N 302 
PHE CA  CB   sing N N 303 
PHE CA  HA   sing N N 304 
PHE C   O    doub N N 305 
PHE C   OXT  sing N N 306 
PHE CB  CG   sing N N 307 
PHE CB  HB2  sing N N 308 
PHE CB  HB3  sing N N 309 
PHE CG  CD1  doub Y N 310 
PHE CG  CD2  sing Y N 311 
PHE CD1 CE1  sing Y N 312 
PHE CD1 HD1  sing N N 313 
PHE CD2 CE2  doub Y N 314 
PHE CD2 HD2  sing N N 315 
PHE CE1 CZ   doub Y N 316 
PHE CE1 HE1  sing N N 317 
PHE CE2 CZ   sing Y N 318 
PHE CE2 HE2  sing N N 319 
PHE CZ  HZ   sing N N 320 
PHE OXT HXT  sing N N 321 
PRO N   CA   sing N N 322 
PRO N   CD   sing N N 323 
PRO N   H    sing N N 324 
PRO CA  C    sing N N 325 
PRO CA  CB   sing N N 326 
PRO CA  HA   sing N N 327 
PRO C   O    doub N N 328 
PRO C   OXT  sing N N 329 
PRO CB  CG   sing N N 330 
PRO CB  HB2  sing N N 331 
PRO CB  HB3  sing N N 332 
PRO CG  CD   sing N N 333 
PRO CG  HG2  sing N N 334 
PRO CG  HG3  sing N N 335 
PRO CD  HD2  sing N N 336 
PRO CD  HD3  sing N N 337 
PRO OXT HXT  sing N N 338 
SER N   CA   sing N N 339 
SER N   H    sing N N 340 
SER N   H2   sing N N 341 
SER CA  C    sing N N 342 
SER CA  CB   sing N N 343 
SER CA  HA   sing N N 344 
SER C   O    doub N N 345 
SER C   OXT  sing N N 346 
SER CB  OG   sing N N 347 
SER CB  HB2  sing N N 348 
SER CB  HB3  sing N N 349 
SER OG  HG   sing N N 350 
SER OXT HXT  sing N N 351 
THR N   CA   sing N N 352 
THR N   H    sing N N 353 
THR N   H2   sing N N 354 
THR CA  C    sing N N 355 
THR CA  CB   sing N N 356 
THR CA  HA   sing N N 357 
THR C   O    doub N N 358 
THR C   OXT  sing N N 359 
THR CB  OG1  sing N N 360 
THR CB  CG2  sing N N 361 
THR CB  HB   sing N N 362 
THR OG1 HG1  sing N N 363 
THR CG2 HG21 sing N N 364 
THR CG2 HG22 sing N N 365 
THR CG2 HG23 sing N N 366 
THR OXT HXT  sing N N 367 
TYR N   CA   sing N N 368 
TYR N   H    sing N N 369 
TYR N   H2   sing N N 370 
TYR CA  C    sing N N 371 
TYR CA  CB   sing N N 372 
TYR CA  HA   sing N N 373 
TYR C   O    doub N N 374 
TYR C   OXT  sing N N 375 
TYR CB  CG   sing N N 376 
TYR CB  HB2  sing N N 377 
TYR CB  HB3  sing N N 378 
TYR CG  CD1  doub Y N 379 
TYR CG  CD2  sing Y N 380 
TYR CD1 CE1  sing Y N 381 
TYR CD1 HD1  sing N N 382 
TYR CD2 CE2  doub Y N 383 
TYR CD2 HD2  sing N N 384 
TYR CE1 CZ   doub Y N 385 
TYR CE1 HE1  sing N N 386 
TYR CE2 CZ   sing Y N 387 
TYR CE2 HE2  sing N N 388 
TYR CZ  OH   sing N N 389 
TYR OH  HH   sing N N 390 
TYR OXT HXT  sing N N 391 
VAL N   CA   sing N N 392 
VAL N   H    sing N N 393 
VAL N   H2   sing N N 394 
VAL CA  C    sing N N 395 
VAL CA  CB   sing N N 396 
VAL CA  HA   sing N N 397 
VAL C   O    doub N N 398 
VAL C   OXT  sing N N 399 
VAL CB  CG1  sing N N 400 
VAL CB  CG2  sing N N 401 
VAL CB  HB   sing N N 402 
VAL CG1 HG11 sing N N 403 
VAL CG1 HG12 sing N N 404 
VAL CG1 HG13 sing N N 405 
VAL CG2 HG21 sing N N 406 
VAL CG2 HG22 sing N N 407 
VAL CG2 HG23 sing N N 408 
VAL OXT HXT  sing N N 409 
# 
loop_
_pdbx_entity_nonpoly.entity_id 
_pdbx_entity_nonpoly.name 
_pdbx_entity_nonpoly.comp_id 
3 'TETRAETHYLENE GLYCOL' PG4 
4 'TRIETHYLENE GLYCOL'   PGE 
5 1,2-ETHANEDIOL         EDO 
6 water                  HOH 
# 
_pdbx_initial_refinement_model.id               1 
_pdbx_initial_refinement_model.entity_id_list   ? 
_pdbx_initial_refinement_model.type             'experimental model' 
_pdbx_initial_refinement_model.source_name      PDB 
_pdbx_initial_refinement_model.accession_code   2VZC 
_pdbx_initial_refinement_model.details          'PDB ENTRY 2VZC' 
# 
